data_8W1X
#
_entry.id   8W1X
#
_cell.length_a   150.463
_cell.length_b   150.463
_cell.length_c   155.166
_cell.angle_alpha   90.00
_cell.angle_beta   90.00
_cell.angle_gamma   90.00
#
_symmetry.space_group_name_H-M   'P 42 21 2'
#
loop_
_entity.id
_entity.type
_entity.pdbx_description
1 polymer Catalase-peroxidase
2 polymer Catalase-peroxidase
3 non-polymer 'PROTOPORPHYRIN IX CONTAINING FE'
4 non-polymer 'OXYGEN MOLECULE'
5 non-polymer 'SODIUM ION'
6 non-polymer 'ACETATE ION'
7 non-polymer GLYCEROL
8 water water
#
loop_
_entity_poly.entity_id
_entity_poly.type
_entity_poly.pdbx_seq_one_letter_code
_entity_poly.pdbx_strand_id
1 'polypeptide(L)'
;GHPEQHPPITETTTGAASNGCPVVGHMKYPVEGGGNQDWWPNRLNLKVLHQNPAVADPMGAAFDYAAEVATIDVDALTRD
IEEVMTTSQPWWPADYGHYGPLFIRMAWHAAGTYRIHDGRGGAGGGMQRFAPLNSWPDNASLDKARRLLWPVKKKYGKKL
SWADLIVFAGNCALESMGFKTFGFGFGRVDQWEPDEVYWGKEATWLGDERYSGKRDLENPLAAVQMGLIYVNPEGPNGNP
DPMAAAVDIRETFRRMAMNDVETAALIVGGHTFGKTHGAGPADLVGPEPEAAPLEQMGLGWKSSYGTGTGKDAITSGIEV
VWTNTPTKWDNSFLEILYGYEWELTKSPAGAWQYTAKDGAGAGTIPDPFGGPGRSPTMLATDLSLRVDPIYERITRRWLE
HPEELADEFAKAWYKLIHRDMGPVARYLGPLVPKQTLLWQDPVPAVSHDLVGEAEIASLKSQIRASGLTVSQLVSTAWAA
ASSFRGSDKRGGANGGRIRLQPQVGWEVNDPDGDLRKVIRTLEEIQESFNSAAPGNIKVSFADLVVLGGCAAIEKAAKAA
GHNITVPFTPGRTDASQEQTDVESFAVLEPKADGFRNYLGKGNPLPAEYMLLDKANLLTLSAPEMTVLVGGLRVLGANYK
RLPLGVFTEASESLTNDFFVNLLDMGITWEPSPADDGTYQGKDGSGKVKWTGSRVDLVFGSNSELRALVEVYGADDAQPK
FVQDFVAAWDKVMNLDRFDVR
;
A
2 'polypeptide(L)'
;GHPEQHPPITETTTGAASNGCPVVGHMKYPVEGGGNQDWWPNRLNLKVLHQNPAVADPMGAAFDYAAEVATIDVDALTRD
IEEVMTTSQPWWPADYGHYGPLFIRMA(TOX)HAAGTYRIHDGRGGAGGGMQRFAPLNSWPDNASLDKARRLLWPVKKKY
GKKLSWADLIVFAGNCALESMGFKTFGFGFGRVDQWEPDEVYWGKEATWLGDERYSGKRDLENPLAAVQMGLIYVNPEGP
NGNPDPMAAAVDIRETFRRMAMNDVETAALIVGGHTFGKTHGAGPADLVGPEPEAAPLEQMGLGWKSSYGTGTGKDAITS
GIEVVWTNTPTKWDNSFLEILYGYEWELTKSPAGAWQYTAKDGAGAGTIPDPFGGPGRSPTMLATDLSLRVDPIYERITR
RWLEHPEELADEFAKAWYKLIHRDMGPVARYLGPLVPKQTLLWQDPVPAVSHDLVGEAEIASLKSQIRASGLTVSQLVST
AWAAASSFRGSDKRGGANGGRIRLQPQVGWEVNDPDGDLRKVIRTLEEIQESFNSAAPGNIKVSFADLVVLGGCAAIEKA
AKAAGHNITVPFTPGRTDASQEQTDVESFAVLEPKADGFRNYLGKGNPLPAEYMLLDKANLLTLSAPEMTVLVGGLRVLG
ANYKRLPLGVFTEASESLTNDFFVNLLDMGITWEPSPADDGTYQGKDGSGKVKWTGSRVDLVFGSNSELRALVEVYGADD
AQPKFVQDFVAAWDKVMNLDRFDVR
;
B
#
# COMPACT_ATOMS: atom_id res chain seq x y z
N GLY A 25 24.11 -5.93 -2.56
CA GLY A 25 22.76 -6.13 -2.06
C GLY A 25 21.66 -6.32 -3.12
N HIS A 26 21.28 -7.57 -3.39
CA HIS A 26 20.43 -7.94 -4.51
C HIS A 26 19.00 -7.45 -4.38
N MET A 27 18.35 -7.28 -5.54
CA MET A 27 16.94 -6.91 -5.56
C MET A 27 16.05 -8.14 -5.48
N LYS A 28 14.86 -7.94 -4.90
CA LYS A 28 13.91 -9.01 -4.69
C LYS A 28 12.64 -8.78 -5.51
N TYR A 29 11.95 -9.88 -5.82
CA TYR A 29 10.59 -9.82 -6.34
C TYR A 29 9.69 -8.98 -5.42
N PRO A 30 8.78 -8.16 -5.99
CA PRO A 30 7.81 -7.41 -5.16
C PRO A 30 7.19 -8.20 -4.02
N VAL A 31 6.72 -9.43 -4.32
CA VAL A 31 6.12 -10.32 -3.32
C VAL A 31 7.07 -10.69 -2.18
N GLU A 32 8.36 -10.38 -2.32
CA GLU A 32 9.38 -10.57 -1.28
C GLU A 32 9.84 -9.25 -0.68
N GLY A 33 9.16 -8.15 -0.98
CA GLY A 33 9.51 -6.87 -0.43
C GLY A 33 10.30 -5.95 -1.34
N GLY A 34 10.67 -6.39 -2.55
CA GLY A 34 11.38 -5.52 -3.47
C GLY A 34 10.51 -4.36 -3.95
N GLY A 35 11.17 -3.29 -4.40
CA GLY A 35 10.43 -2.13 -4.87
C GLY A 35 11.37 -0.96 -5.12
N ASN A 36 10.77 0.19 -5.41
CA ASN A 36 11.52 1.40 -5.77
C ASN A 36 12.39 1.95 -4.63
N GLN A 37 12.13 1.58 -3.37
CA GLN A 37 12.96 2.07 -2.28
C GLN A 37 14.37 1.52 -2.34
N ASP A 38 14.52 0.30 -2.84
CA ASP A 38 15.85 -0.29 -3.00
C ASP A 38 16.72 0.56 -3.91
N TRP A 39 16.13 1.14 -4.97
CA TRP A 39 16.89 1.98 -5.89
C TRP A 39 17.08 3.41 -5.38
N TRP A 40 16.08 3.98 -4.73
CA TRP A 40 16.16 5.34 -4.19
C TRP A 40 15.76 5.28 -2.71
N PRO A 41 16.74 5.09 -1.82
CA PRO A 41 16.44 4.62 -0.44
C PRO A 41 15.73 5.62 0.43
N ASN A 42 15.88 6.92 0.19
CA ASN A 42 15.27 7.90 1.06
C ASN A 42 14.19 8.71 0.34
N ARG A 43 13.55 8.11 -0.66
CA ARG A 43 12.51 8.79 -1.41
C ARG A 43 11.20 8.91 -0.61
N LEU A 44 10.40 9.91 -0.98
CA LEU A 44 9.11 10.12 -0.36
C LEU A 44 8.23 8.89 -0.52
N ASN A 45 7.69 8.39 0.57
CA ASN A 45 6.88 7.17 0.53
C ASN A 45 5.40 7.51 0.68
N LEU A 46 4.70 7.66 -0.45
CA LEU A 46 3.31 8.06 -0.37
C LEU A 46 2.42 6.99 0.24
N LYS A 47 2.95 5.79 0.50
CA LYS A 47 2.11 4.72 1.01
C LYS A 47 1.61 5.01 2.42
N VAL A 48 2.25 5.94 3.12
CA VAL A 48 1.71 6.41 4.39
C VAL A 48 0.38 7.11 4.22
N LEU A 49 0.00 7.49 2.99
CA LEU A 49 -1.31 8.09 2.75
C LEU A 49 -2.37 7.09 2.32
N HIS A 50 -2.06 5.79 2.28
CA HIS A 50 -3.13 4.81 2.12
C HIS A 50 -2.91 3.61 3.05
N GLN A 51 -2.59 3.91 4.31
CA GLN A 51 -2.58 2.87 5.33
C GLN A 51 -3.97 2.26 5.46
N ASN A 52 -4.01 0.95 5.69
CA ASN A 52 -5.25 0.22 5.86
C ASN A 52 -6.14 0.38 4.64
N PRO A 53 -5.71 -0.02 3.45
CA PRO A 53 -6.58 0.13 2.26
C PRO A 53 -7.85 -0.68 2.41
N ALA A 54 -8.90 -0.24 1.69
CA ALA A 54 -10.19 -0.88 1.87
C ALA A 54 -10.30 -2.20 1.12
N VAL A 55 -9.55 -2.33 0.01
CA VAL A 55 -9.40 -3.61 -0.69
C VAL A 55 -9.06 -4.73 0.29
N ALA A 56 -8.27 -4.42 1.33
CA ALA A 56 -7.75 -5.42 2.25
C ALA A 56 -8.65 -5.66 3.46
N ASP A 57 -9.72 -4.87 3.63
CA ASP A 57 -10.64 -5.04 4.74
C ASP A 57 -11.64 -6.12 4.38
N PRO A 58 -11.63 -7.29 5.05
CA PRO A 58 -12.60 -8.35 4.72
C PRO A 58 -14.05 -7.98 5.01
N MET A 59 -14.30 -6.97 5.82
CA MET A 59 -15.66 -6.55 6.14
C MET A 59 -16.21 -5.70 5.00
N GLY A 60 -17.54 -5.65 4.90
CA GLY A 60 -18.13 -4.78 3.89
C GLY A 60 -17.71 -3.33 4.06
N ALA A 61 -17.89 -2.55 2.99
CA ALA A 61 -17.91 -1.11 3.16
C ALA A 61 -19.03 -0.68 4.12
N ALA A 62 -20.11 -1.46 4.18
CA ALA A 62 -21.23 -1.17 5.06
C ALA A 62 -21.05 -1.69 6.47
N PHE A 63 -19.92 -2.32 6.79
CA PHE A 63 -19.74 -2.86 8.15
C PHE A 63 -19.72 -1.73 9.15
N ASP A 64 -20.57 -1.86 10.16
CA ASP A 64 -20.80 -0.83 11.15
C ASP A 64 -20.53 -1.41 12.55
N TYR A 65 -19.31 -1.22 13.05
CA TYR A 65 -18.92 -1.92 14.28
C TYR A 65 -19.67 -1.37 15.50
N ALA A 66 -19.82 -0.06 15.59
CA ALA A 66 -20.68 0.51 16.63
C ALA A 66 -22.01 -0.22 16.68
N ALA A 67 -22.68 -0.36 15.53
CA ALA A 67 -23.94 -1.10 15.55
C ALA A 67 -23.75 -2.53 16.03
N GLU A 68 -22.58 -3.13 15.77
CA GLU A 68 -22.40 -4.52 16.16
C GLU A 68 -22.20 -4.65 17.67
N VAL A 69 -21.29 -3.86 18.26
CA VAL A 69 -21.04 -3.91 19.70
C VAL A 69 -22.31 -3.60 20.50
N ALA A 70 -23.22 -2.78 19.95
CA ALA A 70 -24.41 -2.43 20.71
C ALA A 70 -25.17 -3.67 21.12
N THR A 71 -25.04 -4.73 20.35
CA THR A 71 -25.77 -5.96 20.55
C THR A 71 -25.06 -6.96 21.43
N ILE A 72 -23.95 -6.58 22.08
CA ILE A 72 -23.16 -7.58 22.81
C ILE A 72 -23.62 -7.64 24.25
N ASP A 73 -23.91 -8.86 24.70
CA ASP A 73 -24.18 -9.15 26.10
C ASP A 73 -22.86 -9.10 26.85
N VAL A 74 -22.65 -8.05 27.64
CA VAL A 74 -21.33 -7.89 28.27
C VAL A 74 -21.15 -8.85 29.43
N ASP A 75 -22.24 -9.24 30.12
CA ASP A 75 -22.11 -10.20 31.21
C ASP A 75 -21.69 -11.57 30.68
N ALA A 76 -22.35 -12.02 29.61
CA ALA A 76 -21.97 -13.30 29.02
C ALA A 76 -20.52 -13.29 28.57
N LEU A 77 -20.09 -12.18 27.96
CA LEU A 77 -18.71 -12.05 27.51
C LEU A 77 -17.75 -12.12 28.67
N THR A 78 -18.01 -11.34 29.73
CA THR A 78 -17.18 -11.42 30.94
C THR A 78 -17.12 -12.85 31.45
N ARG A 79 -18.27 -13.54 31.49
CA ARG A 79 -18.28 -14.92 31.96
C ARG A 79 -17.38 -15.79 31.09
N ASP A 80 -17.53 -15.70 29.77
CA ASP A 80 -16.73 -16.51 28.87
C ASP A 80 -15.23 -16.19 29.02
N ILE A 81 -14.90 -14.92 29.22
CA ILE A 81 -13.50 -14.58 29.49
C ILE A 81 -13.08 -15.18 30.83
N GLU A 82 -13.99 -15.18 31.80
CA GLU A 82 -13.70 -15.83 33.08
C GLU A 82 -13.41 -17.31 32.88
N GLU A 83 -14.18 -17.98 32.02
CA GLU A 83 -13.92 -19.40 31.82
C GLU A 83 -12.56 -19.62 31.17
N VAL A 84 -12.22 -18.81 30.16
CA VAL A 84 -10.88 -18.91 29.57
C VAL A 84 -9.81 -18.73 30.64
N MET A 85 -10.03 -17.80 31.57
CA MET A 85 -8.95 -17.46 32.48
C MET A 85 -8.61 -18.61 33.41
N THR A 86 -9.57 -19.50 33.70
CA THR A 86 -9.34 -20.59 34.64
C THR A 86 -9.37 -21.97 33.99
N THR A 87 -9.42 -22.05 32.65
CA THR A 87 -9.26 -23.32 31.95
C THR A 87 -7.85 -23.34 31.36
N SER A 88 -6.97 -24.13 31.96
CA SER A 88 -5.60 -24.21 31.50
C SER A 88 -5.52 -25.04 30.22
N GLN A 89 -4.76 -24.54 29.25
CA GLN A 89 -4.53 -25.27 28.00
C GLN A 89 -3.17 -25.94 28.00
N PRO A 90 -3.11 -27.18 27.48
CA PRO A 90 -1.85 -27.95 27.58
C PRO A 90 -0.66 -27.29 26.91
N TRP A 91 -0.88 -26.50 25.86
CA TRP A 91 0.24 -25.92 25.12
C TRP A 91 0.78 -24.63 25.75
N TRP A 92 0.14 -24.11 26.80
CA TRP A 92 0.73 -23.04 27.61
C TRP A 92 0.08 -23.03 29.00
N PRO A 93 0.53 -23.91 29.89
CA PRO A 93 -0.19 -24.14 31.14
C PRO A 93 -0.24 -22.89 32.00
N ALA A 94 -1.37 -22.71 32.70
CA ALA A 94 -1.65 -21.49 33.45
C ALA A 94 -0.94 -21.47 34.80
N ASP A 95 -0.07 -20.49 35.00
CA ASP A 95 0.45 -20.17 36.33
C ASP A 95 -0.66 -20.10 37.37
N TYR A 96 -0.49 -20.85 38.47
CA TYR A 96 -1.47 -20.86 39.57
C TYR A 96 -2.89 -21.16 39.08
N GLY A 97 -3.02 -21.76 37.89
CA GLY A 97 -4.32 -22.08 37.35
C GLY A 97 -5.15 -20.87 36.97
N HIS A 98 -4.51 -19.75 36.64
CA HIS A 98 -5.25 -18.53 36.34
C HIS A 98 -4.46 -17.70 35.33
N TYR A 99 -4.99 -17.57 34.11
CA TYR A 99 -4.35 -16.77 33.09
C TYR A 99 -4.53 -15.26 33.31
N GLY A 100 -5.31 -14.87 34.31
CA GLY A 100 -5.54 -13.47 34.60
C GLY A 100 -4.32 -12.56 34.51
N PRO A 101 -3.28 -12.87 35.27
CA PRO A 101 -2.12 -11.96 35.29
C PRO A 101 -1.44 -11.83 33.93
N LEU A 102 -1.17 -12.96 33.25
CA LEU A 102 -0.73 -12.92 31.84
C LEU A 102 -1.58 -11.97 31.00
N PHE A 103 -2.92 -12.03 31.15
CA PHE A 103 -3.79 -11.18 30.35
C PHE A 103 -3.64 -9.72 30.73
N ILE A 104 -3.33 -9.42 31.99
CA ILE A 104 -3.13 -8.04 32.40
C ILE A 104 -1.86 -7.48 31.79
N ARG A 105 -0.78 -8.27 31.79
CA ARG A 105 0.43 -7.84 31.11
C ARG A 105 0.16 -7.64 29.62
N MET A 106 -0.57 -8.58 29.02
CA MET A 106 -0.96 -8.48 27.62
C MET A 106 -1.66 -7.16 27.35
N ALA A 107 -2.64 -6.80 28.19
CA ALA A 107 -3.35 -5.53 27.99
C ALA A 107 -2.42 -4.35 28.23
N TRP A 108 -1.63 -4.41 29.32
CA TRP A 108 -0.71 -3.33 29.63
C TRP A 108 0.30 -3.13 28.49
N HIS A 109 0.76 -4.22 27.85
CA HIS A 109 1.65 -4.04 26.72
C HIS A 109 0.93 -3.53 25.47
N ALA A 110 -0.31 -3.97 25.24
CA ALA A 110 -1.11 -3.43 24.13
C ALA A 110 -1.24 -1.92 24.23
N ALA A 111 -1.66 -1.41 25.39
CA ALA A 111 -1.78 0.03 25.56
C ALA A 111 -0.40 0.70 25.65
N GLY A 112 0.58 -0.03 26.16
CA GLY A 112 1.87 0.49 26.55
C GLY A 112 2.80 0.94 25.45
N THR A 113 2.44 0.87 24.17
CA THR A 113 3.27 1.42 23.10
C THR A 113 2.96 2.89 22.83
N TYR A 114 1.97 3.45 23.52
CA TYR A 114 1.55 4.82 23.27
C TYR A 114 2.66 5.83 23.56
N ARG A 115 2.68 6.91 22.77
CA ARG A 115 3.64 8.00 22.92
C ARG A 115 2.94 9.32 22.67
N ILE A 116 3.19 10.30 23.54
CA ILE A 116 2.51 11.58 23.39
C ILE A 116 3.13 12.47 22.33
N HIS A 117 4.31 12.15 21.79
CA HIS A 117 4.90 13.05 20.81
C HIS A 117 4.12 13.01 19.51
N ASP A 118 3.64 11.84 19.10
CA ASP A 118 2.74 11.76 17.96
C ASP A 118 1.42 11.07 18.28
N GLY A 119 1.22 10.60 19.51
CA GLY A 119 -0.04 9.92 19.79
C GLY A 119 -0.16 8.58 19.12
N ARG A 120 0.93 8.04 18.59
CA ARG A 120 0.93 6.74 17.96
C ARG A 120 1.14 5.66 19.01
N GLY A 121 0.88 4.42 18.63
CA GLY A 121 0.96 3.35 19.58
C GLY A 121 -0.33 3.29 20.37
N GLY A 122 -0.31 2.52 21.44
CA GLY A 122 -1.51 2.32 22.21
C GLY A 122 -2.30 1.18 21.65
N ALA A 123 -3.38 0.86 22.38
CA ALA A 123 -4.13 -0.37 22.14
C ALA A 123 -5.29 -0.18 21.16
N GLY A 124 -5.48 1.01 20.60
CA GLY A 124 -6.73 1.38 19.93
C GLY A 124 -6.99 0.69 18.60
N GLY A 125 -5.95 0.19 17.94
CA GLY A 125 -6.13 -0.54 16.69
C GLY A 125 -5.79 -2.01 16.81
N GLY A 126 -5.47 -2.44 18.04
CA GLY A 126 -5.12 -3.82 18.27
C GLY A 126 -3.87 -4.21 17.53
N MET A 127 -2.94 -3.28 17.41
CA MET A 127 -1.76 -3.48 16.57
C MET A 127 -0.90 -4.62 17.09
N GLN A 128 -1.08 -5.04 18.35
CA GLN A 128 -0.23 -6.07 18.92
C GLN A 128 -0.31 -7.40 18.17
N ARG A 129 -1.34 -7.62 17.36
CA ARG A 129 -1.43 -8.90 16.66
C ARG A 129 -0.73 -8.89 15.29
N PHE A 130 -0.05 -7.80 14.96
CA PHE A 130 0.62 -7.64 13.67
C PHE A 130 2.09 -7.28 13.89
N ALA A 131 2.88 -7.48 12.82
CA ALA A 131 4.27 -7.06 12.82
C ALA A 131 4.37 -5.52 12.95
N PRO A 132 5.34 -5.01 13.72
CA PRO A 132 6.43 -5.74 14.41
C PRO A 132 6.07 -6.11 15.85
N LEU A 133 5.00 -5.51 16.36
CA LEU A 133 4.69 -5.57 17.79
C LEU A 133 4.50 -7.00 18.26
N ASN A 134 3.84 -7.84 17.46
CA ASN A 134 3.65 -9.23 17.83
C ASN A 134 4.97 -9.99 18.01
N SER A 135 6.11 -9.39 17.64
CA SER A 135 7.38 -10.06 17.77
C SER A 135 8.43 -9.24 18.53
N TRP A 136 8.04 -8.09 19.11
CA TRP A 136 8.95 -7.36 19.99
C TRP A 136 9.40 -8.29 21.12
N PRO A 137 10.68 -8.24 21.52
CA PRO A 137 11.14 -9.12 22.61
C PRO A 137 10.36 -8.93 23.89
N ASP A 138 9.92 -7.69 24.18
CA ASP A 138 9.07 -7.43 25.33
C ASP A 138 7.67 -8.03 25.20
N ASN A 139 7.23 -8.37 24.01
CA ASN A 139 5.95 -8.96 23.85
C ASN A 139 6.04 -10.46 23.78
N ALA A 140 7.17 -11.00 24.20
CA ALA A 140 7.35 -12.43 24.24
C ALA A 140 6.38 -13.08 25.20
N SER A 141 5.88 -14.22 24.75
CA SER A 141 4.86 -15.07 25.35
C SER A 141 3.43 -14.61 25.14
N LEU A 142 3.21 -13.39 24.69
CA LEU A 142 1.91 -12.82 24.41
C LEU A 142 1.37 -13.37 23.10
N ASP A 143 2.18 -14.05 22.32
CA ASP A 143 1.58 -14.82 21.23
C ASP A 143 0.65 -15.90 21.77
N LYS A 144 1.06 -16.62 22.83
CA LYS A 144 0.15 -17.58 23.44
C LYS A 144 -0.97 -16.88 24.20
N ALA A 145 -0.70 -15.69 24.73
CA ALA A 145 -1.75 -14.98 25.44
C ALA A 145 -2.90 -14.64 24.51
N ARG A 146 -2.59 -13.99 23.37
CA ARG A 146 -3.65 -13.68 22.43
C ARG A 146 -4.31 -14.94 21.94
N ARG A 147 -3.51 -16.01 21.74
CA ARG A 147 -4.06 -17.25 21.20
C ARG A 147 -5.12 -17.86 22.12
N LEU A 148 -4.93 -17.75 23.44
CA LEU A 148 -5.90 -18.28 24.40
C LEU A 148 -7.26 -17.64 24.26
N LEU A 149 -7.31 -16.42 23.72
CA LEU A 149 -8.55 -15.67 23.62
C LEU A 149 -9.33 -15.98 22.37
N TRP A 150 -8.78 -16.82 21.46
CA TRP A 150 -9.51 -17.17 20.25
C TRP A 150 -10.88 -17.78 20.54
N PRO A 151 -11.04 -18.74 21.47
CA PRO A 151 -12.40 -19.27 21.74
C PRO A 151 -13.41 -18.18 22.00
N VAL A 152 -12.98 -17.05 22.57
CA VAL A 152 -13.89 -15.93 22.82
C VAL A 152 -14.21 -15.22 21.50
N LYS A 153 -13.16 -14.75 20.80
CA LYS A 153 -13.35 -14.10 19.51
C LYS A 153 -14.15 -14.97 18.57
N LYS A 154 -14.01 -16.29 18.68
CA LYS A 154 -14.74 -17.22 17.82
C LYS A 154 -16.24 -17.15 18.10
N LYS A 155 -16.62 -16.95 19.37
CA LYS A 155 -18.02 -16.98 19.76
C LYS A 155 -18.74 -15.65 19.49
N TYR A 156 -18.04 -14.52 19.62
CA TYR A 156 -18.70 -13.24 19.46
C TYR A 156 -18.52 -12.65 18.06
N GLY A 157 -17.57 -13.18 17.28
CA GLY A 157 -17.51 -12.87 15.86
C GLY A 157 -17.33 -11.39 15.59
N LYS A 158 -18.09 -10.89 14.62
CA LYS A 158 -17.92 -9.51 14.20
C LYS A 158 -18.43 -8.52 15.24
N LYS A 159 -19.14 -8.97 16.26
CA LYS A 159 -19.59 -8.09 17.34
C LYS A 159 -18.50 -7.72 18.32
N LEU A 160 -17.28 -8.26 18.19
CA LEU A 160 -16.21 -7.98 19.14
C LEU A 160 -14.88 -7.90 18.41
N SER A 161 -14.24 -6.74 18.41
CA SER A 161 -12.92 -6.66 17.80
C SER A 161 -11.86 -7.29 18.70
N TRP A 162 -10.79 -7.77 18.07
CA TRP A 162 -9.61 -8.16 18.83
C TRP A 162 -9.13 -7.00 19.69
N ALA A 163 -9.09 -5.80 19.11
CA ALA A 163 -8.65 -4.60 19.82
C ALA A 163 -9.43 -4.40 21.14
N ASP A 164 -10.76 -4.42 21.09
CA ASP A 164 -11.55 -4.41 22.33
C ASP A 164 -11.19 -5.61 23.22
N LEU A 165 -11.15 -6.80 22.63
CA LEU A 165 -11.02 -8.03 23.39
C LEU A 165 -9.71 -8.11 24.18
N ILE A 166 -8.61 -7.54 23.67
CA ILE A 166 -7.33 -7.68 24.35
C ILE A 166 -7.30 -6.86 25.63
N VAL A 167 -7.70 -5.60 25.57
CA VAL A 167 -7.74 -4.79 26.79
C VAL A 167 -8.90 -5.21 27.70
N PHE A 168 -10.07 -5.50 27.15
CA PHE A 168 -11.17 -6.00 27.98
C PHE A 168 -10.81 -7.32 28.68
N ALA A 169 -9.91 -8.11 28.12
CA ALA A 169 -9.45 -9.29 28.82
C ALA A 169 -8.66 -8.89 30.06
N GLY A 170 -7.75 -7.93 29.91
CA GLY A 170 -7.02 -7.43 31.06
C GLY A 170 -7.95 -6.89 32.13
N ASN A 171 -8.93 -6.08 31.70
CA ASN A 171 -9.86 -5.50 32.66
C ASN A 171 -10.61 -6.60 33.43
N CYS A 172 -11.13 -7.59 32.70
CA CYS A 172 -11.84 -8.69 33.37
C CYS A 172 -10.93 -9.43 34.33
N ALA A 173 -9.68 -9.68 33.93
CA ALA A 173 -8.74 -10.37 34.80
C ALA A 173 -8.56 -9.62 36.11
N LEU A 174 -8.35 -8.30 36.04
CA LEU A 174 -8.36 -7.46 37.23
C LEU A 174 -9.59 -7.72 38.09
N GLU A 175 -10.78 -7.62 37.51
CA GLU A 175 -12.01 -7.84 38.28
C GLU A 175 -12.06 -9.26 38.83
N SER A 176 -11.78 -10.26 37.99
CA SER A 176 -11.80 -11.64 38.43
C SER A 176 -10.95 -11.87 39.68
N MET A 177 -9.94 -11.03 39.89
CA MET A 177 -8.95 -11.28 40.92
C MET A 177 -9.09 -10.32 42.08
N GLY A 178 -10.19 -9.57 42.15
CA GLY A 178 -10.56 -8.82 43.33
C GLY A 178 -10.43 -7.32 43.25
N PHE A 179 -10.10 -6.75 42.09
CA PHE A 179 -9.94 -5.31 41.94
C PHE A 179 -11.10 -4.78 41.12
N LYS A 180 -11.79 -3.77 41.65
CA LYS A 180 -12.92 -3.16 40.98
C LYS A 180 -12.38 -2.03 40.10
N THR A 181 -12.48 -2.21 38.79
CA THR A 181 -12.00 -1.18 37.88
C THR A 181 -13.02 -0.04 37.78
N PHE A 182 -12.56 1.07 37.22
CA PHE A 182 -13.37 2.26 37.07
C PHE A 182 -14.43 2.14 35.98
N GLY A 183 -14.28 1.17 35.07
CA GLY A 183 -15.11 1.07 33.88
C GLY A 183 -14.38 0.65 32.59
N PHE A 184 -15.12 0.61 31.48
CA PHE A 184 -14.59 0.22 30.19
C PHE A 184 -15.51 0.75 29.10
N GLY A 185 -14.92 1.26 28.04
CA GLY A 185 -15.64 1.57 26.82
C GLY A 185 -15.15 0.70 25.67
N PHE A 186 -16.09 0.09 24.97
CA PHE A 186 -15.82 -0.64 23.75
C PHE A 186 -15.75 0.32 22.54
N GLY A 187 -15.34 -0.22 21.39
CA GLY A 187 -15.36 0.60 20.20
C GLY A 187 -14.08 0.71 19.39
N ARG A 188 -13.03 -0.01 19.78
CA ARG A 188 -11.81 -0.07 18.97
C ARG A 188 -12.06 -0.97 17.76
N VAL A 189 -12.07 -0.38 16.57
CA VAL A 189 -12.29 -1.09 15.32
C VAL A 189 -10.99 -1.78 14.88
N ASP A 190 -11.09 -3.08 14.56
CA ASP A 190 -9.91 -3.80 14.07
C ASP A 190 -9.47 -3.30 12.71
N GLN A 191 -8.16 -3.27 12.50
CA GLN A 191 -7.56 -3.05 11.18
C GLN A 191 -6.93 -4.35 10.68
N TRP A 192 -6.46 -4.30 9.43
CA TRP A 192 -6.10 -5.51 8.69
C TRP A 192 -4.65 -5.54 8.21
N GLU A 193 -3.87 -4.51 8.54
CA GLU A 193 -2.56 -4.26 8.02
C GLU A 193 -1.85 -3.54 9.14
N PRO A 194 -0.60 -3.86 9.43
CA PRO A 194 0.10 -3.18 10.53
C PRO A 194 0.19 -1.68 10.32
N ASP A 195 -0.05 -0.93 11.39
CA ASP A 195 0.26 0.49 11.38
C ASP A 195 1.77 0.69 11.26
N GLU A 196 2.21 1.44 10.25
CA GLU A 196 3.63 1.65 10.01
C GLU A 196 4.10 2.83 10.87
N VAL A 197 4.88 2.54 11.91
CA VAL A 197 5.29 3.55 12.88
C VAL A 197 6.81 3.48 13.06
N TYR A 198 7.43 4.65 13.25
CA TYR A 198 8.84 4.72 13.61
C TYR A 198 9.01 4.37 15.08
N TRP A 199 9.70 3.26 15.36
CA TRP A 199 10.02 2.85 16.73
C TRP A 199 11.48 3.12 17.11
N GLY A 200 12.28 3.66 16.20
CA GLY A 200 13.68 3.91 16.42
C GLY A 200 14.51 3.57 15.20
N LYS A 201 15.75 4.06 15.19
CA LYS A 201 16.67 3.86 14.07
C LYS A 201 17.52 2.61 14.18
N GLU A 202 17.42 1.85 15.28
CA GLU A 202 18.32 0.73 15.51
C GLU A 202 17.85 -0.52 14.77
N ALA A 203 18.74 -1.10 13.96
CA ALA A 203 18.47 -2.33 13.23
C ALA A 203 18.77 -3.58 14.04
N THR A 204 18.86 -3.45 15.36
CA THR A 204 19.14 -4.57 16.25
C THR A 204 18.11 -4.59 17.35
N TRP A 205 17.56 -5.77 17.64
CA TRP A 205 16.64 -5.91 18.76
C TRP A 205 17.37 -5.57 20.07
N LEU A 206 16.64 -4.93 20.97
CA LEU A 206 17.10 -4.35 22.23
C LEU A 206 18.15 -3.26 22.05
N GLY A 207 18.52 -2.90 20.82
CA GLY A 207 19.60 -1.94 20.62
C GLY A 207 19.27 -0.57 21.19
N ASP A 208 20.33 0.22 21.40
CA ASP A 208 20.20 1.57 21.99
C ASP A 208 21.08 2.56 21.21
N GLU A 209 20.43 3.36 20.35
CA GLU A 209 21.08 4.47 19.63
C GLU A 209 20.26 5.75 19.76
N ARG A 210 19.53 5.89 20.86
CA ARG A 210 18.47 6.89 21.00
C ARG A 210 18.77 7.97 22.03
N TYR A 211 19.87 7.86 22.77
CA TYR A 211 20.17 8.77 23.86
C TYR A 211 21.31 9.72 23.49
N SER A 212 21.38 10.84 24.22
CA SER A 212 22.34 11.89 23.93
C SER A 212 22.47 12.80 25.15
N GLY A 213 23.69 13.21 25.46
CA GLY A 213 23.92 14.01 26.65
C GLY A 213 23.94 13.13 27.88
N LYS A 214 23.16 13.49 28.89
CA LYS A 214 22.86 12.61 30.02
C LYS A 214 21.37 12.28 29.95
N ARG A 215 21.06 11.09 29.43
CA ARG A 215 19.70 10.55 29.28
C ARG A 215 18.69 11.56 28.72
N ASP A 216 18.98 12.06 27.51
CA ASP A 216 17.98 12.73 26.70
C ASP A 216 17.46 11.73 25.68
N LEU A 217 16.16 11.45 25.73
CA LEU A 217 15.56 10.45 24.87
C LEU A 217 15.19 11.07 23.52
N GLU A 218 15.63 10.41 22.44
CA GLU A 218 15.22 10.79 21.10
C GLU A 218 13.71 10.90 21.01
N ASN A 219 13.21 12.07 20.63
CA ASN A 219 11.82 12.13 20.19
C ASN A 219 11.65 11.25 18.95
N PRO A 220 10.48 10.64 18.75
CA PRO A 220 9.24 10.70 19.53
C PRO A 220 9.13 9.46 20.39
N LEU A 221 10.27 8.84 20.66
CA LEU A 221 10.29 7.53 21.28
C LEU A 221 9.97 7.60 22.78
N ALA A 222 9.32 6.56 23.28
CA ALA A 222 8.93 6.48 24.67
C ALA A 222 9.48 5.21 25.32
N ALA A 223 10.47 4.59 24.71
CA ALA A 223 11.12 3.38 25.22
C ALA A 223 12.62 3.60 25.21
N VAL A 224 13.31 2.85 26.08
CA VAL A 224 14.75 3.06 26.26
C VAL A 224 15.59 2.22 25.31
N GLN A 225 15.00 1.22 24.65
CA GLN A 225 15.68 0.34 23.72
C GLN A 225 14.66 -0.08 22.66
N MET A 226 15.16 -0.65 21.58
CA MET A 226 14.31 -1.02 20.45
C MET A 226 13.56 -2.31 20.78
N GLY A 227 12.23 -2.25 20.78
CA GLY A 227 11.40 -3.37 21.16
C GLY A 227 11.10 -3.48 22.64
N LEU A 228 11.40 -2.45 23.41
CA LEU A 228 10.97 -2.38 24.80
C LEU A 228 9.69 -1.58 24.88
N ILE A 229 8.90 -1.89 25.90
CA ILE A 229 7.70 -1.13 26.15
C ILE A 229 8.07 0.22 26.76
N TYR A 230 8.67 0.20 27.96
CA TYR A 230 9.11 1.44 28.60
C TYR A 230 10.60 1.43 28.90
N VAL A 231 11.07 0.56 29.80
CA VAL A 231 12.43 0.59 30.31
C VAL A 231 12.93 -0.83 30.48
N ASN A 232 14.21 -0.94 30.80
CA ASN A 232 14.86 -2.23 30.95
C ASN A 232 14.64 -2.75 32.37
N PRO A 233 14.01 -3.92 32.54
CA PRO A 233 13.75 -4.42 33.90
C PRO A 233 15.01 -4.66 34.72
N GLU A 234 16.17 -4.74 34.07
CA GLU A 234 17.42 -4.86 34.79
C GLU A 234 18.11 -3.50 34.98
N GLY A 235 17.36 -2.40 34.85
CA GLY A 235 17.93 -1.07 34.93
C GLY A 235 18.52 -0.66 33.59
N PRO A 236 18.83 0.63 33.43
CA PRO A 236 19.35 1.13 32.15
C PRO A 236 20.56 0.32 31.68
N ASN A 237 20.51 -0.11 30.41
CA ASN A 237 21.58 -0.84 29.74
C ASN A 237 22.03 -2.07 30.52
N GLY A 238 21.15 -2.61 31.37
CA GLY A 238 21.45 -3.76 32.22
C GLY A 238 22.09 -3.43 33.57
N ASN A 239 22.25 -2.15 33.91
CA ASN A 239 22.91 -1.72 35.15
C ASN A 239 21.84 -1.60 36.22
N PRO A 240 21.69 -2.59 37.10
CA PRO A 240 20.57 -2.60 38.05
C PRO A 240 20.64 -1.57 39.17
N ASP A 241 20.82 -0.29 38.85
CA ASP A 241 20.78 0.84 39.78
C ASP A 241 19.34 1.34 39.88
N PRO A 242 18.61 0.95 40.93
CA PRO A 242 17.21 1.40 41.05
C PRO A 242 17.05 2.92 41.03
N MET A 243 18.04 3.65 41.51
CA MET A 243 17.98 5.11 41.44
C MET A 243 18.08 5.59 40.01
N ALA A 244 18.93 4.94 39.22
CA ALA A 244 19.07 5.28 37.81
C ALA A 244 17.84 4.84 37.03
N ALA A 245 17.40 3.60 37.25
CA ALA A 245 16.21 3.07 36.59
C ALA A 245 15.01 4.00 36.78
N ALA A 246 14.89 4.61 37.95
CA ALA A 246 13.79 5.54 38.19
C ALA A 246 13.85 6.73 37.24
N VAL A 247 15.05 7.15 36.84
CA VAL A 247 15.16 8.24 35.88
C VAL A 247 14.51 7.84 34.57
N ASP A 248 14.70 6.59 34.18
CA ASP A 248 14.14 6.10 32.93
C ASP A 248 12.63 5.90 33.04
N ILE A 249 12.19 5.23 34.11
CA ILE A 249 10.76 5.02 34.36
C ILE A 249 10.01 6.34 34.33
N ARG A 250 10.47 7.31 35.11
CA ARG A 250 9.79 8.60 35.14
C ARG A 250 9.68 9.19 33.75
N GLU A 251 10.77 9.10 32.98
CA GLU A 251 10.80 9.78 31.69
C GLU A 251 9.95 9.04 30.65
N THR A 252 10.06 7.71 30.59
CA THR A 252 9.29 6.97 29.59
C THR A 252 7.78 7.01 29.91
N PHE A 253 7.42 6.86 31.20
CA PHE A 253 6.01 6.92 31.56
C PHE A 253 5.43 8.30 31.29
N ARG A 254 6.21 9.36 31.50
CA ARG A 254 5.71 10.70 31.21
C ARG A 254 5.47 10.88 29.70
N ARG A 255 6.31 10.26 28.86
CA ARG A 255 6.05 10.31 27.42
C ARG A 255 4.87 9.43 27.04
N MET A 256 4.42 8.56 27.95
CA MET A 256 3.17 7.84 27.78
C MET A 256 2.08 8.39 28.71
N ALA A 257 2.17 9.68 29.05
CA ALA A 257 1.08 10.46 29.59
C ALA A 257 0.79 10.17 31.06
N MET A 258 1.74 9.60 31.79
CA MET A 258 1.54 9.19 33.16
C MET A 258 2.50 9.96 34.06
N ASN A 259 1.95 10.66 35.07
CA ASN A 259 2.79 11.40 36.01
C ASN A 259 3.32 10.44 37.08
N ASP A 260 3.85 10.98 38.18
CA ASP A 260 4.51 10.15 39.17
C ASP A 260 3.52 9.24 39.89
N VAL A 261 2.39 9.81 40.33
CA VAL A 261 1.36 9.03 41.02
C VAL A 261 0.81 7.95 40.11
N GLU A 262 0.35 8.35 38.92
CA GLU A 262 -0.11 7.38 37.91
C GLU A 262 0.91 6.26 37.67
N THR A 263 2.17 6.63 37.43
CA THR A 263 3.22 5.65 37.21
C THR A 263 3.38 4.71 38.39
N ALA A 264 3.51 5.24 39.59
CA ALA A 264 3.73 4.37 40.75
C ALA A 264 2.52 3.48 40.98
N ALA A 265 1.32 4.03 40.81
CA ALA A 265 0.10 3.24 40.96
C ALA A 265 0.07 2.10 39.96
N LEU A 266 0.40 2.39 38.69
CA LEU A 266 0.34 1.37 37.65
C LEU A 266 1.32 0.22 37.94
N ILE A 267 2.55 0.55 38.31
CA ILE A 267 3.53 -0.50 38.54
C ILE A 267 3.09 -1.37 39.70
N VAL A 268 2.71 -0.74 40.83
CA VAL A 268 2.33 -1.50 42.02
C VAL A 268 1.13 -2.37 41.71
N GLY A 269 0.14 -1.80 41.01
CA GLY A 269 -1.05 -2.56 40.67
C GLY A 269 -0.76 -3.72 39.75
N GLY A 270 0.03 -3.46 38.71
CA GLY A 270 0.47 -4.52 37.84
C GLY A 270 1.13 -5.66 38.60
N HIS A 271 2.17 -5.34 39.39
CA HIS A 271 3.01 -6.39 39.96
C HIS A 271 2.44 -6.99 41.23
N THR A 272 1.22 -6.58 41.58
CA THR A 272 0.41 -7.27 42.57
C THR A 272 0.01 -8.66 42.08
N PHE A 273 0.20 -8.93 40.79
CA PHE A 273 -0.31 -10.12 40.12
C PHE A 273 0.79 -10.83 39.34
N GLY A 274 0.65 -12.16 39.30
CA GLY A 274 1.44 -12.98 38.41
C GLY A 274 2.90 -13.08 38.79
N LYS A 275 3.73 -13.20 37.74
CA LYS A 275 5.09 -13.69 37.81
C LYS A 275 5.86 -13.33 36.54
N THR A 276 7.18 -13.30 36.66
CA THR A 276 8.06 -13.29 35.49
C THR A 276 8.44 -14.74 35.15
N HIS A 277 9.00 -14.96 33.99
CA HIS A 277 9.36 -16.31 33.56
C HIS A 277 10.77 -16.44 33.07
N GLY A 278 11.62 -17.05 33.85
CA GLY A 278 12.99 -17.24 33.46
C GLY A 278 13.65 -18.46 34.04
N ALA A 279 13.05 -19.59 33.79
CA ALA A 279 13.48 -20.87 34.28
C ALA A 279 14.79 -21.49 33.79
N GLY A 280 15.27 -21.13 32.62
CA GLY A 280 16.49 -21.69 32.10
C GLY A 280 17.21 -20.77 31.16
N PRO A 281 18.11 -21.32 30.35
CA PRO A 281 18.93 -20.58 29.38
C PRO A 281 18.14 -19.97 28.25
N ALA A 282 18.33 -18.69 28.02
CA ALA A 282 17.57 -17.97 27.01
C ALA A 282 17.97 -18.30 25.58
N ASP A 283 19.17 -18.87 25.38
CA ASP A 283 19.59 -19.35 24.07
C ASP A 283 18.88 -20.63 23.66
N LEU A 284 17.97 -21.14 24.51
CA LEU A 284 17.11 -22.24 24.14
C LEU A 284 15.74 -21.76 23.69
N VAL A 285 15.60 -20.45 23.46
CA VAL A 285 14.33 -19.86 23.07
C VAL A 285 14.42 -19.50 21.58
N GLY A 286 13.57 -20.13 20.78
CA GLY A 286 13.58 -20.01 19.34
C GLY A 286 13.17 -18.67 18.77
N PRO A 287 13.08 -18.60 17.45
CA PRO A 287 12.83 -17.31 16.78
C PRO A 287 11.47 -16.72 17.15
N GLU A 288 11.41 -15.39 17.11
CA GLU A 288 10.18 -14.66 17.38
C GLU A 288 9.16 -14.93 16.28
N PRO A 289 7.87 -14.70 16.56
CA PRO A 289 6.80 -15.21 15.68
C PRO A 289 6.92 -14.85 14.20
N GLU A 290 7.32 -13.63 13.86
CA GLU A 290 7.40 -13.30 12.43
C GLU A 290 8.45 -14.11 11.69
N ALA A 291 9.44 -14.64 12.40
CA ALA A 291 10.54 -15.42 11.84
C ALA A 291 10.41 -16.91 12.08
N ALA A 292 9.39 -17.36 12.82
CA ALA A 292 9.20 -18.76 13.17
C ALA A 292 8.68 -19.54 11.97
N PRO A 293 8.86 -20.86 11.95
CA PRO A 293 8.38 -21.65 10.80
C PRO A 293 6.85 -21.87 10.81
N LEU A 294 6.33 -22.22 9.63
CA LEU A 294 4.88 -22.19 9.41
C LEU A 294 4.14 -23.09 10.37
N GLU A 295 4.69 -24.26 10.67
CA GLU A 295 3.99 -25.22 11.52
C GLU A 295 3.71 -24.69 12.93
N GLN A 296 4.29 -23.56 13.33
CA GLN A 296 4.00 -23.01 14.65
C GLN A 296 2.78 -22.09 14.67
N MET A 297 2.08 -21.92 13.53
CA MET A 297 0.77 -21.31 13.48
C MET A 297 0.73 -19.91 14.12
N GLY A 298 1.74 -19.09 13.82
CA GLY A 298 1.80 -17.73 14.33
C GLY A 298 2.45 -17.57 15.69
N LEU A 299 2.72 -18.65 16.42
CA LEU A 299 3.41 -18.52 17.68
C LEU A 299 4.92 -18.49 17.47
N GLY A 300 5.63 -18.00 18.48
CA GLY A 300 7.09 -18.04 18.45
C GLY A 300 7.73 -18.27 19.79
N TRP A 301 9.03 -17.98 19.87
CA TRP A 301 9.84 -18.21 21.07
C TRP A 301 9.66 -19.65 21.58
N LYS A 302 9.51 -20.59 20.65
CA LYS A 302 9.46 -22.00 21.01
C LYS A 302 10.78 -22.38 21.67
N SER A 303 10.70 -23.13 22.75
CA SER A 303 11.82 -23.27 23.68
C SER A 303 12.13 -24.72 23.95
N SER A 304 13.42 -25.05 23.95
CA SER A 304 13.89 -26.42 24.15
C SER A 304 14.30 -26.71 25.59
N TYR A 305 14.27 -25.70 26.48
CA TYR A 305 14.48 -25.96 27.90
C TYR A 305 13.29 -26.70 28.47
N GLY A 306 13.52 -27.89 29.01
CA GLY A 306 12.46 -28.57 29.74
C GLY A 306 11.27 -28.88 28.84
N THR A 307 10.05 -28.68 29.36
CA THR A 307 8.86 -28.78 28.53
C THR A 307 8.65 -27.54 27.65
N GLY A 308 9.41 -26.47 27.85
CA GLY A 308 9.27 -25.26 27.07
C GLY A 308 8.12 -24.36 27.49
N THR A 309 7.29 -24.80 28.43
CA THR A 309 6.11 -24.05 28.88
C THR A 309 6.01 -24.17 30.40
N GLY A 310 4.92 -23.67 30.99
CA GLY A 310 4.59 -23.86 32.40
C GLY A 310 5.69 -23.71 33.44
N LYS A 311 6.06 -24.79 34.12
CA LYS A 311 7.14 -24.72 35.11
C LYS A 311 8.51 -24.45 34.48
N ASP A 312 8.66 -24.69 33.17
CA ASP A 312 9.91 -24.46 32.48
C ASP A 312 9.89 -23.19 31.64
N ALA A 313 8.89 -22.34 31.83
CA ALA A 313 8.65 -21.23 30.91
C ALA A 313 9.75 -20.20 31.01
N ILE A 314 10.08 -19.60 29.85
CA ILE A 314 11.08 -18.55 29.75
C ILE A 314 10.48 -17.42 28.92
N THR A 315 10.49 -16.20 29.46
CA THR A 315 9.91 -15.06 28.77
C THR A 315 10.90 -13.89 28.78
N SER A 316 11.01 -13.20 29.91
CA SER A 316 12.01 -12.14 30.03
C SER A 316 13.41 -12.67 30.34
N GLY A 317 13.53 -13.83 31.00
CA GLY A 317 14.75 -14.27 31.60
C GLY A 317 14.80 -14.06 33.11
N ILE A 318 14.07 -13.07 33.62
CA ILE A 318 13.99 -12.82 35.06
C ILE A 318 13.07 -13.85 35.69
N GLU A 319 13.33 -14.20 36.95
CA GLU A 319 12.49 -15.15 37.69
C GLU A 319 12.09 -14.52 39.03
N VAL A 320 10.96 -13.81 39.03
CA VAL A 320 10.47 -13.06 40.19
C VAL A 320 8.97 -13.27 40.34
N VAL A 321 8.54 -13.61 41.55
CA VAL A 321 7.12 -13.59 41.95
C VAL A 321 7.00 -12.53 43.04
N TRP A 322 6.48 -11.35 42.69
CA TRP A 322 6.53 -10.23 43.62
C TRP A 322 5.77 -10.48 44.92
N THR A 323 4.57 -11.07 44.86
CA THR A 323 3.69 -11.18 46.02
C THR A 323 3.40 -12.64 46.35
N ASN A 324 2.88 -12.87 47.55
CA ASN A 324 2.48 -14.21 47.97
C ASN A 324 1.05 -14.56 47.54
N THR A 325 0.32 -13.62 46.97
CA THR A 325 -1.02 -13.85 46.44
C THR A 325 -1.05 -13.39 45.00
N PRO A 326 -0.44 -14.15 44.09
CA PRO A 326 -0.33 -13.67 42.70
C PRO A 326 -1.65 -13.65 41.93
N THR A 327 -2.74 -14.19 42.48
CA THR A 327 -4.05 -14.18 41.81
C THR A 327 -5.10 -13.47 42.66
N LYS A 328 -4.67 -12.59 43.56
CA LYS A 328 -5.56 -11.83 44.44
C LYS A 328 -5.02 -10.42 44.60
N TRP A 329 -5.93 -9.47 44.58
CA TRP A 329 -5.60 -8.08 44.90
C TRP A 329 -5.53 -7.88 46.41
N ASP A 330 -4.35 -7.54 46.92
CA ASP A 330 -4.20 -7.08 48.30
C ASP A 330 -3.05 -6.07 48.31
N ASN A 331 -2.43 -5.87 49.47
CA ASN A 331 -1.33 -4.94 49.56
C ASN A 331 0.03 -5.66 49.69
N SER A 332 0.10 -6.94 49.33
CA SER A 332 1.35 -7.66 49.49
C SER A 332 2.53 -6.92 48.87
N PHE A 333 2.35 -6.38 47.66
CA PHE A 333 3.50 -5.82 46.94
C PHE A 333 4.22 -4.78 47.77
N LEU A 334 3.48 -3.79 48.29
CA LEU A 334 4.15 -2.74 49.06
C LEU A 334 4.62 -3.22 50.43
N GLU A 335 4.04 -4.29 50.96
CA GLU A 335 4.51 -4.81 52.26
C GLU A 335 5.81 -5.57 52.11
N ILE A 336 5.86 -6.46 51.12
CA ILE A 336 7.11 -7.14 50.82
C ILE A 336 8.19 -6.13 50.46
N LEU A 337 7.85 -5.16 49.59
CA LEU A 337 8.85 -4.19 49.15
C LEU A 337 9.43 -3.44 50.34
N TYR A 338 8.58 -2.96 51.24
CA TYR A 338 9.06 -2.25 52.42
C TYR A 338 9.45 -3.17 53.57
N GLY A 339 8.88 -4.36 53.65
CA GLY A 339 9.16 -5.24 54.77
C GLY A 339 10.44 -6.02 54.71
N TYR A 340 11.22 -5.90 53.65
CA TYR A 340 12.48 -6.62 53.53
C TYR A 340 13.56 -5.66 53.04
N GLU A 341 14.80 -6.07 53.26
CA GLU A 341 15.95 -5.42 52.64
C GLU A 341 16.41 -6.26 51.45
N TRP A 342 17.07 -5.60 50.49
CA TRP A 342 17.17 -6.18 49.16
C TRP A 342 18.62 -6.39 48.73
N GLU A 343 18.93 -7.64 48.34
CA GLU A 343 20.22 -8.05 47.80
C GLU A 343 20.16 -8.23 46.28
N LEU A 344 21.17 -7.73 45.59
CA LEU A 344 21.36 -8.09 44.19
C LEU A 344 21.59 -9.61 44.07
N THR A 345 21.06 -10.21 43.01
CA THR A 345 21.20 -11.66 42.77
C THR A 345 20.97 -11.92 41.27
N LYS A 346 20.95 -13.21 40.89
CA LYS A 346 20.86 -13.63 39.49
C LYS A 346 19.74 -14.65 39.28
N SER A 347 18.87 -14.39 38.28
CA SER A 347 17.89 -15.38 37.84
C SER A 347 18.60 -16.63 37.31
N PRO A 348 17.87 -17.76 37.20
CA PRO A 348 18.44 -18.97 36.57
C PRO A 348 18.85 -18.79 35.11
N ALA A 349 18.72 -17.58 34.60
CA ALA A 349 19.10 -17.25 33.24
C ALA A 349 20.07 -16.08 33.19
N GLY A 350 20.77 -15.83 34.29
CA GLY A 350 21.82 -14.82 34.31
C GLY A 350 21.34 -13.40 34.30
N ALA A 351 20.10 -13.14 34.72
CA ALA A 351 19.54 -11.79 34.73
C ALA A 351 19.61 -11.23 36.14
N TRP A 352 19.89 -9.93 36.22
CA TRP A 352 19.88 -9.24 37.50
C TRP A 352 18.45 -9.15 38.05
N GLN A 353 18.31 -9.44 39.34
CA GLN A 353 17.08 -9.22 40.06
C GLN A 353 17.45 -9.07 41.53
N TYR A 354 16.50 -8.57 42.32
CA TYR A 354 16.75 -8.38 43.74
C TYR A 354 15.98 -9.42 44.54
N THR A 355 16.59 -9.84 45.66
CA THR A 355 15.94 -10.73 46.59
C THR A 355 16.24 -10.26 48.00
N ALA A 356 15.58 -10.91 48.97
CA ALA A 356 15.62 -10.45 50.35
C ALA A 356 16.96 -10.75 50.99
N LYS A 357 17.49 -9.78 51.72
CA LYS A 357 18.67 -10.05 52.54
C LYS A 357 18.30 -10.99 53.68
N ASP A 358 19.33 -11.67 54.22
CA ASP A 358 19.25 -12.45 55.47
C ASP A 358 18.34 -13.69 55.37
N GLY A 359 18.12 -14.22 54.17
CA GLY A 359 17.22 -15.36 54.01
C GLY A 359 15.82 -15.15 54.54
N ALA A 360 15.41 -13.90 54.75
CA ALA A 360 14.14 -13.61 55.38
C ALA A 360 12.98 -14.08 54.51
N GLY A 361 11.92 -14.55 55.16
CA GLY A 361 10.73 -14.97 54.44
C GLY A 361 10.95 -16.17 53.54
N ALA A 362 11.70 -17.16 54.01
CA ALA A 362 11.96 -18.34 53.21
C ALA A 362 10.67 -19.11 52.98
N GLY A 363 10.46 -19.56 51.75
CA GLY A 363 9.30 -20.37 51.41
C GLY A 363 7.94 -19.71 51.53
N THR A 364 7.88 -18.39 51.62
CA THR A 364 6.60 -17.73 51.81
C THR A 364 5.89 -17.40 50.49
N ILE A 365 6.60 -17.43 49.37
CA ILE A 365 6.05 -17.04 48.08
C ILE A 365 5.66 -18.32 47.33
N PRO A 366 4.41 -18.46 46.91
CA PRO A 366 3.94 -19.74 46.37
C PRO A 366 4.41 -19.97 44.95
N ASP A 367 4.60 -21.26 44.61
CA ASP A 367 5.04 -21.71 43.31
C ASP A 367 3.84 -21.89 42.36
N PRO A 368 4.02 -21.45 41.10
CA PRO A 368 2.94 -21.55 40.11
C PRO A 368 2.42 -22.97 39.85
N PHE A 369 3.14 -24.02 40.24
CA PHE A 369 2.70 -25.38 39.91
C PHE A 369 2.91 -26.34 41.07
N GLY A 370 2.67 -25.87 42.30
CA GLY A 370 2.65 -26.75 43.44
C GLY A 370 4.01 -27.10 44.03
N GLY A 371 5.11 -26.59 43.46
CA GLY A 371 6.44 -26.80 44.00
C GLY A 371 6.64 -26.13 45.35
N PRO A 372 7.87 -26.18 45.89
CA PRO A 372 8.12 -25.58 47.20
C PRO A 372 7.95 -24.08 47.16
N GLY A 373 7.66 -23.50 48.32
CA GLY A 373 7.64 -22.05 48.41
C GLY A 373 9.01 -21.47 48.14
N ARG A 374 9.03 -20.23 47.66
CA ARG A 374 10.29 -19.54 47.43
C ARG A 374 10.37 -18.27 48.29
N SER A 375 11.47 -17.55 48.13
CA SER A 375 11.80 -16.33 48.86
C SER A 375 11.23 -15.12 48.12
N PRO A 376 11.16 -13.97 48.79
CA PRO A 376 10.74 -12.76 48.10
C PRO A 376 11.76 -12.32 47.07
N THR A 377 11.28 -11.79 45.95
CA THR A 377 12.13 -11.22 44.92
C THR A 377 11.50 -9.92 44.42
N MET A 378 12.32 -9.08 43.80
CA MET A 378 11.81 -7.87 43.14
C MET A 378 12.61 -7.63 41.86
N LEU A 379 12.06 -6.80 40.98
CA LEU A 379 12.86 -6.30 39.87
C LEU A 379 13.70 -5.13 40.33
N ALA A 380 14.82 -4.89 39.64
CA ALA A 380 15.54 -3.64 39.82
C ALA A 380 14.60 -2.45 39.69
N THR A 381 13.68 -2.50 38.72
CA THR A 381 12.75 -1.38 38.55
C THR A 381 11.72 -1.32 39.67
N ASP A 382 11.44 -2.43 40.35
CA ASP A 382 10.55 -2.36 41.51
C ASP A 382 11.22 -1.60 42.66
N LEU A 383 12.49 -1.92 42.97
CA LEU A 383 13.21 -1.21 44.03
C LEU A 383 13.30 0.29 43.77
N SER A 384 13.25 0.70 42.50
CA SER A 384 13.18 2.12 42.17
C SER A 384 12.03 2.80 42.90
N LEU A 385 10.91 2.09 43.07
CA LEU A 385 9.75 2.66 43.75
C LEU A 385 10.04 2.98 45.21
N ARG A 386 11.02 2.28 45.79
CA ARG A 386 11.45 2.49 47.17
C ARG A 386 12.71 3.37 47.29
N VAL A 387 13.58 3.39 46.29
CA VAL A 387 14.82 4.16 46.33
C VAL A 387 14.62 5.60 45.87
N ASP A 388 13.88 5.83 44.81
CA ASP A 388 13.71 7.19 44.32
C ASP A 388 12.88 7.99 45.31
N PRO A 389 13.35 9.20 45.70
CA PRO A 389 12.61 9.99 46.70
C PRO A 389 11.15 10.28 46.34
N ILE A 390 10.87 10.70 45.09
CA ILE A 390 9.50 11.06 44.73
C ILE A 390 8.59 9.85 44.75
N TYR A 391 9.08 8.69 44.29
CA TYR A 391 8.28 7.48 44.35
C TYR A 391 8.19 6.94 45.77
N GLU A 392 9.27 7.07 46.54
CA GLU A 392 9.27 6.50 47.87
C GLU A 392 8.19 7.12 48.74
N ARG A 393 8.05 8.44 48.69
CA ARG A 393 7.05 9.03 49.56
C ARG A 393 5.63 8.70 49.07
N ILE A 394 5.43 8.55 47.75
CA ILE A 394 4.12 8.17 47.22
C ILE A 394 3.74 6.76 47.69
N THR A 395 4.68 5.81 47.60
CA THR A 395 4.33 4.42 47.89
C THR A 395 4.36 4.11 49.39
N ARG A 396 5.21 4.78 50.17
CA ARG A 396 5.15 4.61 51.63
C ARG A 396 3.77 4.93 52.16
N ARG A 397 3.19 6.02 51.67
CA ARG A 397 1.81 6.39 51.98
C ARG A 397 0.86 5.23 51.67
N TRP A 398 0.98 4.64 50.49
CA TRP A 398 0.07 3.55 50.12
C TRP A 398 0.33 2.29 50.94
N LEU A 399 1.49 2.18 51.59
CA LEU A 399 1.72 1.08 52.52
C LEU A 399 0.72 1.11 53.68
N GLU A 400 0.35 2.30 54.15
CA GLU A 400 -0.63 2.45 55.21
C GLU A 400 -2.00 2.86 54.69
N HIS A 401 -2.12 3.11 53.40
CA HIS A 401 -3.40 3.55 52.82
C HIS A 401 -3.61 2.86 51.49
N PRO A 402 -3.95 1.56 51.52
CA PRO A 402 -4.21 0.82 50.26
C PRO A 402 -5.43 1.31 49.52
N GLU A 403 -6.36 1.97 50.21
CA GLU A 403 -7.53 2.47 49.53
C GLU A 403 -7.15 3.59 48.57
N GLU A 404 -6.09 4.34 48.91
CA GLU A 404 -5.57 5.34 47.97
C GLU A 404 -4.90 4.66 46.78
N LEU A 405 -4.08 3.63 47.04
CA LEU A 405 -3.49 2.87 45.94
C LEU A 405 -4.58 2.37 45.00
N ALA A 406 -5.54 1.62 45.54
CA ALA A 406 -6.63 1.07 44.75
C ALA A 406 -7.30 2.15 43.90
N ASP A 407 -7.40 3.36 44.44
CA ASP A 407 -8.11 4.45 43.78
C ASP A 407 -7.28 5.06 42.64
N GLU A 408 -6.05 5.47 42.93
CA GLU A 408 -5.23 6.05 41.87
C GLU A 408 -4.93 5.03 40.79
N PHE A 409 -4.93 3.74 41.13
CA PHE A 409 -4.65 2.70 40.14
C PHE A 409 -5.81 2.51 39.19
N ALA A 410 -7.04 2.50 39.70
CA ALA A 410 -8.20 2.40 38.84
C ALA A 410 -8.24 3.57 37.85
N LYS A 411 -8.02 4.78 38.36
CA LYS A 411 -8.06 5.96 37.49
C LYS A 411 -6.98 5.88 36.42
N ALA A 412 -5.77 5.45 36.82
CA ALA A 412 -4.65 5.33 35.90
C ALA A 412 -4.81 4.15 34.97
N TRP A 413 -5.30 3.01 35.47
CA TRP A 413 -5.49 1.86 34.60
C TRP A 413 -6.52 2.18 33.53
N TYR A 414 -7.61 2.84 33.92
CA TYR A 414 -8.61 3.28 32.97
C TYR A 414 -8.01 4.21 31.93
N LYS A 415 -7.20 5.16 32.40
CA LYS A 415 -6.55 6.10 31.49
C LYS A 415 -5.58 5.39 30.54
N LEU A 416 -4.77 4.48 31.09
CA LEU A 416 -3.85 3.70 30.27
C LEU A 416 -4.58 3.02 29.12
N ILE A 417 -5.70 2.36 29.41
CA ILE A 417 -6.37 1.52 28.44
C ILE A 417 -7.29 2.29 27.50
N HIS A 418 -7.48 3.59 27.73
CA HIS A 418 -8.35 4.40 26.89
C HIS A 418 -7.66 5.64 26.36
N ARG A 419 -6.34 5.74 26.46
CA ARG A 419 -5.68 6.98 26.11
C ARG A 419 -5.96 7.38 24.65
N ASP A 420 -5.93 6.40 23.74
CA ASP A 420 -6.07 6.69 22.33
C ASP A 420 -7.51 6.58 21.85
N MET A 421 -8.49 6.65 22.74
CA MET A 421 -9.87 6.44 22.34
C MET A 421 -10.47 7.64 21.62
N GLY A 422 -9.94 8.84 21.81
CA GLY A 422 -10.52 10.02 21.21
C GLY A 422 -11.58 10.66 22.10
N PRO A 423 -12.47 11.45 21.49
CA PRO A 423 -13.58 12.07 22.26
C PRO A 423 -14.48 11.01 22.89
N VAL A 424 -15.00 11.32 24.10
CA VAL A 424 -15.80 10.38 24.88
C VAL A 424 -16.97 9.82 24.11
N ALA A 425 -17.47 10.58 23.11
CA ALA A 425 -18.57 10.09 22.27
C ALA A 425 -18.26 8.72 21.68
N ARG A 426 -16.98 8.42 21.48
CA ARG A 426 -16.57 7.15 20.89
C ARG A 426 -16.72 5.97 21.84
N TYR A 427 -16.76 6.19 23.16
CA TYR A 427 -16.83 5.07 24.09
C TYR A 427 -18.19 4.41 24.00
N LEU A 428 -18.20 3.09 23.91
CA LEU A 428 -19.40 2.33 23.64
C LEU A 428 -19.69 1.35 24.77
N GLY A 429 -20.96 0.99 24.91
CA GLY A 429 -21.34 -0.12 25.73
C GLY A 429 -21.90 0.34 27.06
N PRO A 430 -22.31 -0.62 27.89
CA PRO A 430 -22.92 -0.27 29.19
C PRO A 430 -21.95 -0.03 30.34
N LEU A 431 -20.64 0.07 30.11
CA LEU A 431 -19.67 0.15 31.20
C LEU A 431 -18.91 1.47 31.25
N VAL A 432 -19.41 2.53 30.64
CA VAL A 432 -18.70 3.81 30.57
C VAL A 432 -19.27 4.71 31.66
N PRO A 433 -18.51 5.07 32.69
CA PRO A 433 -19.04 6.02 33.65
C PRO A 433 -19.14 7.37 33.00
N LYS A 434 -20.17 8.11 33.37
CA LYS A 434 -20.43 9.43 32.82
C LYS A 434 -19.43 10.48 33.30
N GLN A 435 -18.66 10.19 34.34
CA GLN A 435 -17.81 11.20 34.95
C GLN A 435 -16.86 11.86 33.94
N THR A 436 -16.73 13.19 34.07
CA THR A 436 -15.75 13.97 33.33
C THR A 436 -14.32 13.69 33.81
N LEU A 437 -13.42 13.52 32.85
CA LEU A 437 -12.00 13.32 33.13
C LEU A 437 -11.21 14.34 32.33
N LEU A 438 -10.34 15.08 33.02
CA LEU A 438 -9.64 16.18 32.38
C LEU A 438 -8.73 15.71 31.25
N TRP A 439 -8.14 14.52 31.39
CA TRP A 439 -7.23 14.03 30.36
C TRP A 439 -7.93 13.72 29.04
N GLN A 440 -9.26 13.63 29.03
CA GLN A 440 -9.99 13.42 27.80
C GLN A 440 -10.24 14.70 27.05
N ASP A 441 -9.60 15.80 27.43
CA ASP A 441 -9.84 17.10 26.82
C ASP A 441 -11.33 17.40 26.69
N PRO A 442 -12.09 17.44 27.80
CA PRO A 442 -13.56 17.39 27.71
C PRO A 442 -14.17 18.60 27.04
N VAL A 443 -15.33 18.37 26.45
CA VAL A 443 -16.07 19.39 25.73
C VAL A 443 -17.45 19.47 26.34
N PRO A 444 -17.92 20.65 26.72
CA PRO A 444 -19.30 20.81 27.20
C PRO A 444 -20.32 20.19 26.26
N ALA A 445 -21.40 19.71 26.83
CA ALA A 445 -22.44 19.07 26.08
C ALA A 445 -23.34 20.10 25.40
N VAL A 446 -23.92 19.70 24.27
CA VAL A 446 -24.87 20.57 23.60
C VAL A 446 -26.02 20.83 24.55
N SER A 447 -26.18 22.08 24.96
CA SER A 447 -27.21 22.45 25.92
C SER A 447 -28.42 23.11 25.27
N HIS A 448 -28.19 24.17 24.50
CA HIS A 448 -29.25 24.91 23.84
C HIS A 448 -29.57 24.24 22.51
N ASP A 449 -30.45 24.86 21.73
CA ASP A 449 -30.74 24.32 20.42
C ASP A 449 -29.61 24.64 19.46
N LEU A 450 -29.70 24.10 18.26
CA LEU A 450 -28.64 24.25 17.27
C LEU A 450 -29.12 25.12 16.13
N VAL A 451 -28.21 25.96 15.62
CA VAL A 451 -28.52 26.78 14.46
C VAL A 451 -29.01 25.89 13.33
N GLY A 452 -30.10 26.30 12.69
CA GLY A 452 -30.57 25.65 11.49
C GLY A 452 -30.06 26.37 10.25
N GLU A 453 -30.62 26.00 9.10
CA GLU A 453 -30.17 26.58 7.84
C GLU A 453 -30.28 28.10 7.86
N ALA A 454 -31.51 28.61 7.99
CA ALA A 454 -31.76 30.04 8.03
C ALA A 454 -30.76 30.76 8.93
N GLU A 455 -30.56 30.24 10.14
CA GLU A 455 -29.59 30.86 11.04
C GLU A 455 -28.17 30.73 10.49
N ILE A 456 -27.76 29.51 10.14
CA ILE A 456 -26.43 29.29 9.56
C ILE A 456 -26.18 30.27 8.42
N ALA A 457 -27.11 30.33 7.47
CA ALA A 457 -26.96 31.22 6.32
C ALA A 457 -26.74 32.67 6.77
N SER A 458 -27.55 33.13 7.72
CA SER A 458 -27.41 34.49 8.22
C SER A 458 -25.99 34.74 8.69
N LEU A 459 -25.45 33.83 9.49
CA LEU A 459 -24.17 34.10 10.16
C LEU A 459 -23.02 34.10 9.18
N LYS A 460 -23.16 33.36 8.07
CA LYS A 460 -22.15 33.47 7.02
C LYS A 460 -22.03 34.91 6.56
N SER A 461 -23.18 35.58 6.39
CA SER A 461 -23.20 36.94 5.86
C SER A 461 -22.54 37.93 6.81
N GLN A 462 -22.87 37.85 8.09
CA GLN A 462 -22.25 38.74 9.07
C GLN A 462 -20.75 38.50 9.15
N ILE A 463 -20.32 37.25 9.00
CA ILE A 463 -18.91 36.90 9.07
C ILE A 463 -18.23 37.49 7.87
N ARG A 464 -18.91 37.46 6.75
CA ARG A 464 -18.38 38.06 5.55
C ARG A 464 -18.27 39.61 5.69
N ALA A 465 -19.14 40.24 6.50
CA ALA A 465 -19.13 41.65 6.75
C ALA A 465 -18.24 42.02 7.89
N SER A 466 -17.71 41.05 8.60
CA SER A 466 -16.84 41.33 9.73
C SER A 466 -15.63 42.16 9.44
N GLY A 467 -15.05 42.03 8.26
CA GLY A 467 -13.89 42.79 7.95
C GLY A 467 -12.80 41.79 8.11
N LEU A 468 -13.13 40.50 8.08
CA LEU A 468 -12.02 39.60 8.19
C LEU A 468 -11.70 39.08 6.80
N THR A 469 -10.43 39.10 6.43
CA THR A 469 -10.05 38.68 5.10
C THR A 469 -10.18 37.17 4.97
N VAL A 470 -10.41 36.70 3.73
CA VAL A 470 -10.45 35.27 3.46
C VAL A 470 -9.21 34.60 4.05
N SER A 471 -8.05 35.22 3.86
CA SER A 471 -6.82 34.77 4.52
C SER A 471 -7.01 34.61 6.04
N GLN A 472 -7.53 35.64 6.70
CA GLN A 472 -7.78 35.56 8.14
C GLN A 472 -8.75 34.42 8.47
N LEU A 473 -9.89 34.37 7.78
CA LEU A 473 -10.91 33.39 8.11
C LEU A 473 -10.40 31.98 7.90
N VAL A 474 -10.03 31.67 6.64
CA VAL A 474 -9.57 30.33 6.28
C VAL A 474 -8.43 29.91 7.20
N SER A 475 -7.46 30.80 7.40
CA SER A 475 -6.28 30.41 8.16
C SER A 475 -6.64 30.10 9.60
N THR A 476 -7.56 30.86 10.19
CA THR A 476 -8.01 30.58 11.56
C THR A 476 -8.78 29.26 11.61
N ALA A 477 -9.76 29.10 10.73
CA ALA A 477 -10.51 27.85 10.66
C ALA A 477 -9.56 26.66 10.49
N TRP A 478 -8.64 26.75 9.52
CA TRP A 478 -7.68 25.66 9.34
C TRP A 478 -6.88 25.44 10.61
N ALA A 479 -6.60 26.52 11.34
CA ALA A 479 -5.80 26.42 12.55
C ALA A 479 -6.48 25.58 13.63
N ALA A 480 -7.80 25.75 13.79
CA ALA A 480 -8.53 24.97 14.78
C ALA A 480 -8.59 23.50 14.37
N ALA A 481 -9.13 23.23 13.19
CA ALA A 481 -9.41 21.83 12.82
C ALA A 481 -8.12 21.05 12.60
N SER A 482 -7.12 21.69 12.00
CA SER A 482 -5.87 20.97 11.72
C SER A 482 -5.11 20.57 12.97
N SER A 483 -5.58 20.94 14.17
CA SER A 483 -4.93 20.53 15.42
C SER A 483 -5.18 19.05 15.73
N PHE A 484 -6.01 18.38 14.93
CA PHE A 484 -6.38 16.99 15.11
C PHE A 484 -5.31 16.04 14.57
N ARG A 485 -5.07 14.95 15.30
CA ARG A 485 -4.18 13.87 14.85
C ARG A 485 -4.93 12.54 15.01
N GLY A 486 -5.04 11.80 13.89
CA GLY A 486 -5.77 10.55 13.86
C GLY A 486 -5.10 9.42 14.60
N SER A 487 -3.82 9.59 14.98
CA SER A 487 -3.12 8.59 15.77
C SER A 487 -3.89 8.29 17.05
N ASP A 488 -4.07 9.29 17.92
CA ASP A 488 -4.85 9.07 19.13
C ASP A 488 -6.15 9.86 19.14
N LYS A 489 -6.49 10.54 18.05
CA LYS A 489 -7.79 11.18 17.87
C LYS A 489 -7.99 12.38 18.79
N ARG A 490 -6.88 12.98 19.25
CA ARG A 490 -6.92 14.21 20.03
C ARG A 490 -6.91 15.44 19.12
N GLY A 491 -7.17 16.59 19.71
CA GLY A 491 -7.12 17.83 18.96
C GLY A 491 -8.34 17.97 18.05
N GLY A 492 -8.32 19.02 17.26
CA GLY A 492 -9.44 19.34 16.39
C GLY A 492 -10.17 20.61 16.83
N ALA A 493 -11.21 20.94 16.06
CA ALA A 493 -11.83 22.25 16.18
C ALA A 493 -12.90 22.30 17.27
N ASN A 494 -13.47 21.16 17.65
CA ASN A 494 -14.40 21.13 18.79
C ASN A 494 -13.65 21.54 20.05
N GLY A 495 -14.35 22.24 20.94
CA GLY A 495 -13.75 22.83 22.11
C GLY A 495 -13.52 24.32 22.02
N GLY A 496 -13.36 24.86 20.82
CA GLY A 496 -13.00 26.26 20.72
C GLY A 496 -11.65 26.59 21.29
N ARG A 497 -10.82 25.57 21.54
CA ARG A 497 -9.53 25.71 22.20
C ARG A 497 -8.52 26.54 21.43
N ILE A 498 -8.89 27.12 20.29
CA ILE A 498 -7.95 27.99 19.58
C ILE A 498 -7.81 29.33 20.28
N ARG A 499 -8.89 29.84 20.88
CA ARG A 499 -8.81 31.06 21.69
C ARG A 499 -8.24 30.83 23.08
N LEU A 500 -8.00 29.58 23.49
CA LEU A 500 -7.43 29.29 24.80
C LEU A 500 -5.96 28.97 24.68
N GLN A 501 -5.26 29.10 25.81
CA GLN A 501 -3.91 28.61 25.94
C GLN A 501 -3.93 27.08 25.87
N PRO A 502 -2.87 26.43 25.30
CA PRO A 502 -1.66 26.99 24.66
C PRO A 502 -1.84 27.27 23.19
N GLN A 503 -2.94 26.80 22.60
CA GLN A 503 -3.12 26.90 21.16
C GLN A 503 -3.05 28.35 20.69
N VAL A 504 -3.40 29.29 21.56
CA VAL A 504 -3.56 30.67 21.12
C VAL A 504 -2.23 31.39 20.93
N GLY A 505 -1.16 30.91 21.57
CA GLY A 505 0.16 31.47 21.39
C GLY A 505 1.12 30.66 20.54
N TRP A 506 0.64 29.64 19.83
CA TRP A 506 1.49 28.76 19.04
C TRP A 506 2.08 29.52 17.86
N GLU A 507 3.42 29.46 17.73
CA GLU A 507 4.10 30.22 16.69
C GLU A 507 3.51 29.95 15.33
N VAL A 508 3.07 28.71 15.08
CA VAL A 508 2.42 28.39 13.82
C VAL A 508 1.07 29.08 13.73
N ASN A 509 0.42 29.28 14.85
CA ASN A 509 -0.86 29.96 14.82
C ASN A 509 -0.73 31.47 14.74
N ASP A 510 0.52 31.89 14.86
CA ASP A 510 0.99 33.26 14.84
C ASP A 510 0.05 34.19 15.50
N PRO A 511 -0.05 34.07 16.79
CA PRO A 511 -0.89 34.92 17.60
C PRO A 511 -0.48 36.34 17.39
N ASP A 512 0.77 36.55 17.01
CA ASP A 512 1.33 37.89 16.78
C ASP A 512 0.44 38.80 16.00
N GLY A 513 -0.02 38.31 14.87
CA GLY A 513 -0.87 39.09 14.02
C GLY A 513 -2.32 39.14 14.41
N ASP A 514 -3.16 38.57 13.56
CA ASP A 514 -4.60 38.66 13.73
C ASP A 514 -5.30 37.56 14.41
N LEU A 515 -4.61 36.73 15.17
CA LEU A 515 -5.32 35.67 15.81
C LEU A 515 -6.26 36.31 16.80
N ARG A 516 -5.75 37.18 17.64
CA ARG A 516 -6.60 37.89 18.59
C ARG A 516 -7.72 38.65 17.87
N LYS A 517 -7.35 39.52 16.92
CA LYS A 517 -8.34 40.34 16.21
C LYS A 517 -9.44 39.48 15.58
N VAL A 518 -9.11 38.26 15.12
CA VAL A 518 -10.12 37.37 14.57
C VAL A 518 -10.93 36.74 15.68
N ILE A 519 -10.25 36.30 16.74
CA ILE A 519 -10.92 35.81 17.94
C ILE A 519 -11.86 36.88 18.48
N ARG A 520 -11.31 38.06 18.77
CA ARG A 520 -12.11 39.14 19.35
C ARG A 520 -13.31 39.46 18.47
N THR A 521 -13.08 39.64 17.17
CA THR A 521 -14.19 39.89 16.25
C THR A 521 -15.21 38.75 16.29
N LEU A 522 -14.73 37.51 16.27
CA LEU A 522 -15.65 36.38 16.14
C LEU A 522 -16.50 36.16 17.38
N GLU A 523 -15.98 36.51 18.55
CA GLU A 523 -16.82 36.44 19.74
C GLU A 523 -17.91 37.50 19.71
N GLU A 524 -17.63 38.64 19.07
CA GLU A 524 -18.64 39.68 18.95
C GLU A 524 -19.88 39.18 18.21
N ILE A 525 -19.69 38.43 17.12
CA ILE A 525 -20.87 37.90 16.43
C ILE A 525 -21.50 36.75 17.20
N GLN A 526 -20.73 36.05 18.05
CA GLN A 526 -21.35 35.10 18.96
C GLN A 526 -22.39 35.82 19.81
N GLU A 527 -21.95 36.85 20.54
CA GLU A 527 -22.86 37.67 21.34
C GLU A 527 -24.02 38.19 20.49
N SER A 528 -23.70 38.90 19.40
CA SER A 528 -24.74 39.58 18.64
C SER A 528 -25.83 38.60 18.19
N PHE A 529 -25.42 37.42 17.74
CA PHE A 529 -26.42 36.40 17.44
C PHE A 529 -27.09 35.91 18.70
N ASN A 530 -26.33 35.79 19.79
CA ASN A 530 -26.87 35.25 21.04
C ASN A 530 -27.65 36.31 21.81
N SER A 531 -27.04 37.47 22.07
CA SER A 531 -27.71 38.52 22.83
C SER A 531 -29.05 38.89 22.18
N ALA A 532 -29.16 38.71 20.90
CA ALA A 532 -30.42 38.96 20.23
C ALA A 532 -31.07 37.66 19.82
N ALA A 533 -30.65 36.59 20.49
CA ALA A 533 -31.14 35.23 20.26
C ALA A 533 -32.66 35.18 20.14
N PRO A 534 -33.11 34.55 19.07
CA PRO A 534 -34.49 34.36 18.66
C PRO A 534 -35.34 33.58 19.67
N GLY A 535 -34.69 32.66 20.39
CA GLY A 535 -35.30 31.80 21.38
C GLY A 535 -34.29 31.00 22.16
N ASN A 536 -34.14 29.75 21.81
CA ASN A 536 -33.22 28.89 22.50
C ASN A 536 -32.06 28.52 21.62
N ILE A 537 -31.87 29.23 20.53
CA ILE A 537 -30.80 28.84 19.65
C ILE A 537 -29.56 29.62 20.02
N LYS A 538 -28.46 28.93 20.25
CA LYS A 538 -27.22 29.57 20.58
C LYS A 538 -26.12 29.00 19.67
N VAL A 539 -25.00 29.70 19.59
CA VAL A 539 -23.86 29.28 18.78
C VAL A 539 -22.63 29.26 19.67
N SER A 540 -21.80 28.25 19.48
CA SER A 540 -20.53 28.25 20.18
C SER A 540 -19.53 29.05 19.39
N PHE A 541 -18.53 29.59 20.09
CA PHE A 541 -17.39 30.18 19.41
C PHE A 541 -16.58 29.14 18.63
N ALA A 542 -16.64 27.86 19.06
CA ALA A 542 -15.98 26.82 18.30
C ALA A 542 -16.58 26.65 16.93
N ASP A 543 -17.90 26.84 16.80
CA ASP A 543 -18.58 26.69 15.52
C ASP A 543 -18.34 27.88 14.60
N LEU A 544 -18.31 29.10 15.15
CA LEU A 544 -18.09 30.29 14.31
C LEU A 544 -16.71 30.27 13.64
N VAL A 545 -15.69 29.80 14.35
CA VAL A 545 -14.39 29.57 13.73
C VAL A 545 -14.55 28.72 12.47
N VAL A 546 -15.23 27.57 12.59
CA VAL A 546 -15.37 26.67 11.47
C VAL A 546 -16.34 27.24 10.43
N LEU A 547 -17.38 27.94 10.88
CA LEU A 547 -18.29 28.52 9.91
C LEU A 547 -17.63 29.68 9.17
N GLY A 548 -16.80 30.46 9.85
CA GLY A 548 -15.98 31.48 9.22
C GLY A 548 -15.21 30.97 8.02
N GLY A 549 -14.29 30.01 8.23
CA GLY A 549 -13.53 29.46 7.12
C GLY A 549 -14.44 28.93 6.02
N CYS A 550 -15.56 28.32 6.41
CA CYS A 550 -16.53 27.85 5.41
C CYS A 550 -17.05 28.99 4.55
N ALA A 551 -17.49 30.08 5.18
CA ALA A 551 -18.11 31.13 4.40
C ALA A 551 -17.09 31.85 3.52
N ALA A 552 -15.89 32.05 4.06
CA ALA A 552 -14.81 32.63 3.26
C ALA A 552 -14.60 31.84 1.97
N ILE A 553 -14.56 30.51 2.09
CA ILE A 553 -14.37 29.66 0.92
C ILE A 553 -15.49 29.89 -0.07
N GLU A 554 -16.74 30.01 0.41
CA GLU A 554 -17.85 30.36 -0.46
C GLU A 554 -17.59 31.69 -1.17
N LYS A 555 -17.09 32.68 -0.43
CA LYS A 555 -16.79 33.98 -1.04
C LYS A 555 -15.71 33.84 -2.11
N ALA A 556 -14.57 33.24 -1.75
CA ALA A 556 -13.44 33.10 -2.66
C ALA A 556 -13.77 32.26 -3.89
N ALA A 557 -14.83 31.47 -3.83
CA ALA A 557 -15.27 30.66 -4.96
C ALA A 557 -16.17 31.46 -5.89
N LYS A 558 -17.01 32.32 -5.33
CA LYS A 558 -17.79 33.23 -6.16
C LYS A 558 -16.88 34.26 -6.84
N ALA A 559 -15.84 34.72 -6.14
CA ALA A 559 -14.85 35.57 -6.78
C ALA A 559 -14.25 34.91 -8.02
N ALA A 560 -14.31 33.58 -8.12
CA ALA A 560 -13.78 32.83 -9.24
C ALA A 560 -14.88 32.25 -10.11
N GLY A 561 -16.04 32.91 -10.12
CA GLY A 561 -17.12 32.54 -11.02
C GLY A 561 -17.99 31.38 -10.57
N HIS A 562 -17.62 30.68 -9.50
CA HIS A 562 -18.35 29.50 -9.04
C HIS A 562 -19.20 29.84 -7.82
N ASN A 563 -20.53 29.85 -8.02
CA ASN A 563 -21.51 29.88 -6.93
C ASN A 563 -21.64 28.48 -6.35
N ILE A 564 -21.11 28.27 -5.13
CA ILE A 564 -21.24 26.99 -4.42
C ILE A 564 -21.46 27.24 -2.94
N THR A 565 -21.90 26.19 -2.24
CA THR A 565 -22.08 26.22 -0.79
C THR A 565 -21.22 25.14 -0.14
N VAL A 566 -20.43 25.55 0.84
CA VAL A 566 -19.59 24.65 1.64
C VAL A 566 -20.43 24.04 2.77
N PRO A 567 -20.40 22.72 2.96
CA PRO A 567 -21.14 22.13 4.07
C PRO A 567 -20.63 22.58 5.43
N PHE A 568 -21.55 22.68 6.38
CA PHE A 568 -21.17 22.99 7.75
C PHE A 568 -22.10 22.26 8.72
N THR A 569 -21.51 21.51 9.64
CA THR A 569 -22.23 20.68 10.61
C THR A 569 -22.09 21.30 11.98
N PRO A 570 -23.16 21.84 12.58
CA PRO A 570 -23.05 22.48 13.88
C PRO A 570 -23.04 21.44 15.00
N GLY A 571 -22.74 21.91 16.21
CA GLY A 571 -22.72 21.06 17.37
C GLY A 571 -21.47 21.14 18.22
N ARG A 572 -20.48 21.92 17.78
CA ARG A 572 -19.30 22.13 18.61
C ARG A 572 -19.68 22.97 19.82
N THR A 573 -18.89 22.86 20.89
CA THR A 573 -19.14 23.62 22.10
C THR A 573 -17.85 24.28 22.57
N ASP A 574 -18.01 25.41 23.27
CA ASP A 574 -16.87 26.09 23.83
C ASP A 574 -16.29 25.26 24.96
N ALA A 575 -15.23 25.78 25.58
CA ALA A 575 -14.54 25.08 26.65
C ALA A 575 -13.63 26.07 27.35
N SER A 576 -13.37 25.83 28.62
CA SER A 576 -12.67 26.81 29.41
C SER A 576 -11.22 26.39 29.58
N GLN A 577 -10.39 27.38 29.92
CA GLN A 577 -9.01 27.07 30.25
C GLN A 577 -8.96 25.98 31.31
N GLU A 578 -9.94 25.97 32.21
CA GLU A 578 -9.97 25.03 33.33
C GLU A 578 -10.09 23.60 32.83
N GLN A 579 -10.77 23.40 31.70
CA GLN A 579 -10.93 22.08 31.08
C GLN A 579 -9.93 21.88 29.95
N THR A 580 -8.76 22.51 30.02
CA THR A 580 -7.77 22.45 28.93
C THR A 580 -6.41 22.31 29.61
N ASP A 581 -5.98 21.05 29.80
CA ASP A 581 -4.68 20.72 30.38
C ASP A 581 -3.58 21.29 29.51
N VAL A 582 -3.02 22.43 29.93
CA VAL A 582 -2.09 23.17 29.07
C VAL A 582 -0.91 22.29 28.66
N GLU A 583 -0.33 21.58 29.62
CA GLU A 583 0.85 20.81 29.27
C GLU A 583 0.51 19.59 28.42
N SER A 584 -0.71 19.07 28.53
CA SER A 584 -1.09 17.96 27.67
C SER A 584 -1.22 18.42 26.22
N PHE A 585 -1.73 19.63 26.01
CA PHE A 585 -1.88 20.15 24.66
C PHE A 585 -0.56 20.60 24.06
N ALA A 586 0.51 20.66 24.86
CA ALA A 586 1.81 21.04 24.31
C ALA A 586 2.20 20.12 23.17
N VAL A 587 1.94 18.82 23.30
CA VAL A 587 2.41 17.88 22.29
C VAL A 587 1.65 18.00 20.98
N LEU A 588 0.50 18.66 20.97
CA LEU A 588 -0.29 18.82 19.75
C LEU A 588 0.12 20.03 18.94
N GLU A 589 1.22 20.64 19.29
CA GLU A 589 1.65 21.81 18.53
C GLU A 589 2.50 21.39 17.34
N PRO A 590 2.15 21.86 16.14
CA PRO A 590 2.97 21.57 14.95
C PRO A 590 4.33 22.23 15.05
N LYS A 591 5.39 21.42 14.95
CA LYS A 591 6.71 21.89 14.54
C LYS A 591 6.81 22.10 13.03
N ALA A 592 5.76 21.75 12.27
CA ALA A 592 5.72 21.94 10.81
C ALA A 592 4.28 21.75 10.34
N ASP A 593 3.88 22.54 9.35
CA ASP A 593 2.58 22.32 8.71
C ASP A 593 2.63 22.88 7.29
N GLY A 594 2.98 22.01 6.34
CA GLY A 594 3.08 22.43 4.96
C GLY A 594 1.85 23.08 4.40
N PHE A 595 0.67 22.72 4.92
CA PHE A 595 -0.57 23.29 4.38
C PHE A 595 -0.64 24.79 4.60
N ARG A 596 0.14 25.31 5.55
CA ARG A 596 0.31 26.74 5.77
C ARG A 596 1.74 27.17 5.45
N ASN A 597 2.54 26.29 4.86
CA ASN A 597 3.94 26.53 4.54
C ASN A 597 4.70 27.01 5.78
N TYR A 598 4.56 26.27 6.86
CA TYR A 598 5.27 26.58 8.10
C TYR A 598 6.31 25.51 8.39
N LEU A 599 7.50 25.93 8.77
CA LEU A 599 8.53 24.95 9.12
C LEU A 599 9.37 25.51 10.27
N GLY A 600 9.16 24.97 11.44
CA GLY A 600 9.93 25.39 12.59
C GLY A 600 11.16 24.55 12.78
N LYS A 601 11.97 24.94 13.75
CA LYS A 601 13.18 24.20 14.04
C LYS A 601 12.83 22.84 14.66
N GLY A 602 13.82 21.96 14.65
CA GLY A 602 13.71 20.71 15.39
C GLY A 602 13.01 19.58 14.65
N ASN A 603 12.68 19.76 13.40
CA ASN A 603 11.98 18.65 12.76
C ASN A 603 12.96 17.54 12.39
N PRO A 604 12.52 16.28 12.48
CA PRO A 604 13.43 15.15 12.20
C PRO A 604 13.78 14.97 10.72
N LEU A 605 12.98 15.47 9.78
CA LEU A 605 13.14 15.15 8.37
C LEU A 605 12.89 16.40 7.55
N PRO A 606 13.42 16.45 6.29
CA PRO A 606 13.13 17.60 5.41
C PRO A 606 11.65 17.93 5.32
N ALA A 607 11.34 19.16 4.93
CA ALA A 607 9.97 19.66 4.94
C ALA A 607 8.97 18.85 4.11
N GLU A 608 9.42 18.11 3.09
CA GLU A 608 8.44 17.34 2.33
C GLU A 608 8.02 16.07 3.07
N TYR A 609 8.93 15.47 3.82
CA TYR A 609 8.54 14.33 4.65
C TYR A 609 7.60 14.76 5.77
N MET A 610 7.78 15.97 6.30
CA MET A 610 6.87 16.44 7.34
C MET A 610 5.51 16.78 6.74
N LEU A 611 5.50 17.23 5.48
CA LEU A 611 4.23 17.39 4.78
C LEU A 611 3.44 16.08 4.78
N LEU A 612 4.07 14.99 4.33
CA LEU A 612 3.37 13.72 4.25
C LEU A 612 2.97 13.24 5.63
N ASP A 613 3.88 13.37 6.61
CA ASP A 613 3.57 12.97 7.98
C ASP A 613 2.36 13.71 8.53
N LYS A 614 2.32 15.03 8.32
CA LYS A 614 1.19 15.82 8.79
C LYS A 614 -0.10 15.37 8.10
N ALA A 615 -0.03 15.08 6.80
CA ALA A 615 -1.22 14.62 6.10
C ALA A 615 -1.69 13.27 6.63
N ASN A 616 -0.76 12.42 7.06
CA ASN A 616 -1.16 11.12 7.60
C ASN A 616 -1.86 11.29 8.94
N LEU A 617 -1.35 12.17 9.80
CA LEU A 617 -2.03 12.48 11.05
C LEU A 617 -3.39 13.09 10.79
N LEU A 618 -3.55 13.79 9.68
CA LEU A 618 -4.85 14.34 9.36
C LEU A 618 -5.79 13.34 8.68
N THR A 619 -5.39 12.06 8.56
CA THR A 619 -6.16 10.99 7.88
C THR A 619 -6.39 11.28 6.39
N LEU A 620 -5.57 12.13 5.77
CA LEU A 620 -5.78 12.56 4.40
C LEU A 620 -5.17 11.59 3.38
N SER A 621 -5.87 11.39 2.27
CA SER A 621 -5.33 10.67 1.12
C SER A 621 -4.35 11.55 0.36
N ALA A 622 -3.57 10.92 -0.51
CA ALA A 622 -2.67 11.68 -1.38
C ALA A 622 -3.41 12.70 -2.24
N PRO A 623 -4.49 12.35 -2.97
CA PRO A 623 -5.27 13.39 -3.67
C PRO A 623 -5.85 14.45 -2.75
N GLU A 624 -6.16 14.11 -1.49
CA GLU A 624 -6.76 15.12 -0.62
C GLU A 624 -5.73 16.13 -0.17
N MET A 625 -4.54 15.66 0.20
CA MET A 625 -3.45 16.58 0.52
C MET A 625 -3.18 17.54 -0.64
N THR A 626 -3.11 16.99 -1.85
CA THR A 626 -2.76 17.79 -3.02
C THR A 626 -3.75 18.93 -3.23
N VAL A 627 -5.03 18.59 -3.33
CA VAL A 627 -6.04 19.62 -3.54
C VAL A 627 -6.10 20.59 -2.36
N LEU A 628 -5.80 20.11 -1.14
CA LEU A 628 -5.79 20.99 0.02
C LEU A 628 -4.65 21.99 -0.08
N VAL A 629 -3.44 21.52 -0.37
CA VAL A 629 -2.31 22.44 -0.49
C VAL A 629 -2.58 23.48 -1.56
N GLY A 630 -3.00 23.03 -2.74
CA GLY A 630 -3.26 23.96 -3.82
C GLY A 630 -4.30 25.00 -3.44
N GLY A 631 -5.41 24.55 -2.84
CA GLY A 631 -6.44 25.47 -2.42
C GLY A 631 -5.94 26.49 -1.42
N LEU A 632 -5.22 26.02 -0.39
CA LEU A 632 -4.89 26.91 0.73
C LEU A 632 -3.91 28.00 0.32
N ARG A 633 -2.96 27.68 -0.57
CA ARG A 633 -2.06 28.69 -1.11
C ARG A 633 -2.86 29.86 -1.69
N VAL A 634 -3.76 29.57 -2.64
CA VAL A 634 -4.46 30.64 -3.33
C VAL A 634 -5.48 31.33 -2.45
N LEU A 635 -5.70 30.85 -1.23
CA LEU A 635 -6.63 31.50 -0.31
C LEU A 635 -5.94 32.39 0.70
N GLY A 636 -4.65 32.18 0.94
CA GLY A 636 -3.92 33.00 1.87
C GLY A 636 -3.61 32.36 3.20
N ALA A 637 -3.78 31.05 3.32
CA ALA A 637 -3.59 30.33 4.57
C ALA A 637 -2.14 30.29 5.03
N ASN A 638 -1.23 30.87 4.29
CA ASN A 638 0.17 30.72 4.66
C ASN A 638 0.49 31.48 5.94
N TYR A 639 1.25 30.80 6.81
CA TYR A 639 1.92 31.41 7.93
C TYR A 639 2.57 32.71 7.50
N LYS A 640 2.16 33.82 8.14
CA LYS A 640 2.67 35.15 7.87
C LYS A 640 2.39 35.60 6.44
N ARG A 641 1.36 35.03 5.82
CA ARG A 641 0.88 35.46 4.50
C ARG A 641 2.02 35.46 3.48
N LEU A 642 2.96 34.50 3.62
CA LEU A 642 4.12 34.46 2.76
C LEU A 642 3.73 34.16 1.30
N PRO A 643 4.56 34.59 0.34
CA PRO A 643 4.24 34.33 -1.07
C PRO A 643 4.63 32.93 -1.53
N LEU A 644 5.46 32.23 -0.76
CA LEU A 644 5.96 30.92 -1.18
C LEU A 644 4.80 30.02 -1.61
N GLY A 645 4.81 29.63 -2.89
CA GLY A 645 3.80 28.77 -3.43
C GLY A 645 2.52 29.44 -3.84
N VAL A 646 2.39 30.75 -3.62
CA VAL A 646 1.13 31.42 -3.92
C VAL A 646 1.08 31.74 -5.42
N PHE A 647 0.90 30.69 -6.25
CA PHE A 647 1.10 30.78 -7.69
C PHE A 647 -0.19 31.23 -8.40
N THR A 648 -0.63 32.44 -8.06
CA THR A 648 -1.85 32.99 -8.67
C THR A 648 -1.71 34.49 -8.84
N GLU A 649 -2.36 35.00 -9.89
CA GLU A 649 -2.46 36.43 -10.08
C GLU A 649 -3.52 37.03 -9.17
N ALA A 650 -4.58 36.28 -8.89
CA ALA A 650 -5.75 36.78 -8.19
C ALA A 650 -5.53 36.76 -6.69
N SER A 651 -6.27 37.64 -6.01
CA SER A 651 -6.29 37.72 -4.55
C SER A 651 -7.56 37.08 -4.03
N GLU A 652 -7.41 36.13 -3.11
CA GLU A 652 -8.52 35.44 -2.43
C GLU A 652 -9.59 35.01 -3.43
N SER A 653 -9.14 34.21 -4.39
CA SER A 653 -9.99 33.58 -5.39
C SER A 653 -9.65 32.10 -5.39
N LEU A 654 -10.66 31.26 -5.63
CA LEU A 654 -10.48 29.81 -5.48
C LEU A 654 -10.31 29.17 -6.86
N THR A 655 -9.07 29.17 -7.36
CA THR A 655 -8.74 28.63 -8.67
C THR A 655 -7.81 27.43 -8.50
N ASN A 656 -7.69 26.67 -9.57
CA ASN A 656 -6.63 25.66 -9.60
C ASN A 656 -5.29 26.25 -10.05
N ASP A 657 -5.12 27.59 -9.95
CA ASP A 657 -3.94 28.28 -10.46
C ASP A 657 -2.64 27.64 -9.99
N PHE A 658 -2.58 27.26 -8.72
CA PHE A 658 -1.37 26.64 -8.18
C PHE A 658 -0.93 25.46 -9.03
N PHE A 659 -1.88 24.61 -9.44
CA PHE A 659 -1.51 23.44 -10.22
C PHE A 659 -1.09 23.85 -11.62
N VAL A 660 -1.85 24.76 -12.25
CA VAL A 660 -1.53 25.20 -13.60
C VAL A 660 -0.14 25.83 -13.63
N ASN A 661 0.18 26.71 -12.68
CA ASN A 661 1.46 27.38 -12.78
C ASN A 661 2.61 26.46 -12.39
N LEU A 662 2.35 25.48 -11.54
CA LEU A 662 3.41 24.55 -11.15
C LEU A 662 3.91 23.76 -12.36
N LEU A 663 3.02 23.53 -13.33
CA LEU A 663 3.27 22.74 -14.53
C LEU A 663 3.71 23.59 -15.73
N ASP A 664 4.04 24.86 -15.51
CA ASP A 664 4.31 25.80 -16.59
C ASP A 664 5.78 25.71 -16.98
N MET A 665 6.08 24.93 -18.03
CA MET A 665 7.48 24.75 -18.39
C MET A 665 8.17 26.06 -18.78
N GLY A 666 7.42 27.15 -18.94
CA GLY A 666 8.01 28.47 -19.16
C GLY A 666 8.76 29.04 -17.96
N ILE A 667 8.60 28.44 -16.79
CA ILE A 667 9.25 28.86 -15.57
C ILE A 667 10.44 27.96 -15.32
N THR A 668 11.58 28.55 -14.94
CA THR A 668 12.77 27.79 -14.58
C THR A 668 13.01 27.99 -13.09
N TRP A 669 13.21 26.90 -12.37
CA TRP A 669 13.35 26.96 -10.93
C TRP A 669 14.81 26.81 -10.55
N GLU A 670 15.23 27.55 -9.53
CA GLU A 670 16.59 27.48 -9.00
C GLU A 670 16.55 27.79 -7.53
N PRO A 671 17.39 27.17 -6.72
CA PRO A 671 17.41 27.48 -5.29
C PRO A 671 17.73 28.94 -5.04
N SER A 672 17.08 29.51 -4.04
CA SER A 672 17.29 30.90 -3.70
C SER A 672 18.76 31.10 -3.35
N PRO A 673 19.35 32.24 -3.71
CA PRO A 673 20.72 32.52 -3.30
C PRO A 673 20.95 32.45 -1.79
N ALA A 674 19.94 32.76 -0.98
CA ALA A 674 20.13 32.97 0.45
C ALA A 674 20.02 31.68 1.28
N ASP A 675 19.97 30.51 0.63
CA ASP A 675 19.90 29.21 1.31
C ASP A 675 18.71 29.11 2.27
N ASP A 676 17.62 29.83 2.01
CA ASP A 676 16.47 29.78 2.89
C ASP A 676 15.78 28.42 2.89
N GLY A 677 16.16 27.50 2.02
CA GLY A 677 15.18 26.53 1.60
C GLY A 677 14.08 27.16 0.80
N THR A 678 14.33 28.35 0.26
CA THR A 678 13.50 29.02 -0.71
C THR A 678 14.03 28.75 -2.11
N TYR A 679 13.13 28.72 -3.08
CA TYR A 679 13.47 28.69 -4.47
C TYR A 679 12.85 29.88 -5.18
N GLN A 680 13.52 30.34 -6.24
CA GLN A 680 12.94 31.28 -7.20
C GLN A 680 12.63 30.57 -8.51
N GLY A 681 11.51 30.97 -9.14
CA GLY A 681 11.16 30.55 -10.47
C GLY A 681 11.04 31.74 -11.41
N LYS A 682 11.90 31.80 -12.41
CA LYS A 682 12.02 32.92 -13.34
C LYS A 682 11.32 32.62 -14.65
N ASP A 683 10.90 33.67 -15.35
CA ASP A 683 10.26 33.54 -16.65
C ASP A 683 11.32 33.51 -17.75
N GLY A 684 10.95 33.87 -18.98
CA GLY A 684 11.93 33.98 -20.04
C GLY A 684 12.89 35.14 -19.82
N SER A 685 12.39 36.25 -19.29
CA SER A 685 13.19 37.46 -19.10
C SER A 685 14.18 37.33 -17.96
N GLY A 686 14.21 36.21 -17.24
CA GLY A 686 15.08 36.08 -16.09
C GLY A 686 14.61 36.83 -14.86
N LYS A 687 13.48 37.54 -14.97
CA LYS A 687 12.88 38.16 -13.81
C LYS A 687 12.25 37.09 -12.92
N VAL A 688 12.47 37.21 -11.61
CA VAL A 688 11.82 36.32 -10.66
C VAL A 688 10.32 36.51 -10.78
N LYS A 689 9.61 35.41 -11.03
CA LYS A 689 8.16 35.41 -11.19
C LYS A 689 7.44 34.69 -10.05
N TRP A 690 8.09 33.72 -9.42
CA TRP A 690 7.48 32.94 -8.36
C TRP A 690 8.57 32.58 -7.36
N THR A 691 8.16 32.39 -6.10
CA THR A 691 9.02 31.77 -5.11
C THR A 691 8.25 30.63 -4.45
N GLY A 692 8.99 29.72 -3.82
CA GLY A 692 8.36 28.57 -3.20
C GLY A 692 9.30 27.83 -2.26
N SER A 693 8.70 27.12 -1.30
CA SER A 693 9.42 26.25 -0.39
C SER A 693 9.70 24.91 -1.06
N ARG A 694 10.41 24.03 -0.35
CA ARG A 694 10.47 22.63 -0.79
C ARG A 694 9.09 22.02 -0.83
N VAL A 695 8.22 22.39 0.10
CA VAL A 695 6.90 21.80 0.14
C VAL A 695 6.18 22.07 -1.16
N ASP A 696 6.29 23.30 -1.66
CA ASP A 696 5.59 23.67 -2.89
C ASP A 696 6.08 22.86 -4.09
N LEU A 697 7.41 22.76 -4.24
CA LEU A 697 8.01 22.20 -5.44
C LEU A 697 8.02 20.68 -5.46
N VAL A 698 7.78 20.02 -4.32
CA VAL A 698 7.74 18.56 -4.35
C VAL A 698 6.58 18.08 -5.20
N PHE A 699 5.53 18.89 -5.34
CA PHE A 699 4.40 18.49 -6.14
C PHE A 699 4.70 18.53 -7.64
N GLY A 700 5.69 19.34 -8.05
CA GLY A 700 6.17 19.33 -9.42
C GLY A 700 7.32 18.37 -9.67
N SER A 701 7.97 17.91 -8.61
CA SER A 701 9.18 17.10 -8.72
C SER A 701 8.93 15.62 -8.49
N ASN A 702 8.14 15.28 -7.48
CA ASN A 702 7.79 13.88 -7.21
C ASN A 702 6.92 13.34 -8.33
N SER A 703 7.30 12.17 -8.86
CA SER A 703 6.61 11.66 -10.05
C SER A 703 5.15 11.33 -9.77
N GLU A 704 4.83 10.94 -8.53
CA GLU A 704 3.47 10.56 -8.17
C GLU A 704 2.62 11.76 -7.78
N LEU A 705 3.22 12.79 -7.16
CA LEU A 705 2.48 14.01 -6.89
C LEU A 705 2.19 14.77 -8.17
N ARG A 706 3.18 14.86 -9.06
CA ARG A 706 2.98 15.58 -10.32
C ARG A 706 1.85 14.95 -11.13
N ALA A 707 1.70 13.62 -11.04
CA ALA A 707 0.55 12.97 -11.66
C ALA A 707 -0.77 13.55 -11.14
N LEU A 708 -0.86 13.74 -9.83
CA LEU A 708 -2.06 14.31 -9.25
C LEU A 708 -2.20 15.77 -9.67
N VAL A 709 -1.10 16.53 -9.57
CA VAL A 709 -1.12 17.93 -9.98
C VAL A 709 -1.67 18.07 -11.39
N GLU A 710 -1.26 17.18 -12.30
CA GLU A 710 -1.66 17.28 -13.69
C GLU A 710 -3.14 17.03 -13.87
N VAL A 711 -3.74 16.21 -12.99
CA VAL A 711 -5.20 16.07 -12.98
C VAL A 711 -5.87 17.42 -12.73
N TYR A 712 -5.43 18.11 -11.69
CA TYR A 712 -6.08 19.34 -11.27
C TYR A 712 -5.59 20.56 -12.04
N GLY A 713 -4.53 20.43 -12.83
CA GLY A 713 -3.97 21.49 -13.64
C GLY A 713 -4.47 21.57 -15.07
N ALA A 714 -5.37 20.69 -15.48
CA ALA A 714 -5.82 20.67 -16.87
C ALA A 714 -6.98 21.63 -17.08
N ASP A 715 -7.30 21.85 -18.35
CA ASP A 715 -8.28 22.87 -18.72
C ASP A 715 -9.68 22.54 -18.19
N ASP A 716 -10.04 21.26 -18.16
CA ASP A 716 -11.36 20.81 -17.73
C ASP A 716 -11.41 20.47 -16.24
N ALA A 717 -10.53 21.05 -15.43
CA ALA A 717 -10.38 20.63 -14.04
C ALA A 717 -10.90 21.62 -13.01
N GLN A 718 -11.25 22.85 -13.40
CA GLN A 718 -11.59 23.84 -12.38
C GLN A 718 -12.80 23.43 -11.55
N PRO A 719 -13.94 23.06 -12.12
CA PRO A 719 -15.05 22.60 -11.26
C PRO A 719 -14.72 21.37 -10.44
N LYS A 720 -13.95 20.42 -10.97
CA LYS A 720 -13.60 19.24 -10.16
C LYS A 720 -12.70 19.62 -9.00
N PHE A 721 -11.69 20.48 -9.23
CA PHE A 721 -10.83 20.92 -8.14
C PHE A 721 -11.66 21.53 -7.02
N VAL A 722 -12.59 22.41 -7.36
CA VAL A 722 -13.36 23.08 -6.32
C VAL A 722 -14.17 22.04 -5.55
N GLN A 723 -14.90 21.19 -6.30
CA GLN A 723 -15.71 20.16 -5.66
C GLN A 723 -14.86 19.31 -4.73
N ASP A 724 -13.71 18.84 -5.23
CA ASP A 724 -12.83 18.01 -4.40
C ASP A 724 -12.20 18.81 -3.28
N PHE A 725 -11.90 20.09 -3.50
CA PHE A 725 -11.32 20.88 -2.41
C PHE A 725 -12.31 21.02 -1.25
N VAL A 726 -13.57 21.32 -1.58
CA VAL A 726 -14.60 21.47 -0.55
C VAL A 726 -14.75 20.19 0.25
N ALA A 727 -14.88 19.05 -0.44
CA ALA A 727 -15.10 17.79 0.28
C ALA A 727 -13.93 17.44 1.20
N ALA A 728 -12.70 17.76 0.77
CA ALA A 728 -11.56 17.55 1.66
C ALA A 728 -11.50 18.61 2.75
N TRP A 729 -11.96 19.83 2.45
CA TRP A 729 -11.98 20.86 3.46
C TRP A 729 -12.98 20.51 4.55
N ASP A 730 -14.20 20.18 4.13
CA ASP A 730 -15.20 19.68 5.04
C ASP A 730 -14.71 18.47 5.83
N LYS A 731 -13.80 17.66 5.24
CA LYS A 731 -13.28 16.50 5.96
C LYS A 731 -12.38 16.93 7.12
N VAL A 732 -11.57 17.97 6.94
CA VAL A 732 -10.72 18.40 8.03
C VAL A 732 -11.55 19.10 9.10
N MET A 733 -12.58 19.87 8.69
CA MET A 733 -13.42 20.54 9.67
C MET A 733 -14.15 19.55 10.55
N ASN A 734 -14.39 18.34 10.04
CA ASN A 734 -15.21 17.37 10.74
C ASN A 734 -14.41 16.28 11.42
N LEU A 735 -13.07 16.41 11.48
CA LEU A 735 -12.22 15.30 11.92
C LEU A 735 -12.61 14.81 13.31
N ASP A 736 -12.81 15.73 14.25
CA ASP A 736 -13.03 15.35 15.65
C ASP A 736 -14.49 15.14 16.00
N ARG A 737 -15.37 15.10 14.98
CA ARG A 737 -16.81 15.23 15.19
C ARG A 737 -17.48 13.86 15.33
N PHE A 738 -16.94 13.04 16.21
CA PHE A 738 -17.53 11.75 16.55
C PHE A 738 -18.88 11.89 17.27
N ASP A 739 -19.20 13.07 17.80
CA ASP A 739 -20.51 13.28 18.43
C ASP A 739 -21.65 13.16 17.44
N VAL A 740 -21.37 13.31 16.14
CA VAL A 740 -22.37 13.31 15.08
C VAL A 740 -22.10 12.22 14.04
N ARG A 741 -21.34 11.18 14.40
CA ARG A 741 -21.28 9.98 13.53
C ARG A 741 -20.97 8.70 14.32
N GLY B 25 23.71 -0.17 8.55
CA GLY B 25 22.31 -0.53 8.61
C GLY B 25 21.53 0.24 9.68
N HIS B 26 20.41 0.85 9.28
CA HIS B 26 19.58 1.65 10.20
C HIS B 26 18.13 1.65 9.75
N MET B 27 17.24 1.75 10.74
CA MET B 27 15.81 1.79 10.48
C MET B 27 15.38 3.22 10.18
N LYS B 28 14.38 3.34 9.31
CA LYS B 28 13.97 4.64 8.81
C LYS B 28 12.49 4.90 9.08
N TYR B 29 12.15 6.18 9.10
CA TYR B 29 10.76 6.60 9.26
C TYR B 29 9.91 6.01 8.14
N PRO B 30 8.70 5.52 8.45
CA PRO B 30 7.83 4.99 7.38
C PRO B 30 7.68 5.94 6.21
N VAL B 31 7.60 7.25 6.48
CA VAL B 31 7.52 8.24 5.41
C VAL B 31 8.78 8.26 4.54
N GLU B 32 9.89 7.75 5.08
CA GLU B 32 11.16 7.60 4.35
C GLU B 32 11.42 6.14 3.99
N GLY B 33 10.38 5.31 4.02
CA GLY B 33 10.47 3.93 3.59
C GLY B 33 10.66 2.87 4.67
N GLY B 34 10.39 3.19 5.93
CA GLY B 34 10.53 2.20 6.98
C GLY B 34 9.31 1.29 7.07
N GLY B 35 9.54 0.08 7.54
CA GLY B 35 8.46 -0.88 7.65
C GLY B 35 8.97 -2.20 8.20
N ASN B 36 8.07 -3.18 8.20
CA ASN B 36 8.39 -4.50 8.72
C ASN B 36 9.31 -5.30 7.80
N GLN B 37 9.39 -4.96 6.52
CA GLN B 37 10.30 -5.63 5.59
C GLN B 37 11.74 -5.50 6.05
N ASP B 38 12.06 -4.43 6.79
CA ASP B 38 13.42 -4.18 7.23
C ASP B 38 13.84 -5.16 8.33
N TRP B 39 12.90 -5.60 9.17
CA TRP B 39 13.16 -6.56 10.25
C TRP B 39 13.06 -8.01 9.79
N TRP B 40 12.32 -8.27 8.73
CA TRP B 40 12.09 -9.62 8.24
C TRP B 40 12.19 -9.54 6.72
N PRO B 41 13.42 -9.57 6.19
CA PRO B 41 13.65 -9.10 4.81
C PRO B 41 12.94 -9.90 3.73
N ASN B 42 12.74 -11.20 3.92
CA ASN B 42 12.09 -12.03 2.92
C ASN B 42 10.71 -12.47 3.36
N ARG B 43 9.94 -11.58 3.96
CA ARG B 43 8.59 -11.94 4.36
C ARG B 43 7.62 -11.72 3.20
N LEU B 44 6.56 -12.51 3.20
CA LEU B 44 5.46 -12.29 2.28
C LEU B 44 5.05 -10.83 2.30
N ASN B 45 4.76 -10.27 1.13
CA ASN B 45 4.35 -8.88 1.01
C ASN B 45 2.93 -8.83 0.45
N LEU B 46 1.95 -8.83 1.35
CA LEU B 46 0.57 -8.72 0.89
C LEU B 46 0.26 -7.38 0.25
N LYS B 47 1.15 -6.40 0.34
CA LYS B 47 0.85 -5.16 -0.37
C LYS B 47 0.77 -5.35 -1.88
N VAL B 48 1.23 -6.49 -2.39
CA VAL B 48 1.05 -6.86 -3.78
C VAL B 48 -0.41 -7.14 -4.13
N LEU B 49 -1.27 -7.45 -3.14
CA LEU B 49 -2.69 -7.67 -3.41
C LEU B 49 -3.56 -6.41 -3.27
N HIS B 50 -2.97 -5.25 -3.06
CA HIS B 50 -3.76 -4.01 -3.14
C HIS B 50 -2.99 -2.94 -3.92
N GLN B 51 -2.56 -3.29 -5.13
CA GLN B 51 -1.89 -2.30 -5.96
C GLN B 51 -2.90 -1.27 -6.44
N ASN B 52 -2.47 0.01 -6.44
CA ASN B 52 -3.26 1.09 -7.00
C ASN B 52 -4.60 1.18 -6.28
N PRO B 53 -4.62 1.38 -4.97
CA PRO B 53 -5.88 1.33 -4.24
C PRO B 53 -6.69 2.59 -4.47
N ALA B 54 -8.01 2.44 -4.33
CA ALA B 54 -8.93 3.50 -4.73
C ALA B 54 -8.64 4.80 -3.99
N VAL B 55 -8.15 4.71 -2.75
CA VAL B 55 -7.93 5.92 -1.95
C VAL B 55 -6.88 6.81 -2.61
N ALA B 56 -5.92 6.21 -3.32
CA ALA B 56 -4.91 7.00 -4.00
C ALA B 56 -5.35 7.50 -5.38
N ASP B 57 -6.50 7.05 -5.89
CA ASP B 57 -6.95 7.50 -7.22
C ASP B 57 -7.70 8.82 -7.10
N PRO B 58 -7.24 9.89 -7.77
CA PRO B 58 -7.89 11.19 -7.63
C PRO B 58 -9.21 11.33 -8.35
N MET B 59 -9.55 10.44 -9.28
CA MET B 59 -10.87 10.55 -9.90
C MET B 59 -11.94 9.97 -8.97
N GLY B 60 -13.19 10.31 -9.24
CA GLY B 60 -14.28 9.77 -8.46
C GLY B 60 -14.44 8.28 -8.68
N ALA B 61 -15.30 7.66 -7.85
CA ALA B 61 -15.58 6.25 -8.01
C ALA B 61 -16.40 5.98 -9.27
N ALA B 62 -17.15 6.97 -9.74
CA ALA B 62 -17.96 6.85 -10.95
C ALA B 62 -17.15 7.03 -12.26
N PHE B 63 -15.82 7.18 -12.18
CA PHE B 63 -15.04 7.56 -13.35
C PHE B 63 -14.89 6.39 -14.29
N ASP B 64 -15.03 6.65 -15.57
CA ASP B 64 -14.97 5.58 -16.55
C ASP B 64 -14.18 6.12 -17.74
N TYR B 65 -12.87 5.80 -17.79
CA TYR B 65 -12.02 6.32 -18.86
C TYR B 65 -12.55 5.94 -20.23
N ALA B 66 -12.95 4.68 -20.42
CA ALA B 66 -13.51 4.25 -21.69
C ALA B 66 -14.60 5.21 -22.14
N ALA B 67 -15.49 5.61 -21.22
CA ALA B 67 -16.54 6.55 -21.58
C ALA B 67 -15.95 7.90 -22.01
N GLU B 68 -14.81 8.29 -21.45
CA GLU B 68 -14.30 9.63 -21.73
C GLU B 68 -13.59 9.68 -23.08
N VAL B 69 -12.70 8.70 -23.36
CA VAL B 69 -11.98 8.68 -24.65
C VAL B 69 -12.94 8.46 -25.76
N ALA B 70 -13.98 7.67 -25.52
CA ALA B 70 -14.94 7.38 -26.57
C ALA B 70 -15.47 8.66 -27.21
N THR B 71 -15.43 9.78 -26.50
CA THR B 71 -15.96 11.05 -26.98
C THR B 71 -14.87 12.05 -27.35
N ILE B 72 -13.58 11.63 -27.47
CA ILE B 72 -12.50 12.53 -27.87
C ILE B 72 -12.58 12.82 -29.36
N ASP B 73 -12.16 14.02 -29.74
CA ASP B 73 -12.06 14.39 -31.15
C ASP B 73 -10.67 13.97 -31.61
N VAL B 74 -10.58 12.82 -32.30
CA VAL B 74 -9.27 12.27 -32.66
C VAL B 74 -8.56 13.18 -33.66
N ASP B 75 -9.30 13.64 -34.69
CA ASP B 75 -8.75 14.58 -35.66
C ASP B 75 -8.10 15.79 -34.98
N ALA B 76 -8.81 16.42 -34.04
CA ALA B 76 -8.23 17.56 -33.33
C ALA B 76 -7.06 17.14 -32.46
N LEU B 77 -7.18 16.00 -31.75
CA LEU B 77 -6.04 15.46 -31.01
C LEU B 77 -4.80 15.30 -31.90
N THR B 78 -4.99 14.87 -33.15
CA THR B 78 -3.85 14.66 -34.04
C THR B 78 -3.18 15.97 -34.42
N ARG B 79 -3.99 16.96 -34.81
CA ARG B 79 -3.44 18.28 -35.16
C ARG B 79 -2.67 18.87 -34.00
N ASP B 80 -3.21 18.80 -32.79
CA ASP B 80 -2.47 19.35 -31.65
C ASP B 80 -1.17 18.60 -31.41
N ILE B 81 -1.17 17.29 -31.64
CA ILE B 81 0.07 16.54 -31.47
C ILE B 81 1.06 16.91 -32.57
N GLU B 82 0.58 16.96 -33.80
CA GLU B 82 1.41 17.49 -34.89
C GLU B 82 1.91 18.89 -34.58
N GLU B 83 1.05 19.70 -33.97
CA GLU B 83 1.49 21.04 -33.60
C GLU B 83 2.67 20.97 -32.62
N VAL B 84 2.61 20.07 -31.64
CA VAL B 84 3.72 19.99 -30.69
C VAL B 84 4.98 19.48 -31.38
N MET B 85 4.84 18.55 -32.33
CA MET B 85 6.03 17.90 -32.87
C MET B 85 6.92 18.88 -33.61
N THR B 86 6.32 19.90 -34.23
CA THR B 86 7.05 20.92 -34.98
C THR B 86 7.22 22.22 -34.19
N THR B 87 7.09 22.19 -32.87
CA THR B 87 7.22 23.42 -32.11
C THR B 87 8.28 23.20 -31.05
N SER B 88 9.49 23.66 -31.36
CA SER B 88 10.66 23.34 -30.57
C SER B 88 10.68 24.12 -29.25
N GLN B 89 10.98 23.42 -28.16
CA GLN B 89 11.01 24.23 -26.95
C GLN B 89 12.44 24.49 -26.53
N PRO B 90 12.71 25.69 -26.03
CA PRO B 90 14.10 26.05 -25.70
C PRO B 90 14.78 25.10 -24.74
N TRP B 91 14.03 24.45 -23.84
CA TRP B 91 14.60 23.56 -22.84
C TRP B 91 14.95 22.19 -23.39
N TRP B 92 14.58 21.89 -24.66
CA TRP B 92 14.97 20.67 -25.34
C TRP B 92 14.71 20.80 -26.84
N PRO B 93 15.48 21.62 -27.56
CA PRO B 93 15.15 21.91 -28.96
C PRO B 93 15.12 20.63 -29.79
N ALA B 94 14.28 20.67 -30.84
CA ALA B 94 13.97 19.50 -31.64
C ALA B 94 14.96 19.30 -32.78
N ASP B 95 15.68 18.17 -32.77
CA ASP B 95 16.45 17.73 -33.91
C ASP B 95 15.66 17.94 -35.18
N TYR B 96 16.27 18.60 -36.16
CA TYR B 96 15.68 18.79 -37.49
C TYR B 96 14.30 19.46 -37.41
N GLY B 97 14.09 20.24 -36.35
CA GLY B 97 12.83 20.88 -36.05
C GLY B 97 11.63 19.93 -36.00
N HIS B 98 11.79 18.78 -35.37
CA HIS B 98 10.72 17.78 -35.40
C HIS B 98 10.95 16.76 -34.29
N TYR B 99 10.06 16.77 -33.30
CA TYR B 99 10.10 15.85 -32.17
C TYR B 99 9.62 14.46 -32.52
N GLY B 100 9.03 14.30 -33.71
CA GLY B 100 8.49 13.04 -34.17
C GLY B 100 9.36 11.83 -33.92
N PRO B 101 10.64 11.89 -34.29
CA PRO B 101 11.51 10.73 -34.00
C PRO B 101 11.65 10.45 -32.52
N LEU B 102 11.85 11.49 -31.71
CA LEU B 102 11.94 11.32 -30.26
C LEU B 102 10.68 10.66 -29.70
N PHE B 103 9.51 10.97 -30.27
CA PHE B 103 8.27 10.40 -29.77
C PHE B 103 8.13 8.95 -30.19
N ILE B 104 8.70 8.56 -31.33
CA ILE B 104 8.70 7.15 -31.72
C ILE B 104 9.52 6.33 -30.74
N ARG B 105 10.72 6.81 -30.42
CA ARG B 105 11.49 6.12 -29.40
C ARG B 105 10.70 6.03 -28.09
N MET B 106 9.95 7.08 -27.75
CA MET B 106 9.21 7.07 -26.49
C MET B 106 8.13 6.01 -26.51
N ALA B 107 7.36 5.94 -27.59
CA ALA B 107 6.33 4.92 -27.74
C ALA B 107 6.94 3.52 -27.75
N HIS B 109 9.71 2.57 -26.40
CA HIS B 109 10.24 2.17 -25.07
C HIS B 109 9.12 1.88 -24.07
N ALA B 110 8.02 2.65 -24.17
CA ALA B 110 6.86 2.43 -23.31
C ALA B 110 6.35 1.00 -23.48
N ALA B 111 6.02 0.63 -24.73
CA ALA B 111 5.56 -0.73 -25.01
C ALA B 111 6.69 -1.73 -24.87
N GLY B 112 7.93 -1.28 -25.04
CA GLY B 112 9.08 -2.17 -25.13
C GLY B 112 9.49 -2.84 -23.83
N THR B 113 8.91 -2.45 -22.68
CA THR B 113 9.21 -3.19 -21.45
C THR B 113 8.41 -4.48 -21.32
N TYR B 114 7.49 -4.76 -22.25
CA TYR B 114 6.64 -5.93 -22.15
C TYR B 114 7.45 -7.23 -22.21
N ARG B 115 7.05 -8.22 -21.42
CA ARG B 115 7.64 -9.54 -21.55
C ARG B 115 6.58 -10.62 -21.44
N ILE B 116 6.78 -11.71 -22.18
CA ILE B 116 5.72 -12.71 -22.31
C ILE B 116 5.62 -13.59 -21.07
N HIS B 117 6.70 -13.78 -20.33
CA HIS B 117 6.68 -14.83 -19.30
C HIS B 117 5.56 -14.60 -18.29
N ASP B 118 5.37 -13.35 -17.87
CA ASP B 118 4.29 -13.02 -16.95
C ASP B 118 3.34 -11.94 -17.46
N GLY B 119 3.48 -11.49 -18.71
CA GLY B 119 2.60 -10.47 -19.28
C GLY B 119 2.80 -9.05 -18.79
N ARG B 120 3.78 -8.82 -17.91
CA ARG B 120 3.96 -7.52 -17.30
C ARG B 120 4.75 -6.57 -18.21
N GLY B 121 4.91 -5.33 -17.76
CA GLY B 121 5.56 -4.32 -18.57
C GLY B 121 4.63 -3.94 -19.71
N GLY B 122 5.18 -3.23 -20.70
CA GLY B 122 4.38 -2.72 -21.79
C GLY B 122 3.79 -1.36 -21.46
N ALA B 123 3.06 -0.82 -22.45
CA ALA B 123 2.55 0.55 -22.40
C ALA B 123 1.16 0.68 -21.77
N GLY B 124 0.54 -0.44 -21.39
CA GLY B 124 -0.89 -0.45 -21.06
C GLY B 124 -1.29 0.43 -19.88
N GLY B 125 -0.41 0.58 -18.90
CA GLY B 125 -0.67 1.43 -17.74
C GLY B 125 0.11 2.73 -17.70
N GLY B 126 0.79 3.09 -18.79
CA GLY B 126 1.60 4.31 -18.83
C GLY B 126 2.67 4.37 -17.76
N MET B 127 3.24 3.21 -17.41
CA MET B 127 4.17 3.15 -16.28
C MET B 127 5.46 3.93 -16.50
N GLN B 128 5.79 4.28 -17.75
CA GLN B 128 7.00 5.05 -18.03
C GLN B 128 7.04 6.40 -17.30
N ARG B 129 5.90 6.97 -16.86
CA ARG B 129 5.95 8.21 -16.11
C ARG B 129 6.30 8.02 -14.63
N PHE B 130 6.46 6.78 -14.17
CA PHE B 130 6.66 6.45 -12.76
C PHE B 130 7.94 5.65 -12.57
N ALA B 131 8.45 5.66 -11.34
CA ALA B 131 9.66 4.91 -11.03
C ALA B 131 9.38 3.41 -11.04
N PRO B 132 10.38 2.60 -11.37
CA PRO B 132 11.75 2.99 -11.72
C PRO B 132 11.84 3.37 -13.21
N LEU B 133 10.82 3.07 -14.02
CA LEU B 133 10.97 3.11 -15.47
C LEU B 133 11.36 4.49 -15.98
N ASN B 134 10.90 5.56 -15.34
CA ASN B 134 11.23 6.91 -15.79
C ASN B 134 12.70 7.26 -15.57
N SER B 135 13.43 6.40 -14.86
CA SER B 135 14.82 6.62 -14.52
C SER B 135 15.72 5.54 -15.09
N TRP B 136 15.17 4.64 -15.90
CA TRP B 136 16.00 3.62 -16.52
C TRP B 136 17.05 4.30 -17.41
N PRO B 137 18.31 3.84 -17.37
CA PRO B 137 19.30 4.34 -18.33
C PRO B 137 18.78 4.39 -19.74
N ASP B 138 18.17 3.30 -20.21
CA ASP B 138 17.64 3.24 -21.56
C ASP B 138 16.53 4.25 -21.82
N ASN B 139 15.97 4.86 -20.78
CA ASN B 139 14.92 5.83 -20.93
C ASN B 139 15.39 7.24 -20.70
N ALA B 140 16.68 7.49 -20.81
CA ALA B 140 17.20 8.84 -20.70
C ALA B 140 16.69 9.68 -21.86
N SER B 141 16.36 10.93 -21.56
CA SER B 141 15.80 11.94 -22.47
C SER B 141 14.30 11.83 -22.74
N LEU B 142 13.68 10.76 -22.28
CA LEU B 142 12.27 10.55 -22.38
C LEU B 142 11.56 11.39 -21.33
N ASP B 143 12.23 11.73 -20.26
CA ASP B 143 11.65 12.67 -19.30
C ASP B 143 11.24 13.95 -19.99
N LYS B 144 12.12 14.52 -20.83
CA LYS B 144 11.75 15.70 -21.59
C LYS B 144 10.71 15.38 -22.64
N ALA B 145 10.82 14.22 -23.30
CA ALA B 145 9.84 13.86 -24.31
C ALA B 145 8.43 13.89 -23.73
N ARG B 146 8.22 13.21 -22.60
CA ARG B 146 6.91 13.21 -21.97
C ARG B 146 6.51 14.62 -21.56
N ARG B 147 7.49 15.40 -21.09
CA ARG B 147 7.20 16.76 -20.66
C ARG B 147 6.68 17.60 -21.81
N LEU B 148 7.22 17.39 -23.01
CA LEU B 148 6.81 18.18 -24.15
C LEU B 148 5.33 18.02 -24.46
N LEU B 149 4.70 16.93 -24.02
CA LEU B 149 3.32 16.65 -24.38
C LEU B 149 2.32 17.09 -23.31
N TRP B 150 2.78 17.68 -22.20
CA TRP B 150 1.84 18.28 -21.25
C TRP B 150 0.83 19.21 -21.94
N PRO B 151 1.19 20.05 -22.92
CA PRO B 151 0.17 20.84 -23.63
C PRO B 151 -0.93 20.01 -24.27
N VAL B 152 -0.69 18.75 -24.60
CA VAL B 152 -1.77 17.93 -25.15
C VAL B 152 -2.64 17.35 -24.04
N LYS B 153 -2.01 16.78 -23.00
CA LYS B 153 -2.75 16.27 -21.87
C LYS B 153 -3.57 17.37 -21.22
N LYS B 154 -2.90 18.47 -20.88
CA LYS B 154 -3.54 19.69 -20.39
C LYS B 154 -4.82 20.02 -21.19
N LYS B 155 -4.81 19.82 -22.50
CA LYS B 155 -5.97 20.27 -23.25
C LYS B 155 -7.13 19.28 -23.20
N TYR B 156 -6.85 17.98 -23.29
CA TYR B 156 -7.94 17.02 -23.30
C TYR B 156 -8.27 16.51 -21.92
N GLY B 157 -7.37 16.68 -20.97
CA GLY B 157 -7.67 16.35 -19.58
C GLY B 157 -8.05 14.90 -19.43
N LYS B 158 -9.14 14.67 -18.68
CA LYS B 158 -9.63 13.34 -18.35
C LYS B 158 -10.19 12.61 -19.58
N LYS B 159 -10.24 13.27 -20.73
CA LYS B 159 -10.56 12.54 -21.95
C LYS B 159 -9.40 11.69 -22.44
N LEU B 160 -8.17 11.98 -21.99
CA LEU B 160 -6.98 11.39 -22.60
C LEU B 160 -5.98 10.96 -21.54
N SER B 161 -5.75 9.66 -21.42
CA SER B 161 -4.76 9.18 -20.46
C SER B 161 -3.34 9.44 -20.94
N TRP B 162 -2.44 9.63 -19.98
CA TRP B 162 -1.00 9.64 -20.29
C TRP B 162 -0.61 8.36 -21.02
N ALA B 163 -1.11 7.21 -20.56
CA ALA B 163 -0.84 5.97 -21.27
C ALA B 163 -1.25 6.08 -22.73
N ASP B 164 -2.50 6.47 -23.01
CA ASP B 164 -2.93 6.54 -24.41
C ASP B 164 -2.09 7.56 -25.20
N LEU B 165 -1.81 8.72 -24.60
CA LEU B 165 -1.12 9.78 -25.34
C LEU B 165 0.31 9.40 -25.67
N ILE B 166 1.01 8.74 -24.74
CA ILE B 166 2.44 8.46 -24.91
C ILE B 166 2.63 7.59 -26.15
N VAL B 167 1.83 6.55 -26.27
CA VAL B 167 1.96 5.62 -27.38
C VAL B 167 1.30 6.19 -28.65
N PHE B 168 0.29 7.05 -28.48
CA PHE B 168 -0.35 7.68 -29.63
C PHE B 168 0.51 8.78 -30.23
N ALA B 169 1.32 9.45 -29.40
CA ALA B 169 2.24 10.45 -29.94
C ALA B 169 3.21 9.80 -30.92
N GLY B 170 3.67 8.61 -30.60
CA GLY B 170 4.54 7.89 -31.52
C GLY B 170 3.82 7.48 -32.79
N ASN B 171 2.59 6.99 -32.67
CA ASN B 171 1.84 6.61 -33.85
C ASN B 171 1.58 7.82 -34.74
N CYS B 172 1.21 8.95 -34.12
CA CYS B 172 1.04 10.18 -34.90
C CYS B 172 2.35 10.59 -35.54
N ALA B 173 3.46 10.46 -34.80
CA ALA B 173 4.75 10.80 -35.37
C ALA B 173 4.99 10.03 -36.66
N LEU B 174 4.67 8.74 -36.67
CA LEU B 174 4.89 7.94 -37.86
C LEU B 174 4.11 8.51 -39.04
N GLU B 175 2.81 8.76 -38.88
CA GLU B 175 2.05 9.19 -40.04
C GLU B 175 2.43 10.60 -40.45
N SER B 176 2.79 11.44 -39.49
CA SER B 176 3.28 12.77 -39.82
C SER B 176 4.44 12.72 -40.80
N MET B 177 5.31 11.71 -40.69
CA MET B 177 6.54 11.65 -41.46
C MET B 177 6.47 10.71 -42.66
N GLY B 178 5.26 10.24 -43.01
CA GLY B 178 5.07 9.55 -44.27
C GLY B 178 4.68 8.08 -44.16
N PHE B 179 4.60 7.53 -42.95
CA PHE B 179 4.25 6.12 -42.78
C PHE B 179 2.77 6.01 -42.38
N LYS B 180 2.01 5.32 -43.21
CA LYS B 180 0.61 5.06 -42.88
C LYS B 180 0.58 3.86 -41.95
N THR B 181 0.18 4.10 -40.70
CA THR B 181 0.01 3.02 -39.74
C THR B 181 -1.27 2.26 -40.02
N PHE B 182 -1.34 1.05 -39.46
CA PHE B 182 -2.45 0.11 -39.59
C PHE B 182 -3.71 0.55 -38.83
N GLY B 183 -3.58 1.38 -37.81
CA GLY B 183 -4.69 1.72 -36.94
C GLY B 183 -4.19 1.92 -35.52
N PHE B 184 -5.13 2.24 -34.63
CA PHE B 184 -4.80 2.55 -33.25
C PHE B 184 -6.05 2.43 -32.36
N GLY B 185 -5.86 1.90 -31.15
CA GLY B 185 -6.95 1.73 -30.20
C GLY B 185 -6.73 2.50 -28.91
N PHE B 186 -7.70 3.32 -28.52
CA PHE B 186 -7.57 4.00 -27.25
C PHE B 186 -8.13 3.10 -26.15
N GLY B 187 -7.84 3.45 -24.91
CA GLY B 187 -8.44 2.74 -23.79
C GLY B 187 -7.52 2.40 -22.64
N ARG B 188 -6.23 2.67 -22.77
CA ARG B 188 -5.30 2.45 -21.67
C ARG B 188 -5.66 3.34 -20.47
N VAL B 189 -6.03 2.69 -19.36
CA VAL B 189 -6.46 3.43 -18.18
C VAL B 189 -5.24 3.86 -17.39
N ASP B 190 -5.19 5.16 -17.05
CA ASP B 190 -4.09 5.71 -16.28
C ASP B 190 -4.15 5.23 -14.82
N GLN B 191 -2.98 5.02 -14.24
CA GLN B 191 -2.82 4.66 -12.85
C GLN B 191 -2.07 5.77 -12.13
N TRP B 192 -1.87 5.56 -10.82
CA TRP B 192 -1.46 6.62 -9.91
C TRP B 192 -0.33 6.15 -9.02
N GLU B 193 0.09 4.91 -9.17
CA GLU B 193 1.02 4.29 -8.31
C GLU B 193 1.75 3.28 -9.19
N PRO B 194 3.08 3.38 -9.23
CA PRO B 194 3.90 2.44 -10.01
C PRO B 194 3.52 0.98 -9.82
N ASP B 195 3.19 0.29 -10.91
CA ASP B 195 3.12 -1.15 -10.90
C ASP B 195 4.48 -1.74 -10.48
N GLU B 196 4.51 -2.50 -9.39
CA GLU B 196 5.77 -3.06 -8.90
C GLU B 196 6.06 -4.35 -9.65
N VAL B 197 7.19 -4.37 -10.36
CA VAL B 197 7.58 -5.47 -11.24
C VAL B 197 8.98 -5.91 -10.87
N TYR B 198 9.25 -7.20 -10.98
CA TYR B 198 10.61 -7.72 -10.82
C TYR B 198 11.39 -7.56 -12.12
N TRP B 199 12.41 -6.71 -12.11
CA TRP B 199 13.22 -6.45 -13.30
C TRP B 199 14.57 -7.12 -13.26
N GLY B 200 14.85 -7.91 -12.22
CA GLY B 200 16.13 -8.57 -12.04
C GLY B 200 16.69 -8.33 -10.66
N LYS B 201 17.68 -9.13 -10.32
CA LYS B 201 18.28 -9.03 -8.99
C LYS B 201 19.39 -8.00 -8.91
N GLU B 202 19.79 -7.41 -10.04
CA GLU B 202 20.96 -6.55 -10.06
C GLU B 202 20.62 -5.22 -9.38
N ALA B 203 21.40 -4.87 -8.36
CA ALA B 203 21.28 -3.60 -7.65
C ALA B 203 22.17 -2.51 -8.24
N THR B 204 22.80 -2.79 -9.38
CA THR B 204 23.58 -1.82 -10.14
C THR B 204 22.91 -1.64 -11.50
N TRP B 205 22.64 -0.38 -11.86
CA TRP B 205 22.16 -0.08 -13.20
C TRP B 205 23.13 -0.62 -14.25
N LEU B 206 22.56 -1.24 -15.28
CA LEU B 206 23.27 -1.94 -16.34
C LEU B 206 24.05 -3.15 -15.83
N GLY B 207 23.88 -3.53 -14.56
CA GLY B 207 24.43 -4.80 -14.10
C GLY B 207 23.81 -5.98 -14.81
N ASP B 208 24.58 -7.07 -14.92
CA ASP B 208 24.19 -8.30 -15.61
C ASP B 208 24.50 -9.49 -14.70
N GLU B 209 23.46 -10.07 -14.11
CA GLU B 209 23.57 -11.31 -13.33
C GLU B 209 22.44 -12.27 -13.70
N ARG B 210 22.14 -12.38 -15.00
CA ARG B 210 20.90 -13.01 -15.44
C ARG B 210 21.11 -14.11 -16.48
N TYR B 211 22.35 -14.57 -16.68
CA TYR B 211 22.64 -15.65 -17.62
C TYR B 211 23.32 -16.81 -16.91
N SER B 212 22.82 -18.02 -17.17
CA SER B 212 23.46 -19.28 -16.82
C SER B 212 23.47 -20.15 -18.07
N GLY B 213 23.94 -21.39 -17.92
CA GLY B 213 24.03 -22.26 -19.08
C GLY B 213 24.97 -21.64 -20.09
N LYS B 214 24.60 -21.77 -21.37
CA LYS B 214 25.27 -21.09 -22.50
C LYS B 214 24.34 -19.98 -22.99
N ARG B 215 24.50 -18.78 -22.42
CA ARG B 215 23.69 -17.62 -22.79
C ARG B 215 22.18 -17.87 -22.63
N ASP B 216 21.77 -18.37 -21.48
CA ASP B 216 20.35 -18.53 -21.18
C ASP B 216 19.90 -17.41 -20.24
N LEU B 217 18.97 -16.58 -20.71
CA LEU B 217 18.50 -15.45 -19.92
C LEU B 217 17.49 -15.92 -18.87
N GLU B 218 17.66 -15.46 -17.62
CA GLU B 218 16.77 -15.84 -16.53
C GLU B 218 15.32 -15.43 -16.80
N ASN B 219 14.38 -16.36 -16.60
CA ASN B 219 12.98 -15.93 -16.64
C ASN B 219 12.59 -15.22 -15.33
N PRO B 220 11.71 -14.23 -15.39
CA PRO B 220 10.85 -13.81 -16.50
C PRO B 220 11.47 -12.76 -17.41
N LEU B 221 12.78 -12.53 -17.28
CA LEU B 221 13.37 -11.32 -17.83
C LEU B 221 13.36 -11.35 -19.35
N ALA B 222 13.45 -10.15 -19.95
CA ALA B 222 13.51 -10.03 -21.40
C ALA B 222 14.45 -8.91 -21.83
N ALA B 223 15.35 -8.48 -20.96
CA ALA B 223 16.42 -7.56 -21.32
C ALA B 223 17.74 -8.16 -20.86
N VAL B 224 18.81 -7.83 -21.57
CA VAL B 224 20.14 -8.40 -21.27
C VAL B 224 20.81 -7.79 -20.07
N GLN B 225 20.33 -6.64 -19.56
CA GLN B 225 20.93 -5.92 -18.44
C GLN B 225 19.84 -5.10 -17.76
N MET B 226 20.13 -4.69 -16.53
CA MET B 226 19.16 -3.99 -15.70
C MET B 226 19.01 -2.55 -16.16
N GLY B 227 17.79 -2.19 -16.59
CA GLY B 227 17.53 -0.86 -17.11
C GLY B 227 17.73 -0.70 -18.61
N LEU B 228 17.93 -1.80 -19.34
CA LEU B 228 17.82 -1.82 -20.78
C LEU B 228 16.42 -2.27 -21.19
N ILE B 229 15.94 -1.70 -22.31
CA ILE B 229 14.70 -2.17 -22.92
C ILE B 229 14.86 -3.62 -23.38
N TYR B 230 15.91 -3.89 -24.16
CA TYR B 230 16.17 -5.23 -24.71
C TYR B 230 17.64 -5.64 -24.70
N VAL B 231 18.47 -4.98 -25.52
CA VAL B 231 19.86 -5.39 -25.70
C VAL B 231 20.76 -4.17 -25.57
N ASN B 232 22.04 -4.45 -25.40
CA ASN B 232 23.06 -3.41 -25.30
C ASN B 232 23.38 -2.91 -26.71
N PRO B 233 23.20 -1.60 -27.00
CA PRO B 233 23.40 -1.10 -28.36
C PRO B 233 24.85 -1.15 -28.84
N GLU B 234 25.83 -1.41 -27.96
CA GLU B 234 27.20 -1.67 -28.39
C GLU B 234 27.55 -3.16 -28.32
N GLY B 235 26.57 -4.03 -28.50
CA GLY B 235 26.83 -5.45 -28.51
C GLY B 235 26.87 -6.02 -27.10
N PRO B 236 26.90 -7.35 -27.00
CA PRO B 236 26.88 -8.02 -25.69
C PRO B 236 28.03 -7.52 -24.82
N ASN B 237 27.68 -7.00 -23.64
CA ASN B 237 28.62 -6.52 -22.63
C ASN B 237 29.55 -5.45 -23.19
N GLY B 238 29.05 -4.70 -24.18
CA GLY B 238 29.86 -3.74 -24.91
C GLY B 238 30.85 -4.34 -25.89
N ASN B 239 30.72 -5.64 -26.26
CA ASN B 239 31.53 -6.23 -27.32
C ASN B 239 30.81 -6.00 -28.66
N PRO B 240 31.27 -5.05 -29.48
CA PRO B 240 30.51 -4.57 -30.65
C PRO B 240 30.53 -5.57 -31.81
N ASP B 241 30.09 -6.81 -31.53
CA ASP B 241 30.16 -7.91 -32.47
C ASP B 241 28.77 -8.16 -33.02
N PRO B 242 28.45 -7.68 -34.23
CA PRO B 242 27.08 -7.86 -34.78
C PRO B 242 26.55 -9.28 -34.70
N MET B 243 27.37 -10.28 -35.03
CA MET B 243 26.85 -11.65 -35.03
C MET B 243 26.38 -12.07 -33.64
N ALA B 244 27.17 -11.75 -32.61
CA ALA B 244 26.77 -12.12 -31.25
C ALA B 244 25.61 -11.25 -30.76
N ALA B 245 25.65 -9.95 -31.05
CA ALA B 245 24.52 -9.09 -30.68
C ALA B 245 23.22 -9.70 -31.18
N ALA B 246 23.23 -10.16 -32.45
CA ALA B 246 22.04 -10.73 -33.07
C ALA B 246 21.39 -11.80 -32.19
N VAL B 247 22.19 -12.60 -31.48
CA VAL B 247 21.60 -13.67 -30.68
C VAL B 247 20.80 -13.07 -29.52
N ASP B 248 21.29 -11.97 -28.94
CA ASP B 248 20.54 -11.25 -27.92
C ASP B 248 19.30 -10.59 -28.50
N ILE B 249 19.44 -9.89 -29.63
CA ILE B 249 18.28 -9.26 -30.28
C ILE B 249 17.17 -10.29 -30.46
N ARG B 250 17.51 -11.40 -31.11
CA ARG B 250 16.57 -12.49 -31.33
C ARG B 250 15.87 -12.92 -30.03
N GLU B 251 16.63 -13.13 -28.95
CA GLU B 251 16.02 -13.78 -27.79
C GLU B 251 15.19 -12.82 -26.96
N THR B 252 15.67 -11.58 -26.78
CA THR B 252 14.87 -10.61 -26.04
C THR B 252 13.61 -10.25 -26.81
N PHE B 253 13.71 -10.06 -28.12
CA PHE B 253 12.53 -9.76 -28.91
C PHE B 253 11.59 -10.94 -28.97
N ARG B 254 12.09 -12.15 -28.79
CA ARG B 254 11.19 -13.30 -28.75
C ARG B 254 10.39 -13.28 -27.45
N ARG B 255 11.06 -12.98 -26.33
CA ARG B 255 10.38 -12.84 -25.05
C ARG B 255 9.51 -11.59 -24.99
N MET B 256 9.44 -10.84 -26.08
CA MET B 256 8.52 -9.71 -26.20
C MET B 256 7.59 -9.90 -27.38
N ALA B 257 7.41 -11.17 -27.77
CA ALA B 257 6.38 -11.64 -28.68
C ALA B 257 6.72 -11.40 -30.14
N MET B 258 7.97 -11.09 -30.49
CA MET B 258 8.36 -10.69 -31.84
C MET B 258 9.27 -11.74 -32.50
N ASN B 259 8.83 -12.29 -33.62
CA ASN B 259 9.63 -13.29 -34.31
C ASN B 259 10.70 -12.58 -35.17
N ASP B 260 11.37 -13.33 -36.05
CA ASP B 260 12.48 -12.74 -36.79
C ASP B 260 12.01 -11.61 -37.68
N VAL B 261 10.93 -11.84 -38.44
CA VAL B 261 10.45 -10.85 -39.40
C VAL B 261 9.98 -9.58 -38.68
N GLU B 262 9.18 -9.76 -37.61
CA GLU B 262 8.69 -8.60 -36.85
C GLU B 262 9.85 -7.80 -36.26
N THR B 263 10.86 -8.49 -35.70
CA THR B 263 12.00 -7.80 -35.08
C THR B 263 12.76 -6.91 -36.06
N ALA B 264 13.13 -7.48 -37.21
CA ALA B 264 13.84 -6.74 -38.26
C ALA B 264 12.98 -5.62 -38.83
N ALA B 265 11.71 -5.90 -39.09
CA ALA B 265 10.78 -4.82 -39.43
C ALA B 265 10.81 -3.69 -38.40
N LEU B 266 10.87 -4.03 -37.10
CA LEU B 266 10.80 -3.03 -36.05
C LEU B 266 12.08 -2.19 -36.00
N ILE B 267 13.23 -2.84 -36.02
CA ILE B 267 14.49 -2.11 -35.93
C ILE B 267 14.70 -1.25 -37.17
N VAL B 268 14.45 -1.81 -38.36
CA VAL B 268 14.58 -1.01 -39.58
C VAL B 268 13.63 0.17 -39.53
N GLY B 269 12.33 -0.10 -39.37
CA GLY B 269 11.35 0.98 -39.35
C GLY B 269 11.65 2.00 -38.27
N GLY B 270 12.04 1.54 -37.08
CA GLY B 270 12.44 2.45 -36.03
C GLY B 270 13.55 3.36 -36.48
N HIS B 271 14.69 2.79 -36.87
CA HIS B 271 15.87 3.59 -37.16
C HIS B 271 15.82 4.24 -38.54
N THR B 272 14.71 4.09 -39.23
CA THR B 272 14.43 4.96 -40.36
C THR B 272 14.29 6.41 -39.93
N PHE B 273 14.17 6.66 -38.64
CA PHE B 273 13.89 7.99 -38.11
C PHE B 273 14.97 8.42 -37.13
N GLY B 274 15.23 9.73 -37.12
CA GLY B 274 15.96 10.46 -36.09
C GLY B 274 17.44 10.12 -35.97
N LYS B 275 17.92 10.20 -34.72
CA LYS B 275 19.33 10.02 -34.43
C LYS B 275 19.52 9.66 -32.96
N THR B 276 20.71 9.17 -32.64
CA THR B 276 21.17 8.97 -31.27
C THR B 276 21.85 10.25 -30.75
N HIS B 277 22.18 10.29 -29.47
CA HIS B 277 22.79 11.46 -28.83
C HIS B 277 23.98 11.17 -27.94
N GLY B 278 25.15 11.71 -28.30
CA GLY B 278 26.32 11.62 -27.47
C GLY B 278 27.33 12.69 -27.81
N ALA B 279 26.93 13.97 -27.75
CA ALA B 279 27.79 15.05 -28.22
C ALA B 279 29.01 15.25 -27.33
N GLY B 280 29.00 14.72 -26.10
CA GLY B 280 30.07 14.95 -25.17
C GLY B 280 30.29 13.78 -24.23
N PRO B 281 31.23 13.94 -23.29
CA PRO B 281 31.49 12.87 -22.31
C PRO B 281 30.26 12.64 -21.43
N ALA B 282 30.03 11.36 -21.12
CA ALA B 282 28.82 10.97 -20.38
C ALA B 282 28.87 11.34 -18.90
N ASP B 283 30.06 11.50 -18.30
CA ASP B 283 30.07 11.85 -16.89
C ASP B 283 29.79 13.32 -16.65
N LEU B 284 29.38 14.07 -17.67
CA LEU B 284 28.82 15.39 -17.47
C LEU B 284 27.30 15.36 -17.38
N VAL B 285 26.69 14.17 -17.31
CA VAL B 285 25.25 14.02 -17.24
C VAL B 285 24.86 13.74 -15.80
N GLY B 286 24.02 14.62 -15.24
CA GLY B 286 23.61 14.53 -13.86
C GLY B 286 22.75 13.31 -13.53
N PRO B 287 22.20 13.29 -12.32
CA PRO B 287 21.41 12.14 -11.87
C PRO B 287 20.07 11.97 -12.63
N GLU B 288 19.64 10.71 -12.73
CA GLU B 288 18.38 10.34 -13.38
C GLU B 288 17.19 10.97 -12.62
N PRO B 289 15.99 11.02 -13.23
CA PRO B 289 14.91 11.85 -12.65
C PRO B 289 14.60 11.59 -11.18
N GLU B 290 14.53 10.34 -10.74
CA GLU B 290 14.18 10.07 -9.34
C GLU B 290 15.29 10.43 -8.34
N ALA B 291 16.50 10.74 -8.81
CA ALA B 291 17.57 11.19 -7.92
C ALA B 291 17.89 12.67 -8.09
N ALA B 292 17.12 13.39 -8.94
CA ALA B 292 17.45 14.76 -9.30
C ALA B 292 16.85 15.74 -8.28
N PRO B 293 17.49 16.89 -8.08
CA PRO B 293 16.98 17.85 -7.10
C PRO B 293 15.61 18.38 -7.49
N LEU B 294 14.94 18.98 -6.49
CA LEU B 294 13.55 19.41 -6.63
C LEU B 294 13.38 20.43 -7.75
N GLU B 295 14.33 21.36 -7.89
CA GLU B 295 14.16 22.44 -8.85
C GLU B 295 14.05 21.94 -10.29
N GLN B 296 14.51 20.71 -10.57
CA GLN B 296 14.47 20.18 -11.93
C GLN B 296 13.11 19.61 -12.31
N MET B 297 12.16 19.55 -11.37
CA MET B 297 10.74 19.44 -11.70
C MET B 297 10.41 18.12 -12.40
N GLY B 298 11.03 17.03 -11.95
CA GLY B 298 10.85 15.74 -12.58
C GLY B 298 11.76 15.46 -13.75
N LEU B 299 12.42 16.46 -14.32
CA LEU B 299 13.40 16.22 -15.36
C LEU B 299 14.72 15.76 -14.76
N GLY B 300 15.35 14.76 -15.39
CA GLY B 300 16.63 14.28 -14.93
C GLY B 300 17.73 14.46 -15.97
N TRP B 301 18.90 13.87 -15.71
CA TRP B 301 20.01 13.86 -16.68
C TRP B 301 20.40 15.27 -17.15
N LYS B 302 20.36 16.23 -16.23
CA LYS B 302 20.93 17.55 -16.48
C LYS B 302 22.37 17.40 -16.94
N SER B 303 22.74 18.06 -18.04
CA SER B 303 24.06 17.94 -18.66
C SER B 303 24.80 19.27 -18.58
N SER B 304 26.02 19.23 -18.04
CA SER B 304 26.89 20.40 -18.05
C SER B 304 27.75 20.48 -19.31
N TYR B 305 27.54 19.60 -20.30
CA TYR B 305 28.33 19.63 -21.51
C TYR B 305 27.76 20.65 -22.48
N GLY B 306 28.45 21.76 -22.66
CA GLY B 306 27.96 22.81 -23.55
C GLY B 306 26.67 23.41 -23.03
N THR B 307 25.71 23.58 -23.95
CA THR B 307 24.37 23.98 -23.55
C THR B 307 23.63 22.83 -22.85
N GLY B 308 24.17 21.62 -22.88
CA GLY B 308 23.52 20.48 -22.28
C GLY B 308 22.32 19.96 -23.04
N THR B 309 21.98 20.53 -24.20
CA THR B 309 20.84 20.08 -24.96
C THR B 309 21.15 20.22 -26.44
N GLY B 310 20.18 19.81 -27.27
CA GLY B 310 20.21 20.15 -28.69
C GLY B 310 21.43 19.60 -29.41
N LYS B 311 22.17 20.49 -30.07
CA LYS B 311 23.42 20.09 -30.70
C LYS B 311 24.36 19.41 -29.72
N ASP B 312 24.17 19.66 -28.42
CA ASP B 312 25.04 19.12 -27.38
C ASP B 312 24.43 17.97 -26.61
N ALA B 313 23.33 17.39 -27.11
CA ALA B 313 22.55 16.46 -26.31
C ALA B 313 23.36 15.20 -26.02
N ILE B 314 23.18 14.65 -24.83
CA ILE B 314 23.79 13.37 -24.48
C ILE B 314 22.69 12.49 -23.90
N THR B 315 22.18 11.56 -24.71
CA THR B 315 21.25 10.58 -24.21
C THR B 315 21.98 9.27 -24.00
N SER B 316 22.20 8.52 -25.09
CA SER B 316 22.91 7.23 -25.00
C SER B 316 24.42 7.40 -24.88
N GLY B 317 24.98 8.49 -25.38
CA GLY B 317 26.41 8.56 -25.54
C GLY B 317 26.93 8.03 -26.87
N ILE B 318 26.07 7.44 -27.69
CA ILE B 318 26.37 7.10 -29.07
C ILE B 318 25.96 8.28 -29.96
N GLU B 319 26.68 8.51 -31.06
CA GLU B 319 26.35 9.64 -31.94
C GLU B 319 26.23 9.13 -33.38
N VAL B 320 25.13 8.42 -33.62
CA VAL B 320 24.78 7.85 -34.92
C VAL B 320 23.56 8.60 -35.45
N VAL B 321 23.62 9.00 -36.71
CA VAL B 321 22.42 9.32 -37.51
C VAL B 321 22.33 8.28 -38.60
N TRP B 322 21.20 7.58 -38.68
CA TRP B 322 21.12 6.42 -39.57
C TRP B 322 20.88 6.83 -41.01
N THR B 323 19.83 7.60 -41.25
CA THR B 323 19.44 7.93 -42.61
C THR B 323 19.82 9.37 -42.93
N ASN B 324 19.81 9.69 -44.22
CA ASN B 324 19.95 11.08 -44.65
C ASN B 324 18.63 11.81 -44.63
N THR B 325 17.55 11.10 -44.31
CA THR B 325 16.20 11.64 -44.14
C THR B 325 15.70 11.28 -42.74
N PRO B 326 16.23 11.92 -41.70
CA PRO B 326 15.79 11.54 -40.35
C PRO B 326 14.31 11.77 -40.08
N THR B 327 13.68 12.75 -40.73
CA THR B 327 12.27 13.06 -40.49
C THR B 327 11.35 12.60 -41.63
N LYS B 328 11.71 11.54 -42.33
CA LYS B 328 10.89 11.11 -43.44
C LYS B 328 11.02 9.60 -43.64
N TRP B 329 9.90 8.96 -43.99
CA TRP B 329 9.87 7.53 -44.21
C TRP B 329 10.31 7.23 -45.63
N ASP B 330 11.30 6.35 -45.76
CA ASP B 330 11.82 5.89 -47.05
C ASP B 330 12.66 4.65 -46.80
N ASN B 331 13.35 4.19 -47.84
CA ASN B 331 14.20 3.01 -47.74
C ASN B 331 15.69 3.38 -47.57
N SER B 332 15.97 4.56 -47.01
CA SER B 332 17.35 4.98 -46.86
C SER B 332 18.13 4.10 -45.91
N PHE B 333 17.49 3.52 -44.90
CA PHE B 333 18.22 2.78 -43.89
C PHE B 333 18.84 1.53 -44.48
N LEU B 334 18.08 0.79 -45.29
CA LEU B 334 18.63 -0.42 -45.86
C LEU B 334 19.54 -0.08 -47.02
N GLU B 335 19.30 1.04 -47.68
CA GLU B 335 20.21 1.46 -48.73
C GLU B 335 21.58 1.81 -48.17
N ILE B 336 21.59 2.48 -47.01
CA ILE B 336 22.83 2.85 -46.37
C ILE B 336 23.52 1.62 -45.80
N LEU B 337 22.75 0.76 -45.11
CA LEU B 337 23.30 -0.45 -44.52
C LEU B 337 24.04 -1.31 -45.55
N TYR B 338 23.47 -1.48 -46.74
CA TYR B 338 24.06 -2.34 -47.77
C TYR B 338 24.94 -1.62 -48.78
N GLY B 339 24.77 -0.30 -48.94
CA GLY B 339 25.57 0.47 -49.88
C GLY B 339 26.93 0.91 -49.40
N TYR B 340 27.26 0.65 -48.15
CA TYR B 340 28.57 0.97 -47.61
C TYR B 340 29.20 -0.28 -47.01
N GLU B 341 30.52 -0.25 -46.84
CA GLU B 341 31.20 -1.17 -45.96
C GLU B 341 31.49 -0.45 -44.65
N TRP B 342 31.50 -1.20 -43.56
CA TRP B 342 31.48 -0.62 -42.23
C TRP B 342 32.74 -0.99 -41.47
N GLU B 343 33.16 -0.10 -40.57
CA GLU B 343 34.32 -0.32 -39.72
C GLU B 343 34.10 0.37 -38.38
N LEU B 344 34.75 -0.16 -37.35
CA LEU B 344 34.49 0.23 -35.98
C LEU B 344 35.18 1.54 -35.62
N THR B 345 34.44 2.43 -34.94
CA THR B 345 34.91 3.75 -34.53
C THR B 345 34.33 4.11 -33.16
N LYS B 346 34.67 5.30 -32.64
CA LYS B 346 34.18 5.77 -31.35
C LYS B 346 33.47 7.11 -31.49
N SER B 347 32.31 7.22 -30.82
CA SER B 347 31.54 8.46 -30.75
C SER B 347 32.28 9.45 -29.86
N PRO B 348 31.87 10.73 -29.86
CA PRO B 348 32.55 11.71 -28.98
C PRO B 348 32.59 11.33 -27.51
N ALA B 349 31.61 10.55 -27.03
CA ALA B 349 31.67 10.04 -25.66
C ALA B 349 32.40 8.72 -25.56
N GLY B 350 33.00 8.26 -26.66
CA GLY B 350 33.77 7.03 -26.62
C GLY B 350 32.97 5.76 -26.68
N ALA B 351 31.73 5.80 -27.18
CA ALA B 351 30.96 4.57 -27.35
C ALA B 351 31.23 3.96 -28.72
N TRP B 352 31.18 2.62 -28.77
CA TRP B 352 31.32 1.89 -30.02
C TRP B 352 30.20 2.24 -31.00
N GLN B 353 30.58 2.51 -32.25
CA GLN B 353 29.62 2.58 -33.35
C GLN B 353 30.38 2.19 -34.60
N TYR B 354 29.65 2.07 -35.71
CA TYR B 354 30.28 1.84 -37.00
C TYR B 354 30.12 3.08 -37.87
N THR B 355 31.08 3.26 -38.77
CA THR B 355 31.01 4.32 -39.77
C THR B 355 31.48 3.75 -41.11
N ALA B 356 31.11 4.43 -42.19
CA ALA B 356 31.48 3.96 -43.52
C ALA B 356 33.00 3.96 -43.68
N LYS B 357 33.51 2.97 -44.43
CA LYS B 357 34.92 2.83 -44.74
C LYS B 357 35.33 3.81 -45.84
N ASP B 358 36.64 4.12 -45.87
CA ASP B 358 37.27 4.91 -46.94
C ASP B 358 36.63 6.29 -47.07
N GLY B 359 36.25 6.90 -45.95
CA GLY B 359 35.65 8.22 -45.97
C GLY B 359 34.50 8.39 -46.96
N ALA B 360 33.90 7.28 -47.37
CA ALA B 360 32.75 7.31 -48.25
C ALA B 360 31.58 8.04 -47.61
N GLY B 361 30.64 8.46 -48.46
CA GLY B 361 29.45 9.17 -48.05
C GLY B 361 29.70 10.35 -47.12
N ALA B 362 30.91 10.89 -47.17
CA ALA B 362 31.20 12.03 -46.31
C ALA B 362 30.24 13.15 -46.62
N GLY B 363 29.82 13.85 -45.58
CA GLY B 363 28.85 14.93 -45.71
C GLY B 363 27.47 14.58 -46.25
N THR B 364 27.17 13.33 -46.55
CA THR B 364 25.85 13.08 -47.11
C THR B 364 24.73 13.11 -46.09
N ILE B 365 24.99 13.36 -44.80
CA ILE B 365 23.99 13.11 -43.77
C ILE B 365 23.74 14.38 -42.96
N PRO B 366 22.50 14.88 -42.93
CA PRO B 366 22.24 16.20 -42.35
C PRO B 366 22.36 16.19 -40.83
N ASP B 367 22.76 17.34 -40.30
CA ASP B 367 22.92 17.63 -38.88
C ASP B 367 21.61 18.14 -38.29
N PRO B 368 21.34 17.90 -37.00
CA PRO B 368 20.03 18.26 -36.43
C PRO B 368 19.78 19.76 -36.24
N PHE B 369 20.82 20.62 -36.22
CA PHE B 369 20.66 22.07 -35.94
C PHE B 369 21.59 22.85 -36.85
N GLY B 370 21.12 23.14 -38.08
CA GLY B 370 22.09 23.53 -39.08
C GLY B 370 23.06 22.38 -39.23
N GLY B 371 24.31 22.67 -39.56
CA GLY B 371 25.36 21.70 -39.33
C GLY B 371 26.09 21.16 -40.55
N PRO B 372 27.38 20.92 -40.38
CA PRO B 372 28.28 20.77 -41.54
C PRO B 372 28.00 19.57 -42.42
N GLY B 373 27.09 18.67 -42.06
CA GLY B 373 26.95 17.46 -42.84
C GLY B 373 27.98 16.44 -42.36
N ARG B 374 27.60 15.17 -42.30
CA ARG B 374 28.42 14.15 -41.64
C ARG B 374 28.30 12.86 -42.40
N SER B 375 29.08 11.86 -42.00
CA SER B 375 29.16 10.68 -42.85
C SER B 375 28.45 9.48 -42.22
N PRO B 376 28.12 8.45 -43.00
CA PRO B 376 27.20 7.39 -42.52
C PRO B 376 27.68 6.71 -41.25
N THR B 377 26.73 6.40 -40.37
CA THR B 377 27.00 5.56 -39.21
C THR B 377 25.84 4.59 -38.97
N MET B 378 26.17 3.47 -38.31
CA MET B 378 25.22 2.50 -37.80
C MET B 378 25.66 2.05 -36.42
N LEU B 379 24.72 1.46 -35.67
CA LEU B 379 25.07 0.78 -34.43
C LEU B 379 25.51 -0.66 -34.72
N ALA B 380 26.27 -1.23 -33.78
CA ALA B 380 26.59 -2.66 -33.84
C ALA B 380 25.33 -3.51 -34.04
N THR B 381 24.25 -3.15 -33.34
CA THR B 381 23.03 -3.93 -33.44
C THR B 381 22.33 -3.72 -34.78
N ASP B 382 22.54 -2.58 -35.43
CA ASP B 382 22.05 -2.44 -36.81
C ASP B 382 22.80 -3.36 -37.76
N LEU B 383 24.11 -3.51 -37.59
CA LEU B 383 24.84 -4.41 -38.49
C LEU B 383 24.36 -5.85 -38.36
N SER B 384 23.84 -6.21 -37.18
CA SER B 384 23.30 -7.56 -36.99
C SER B 384 22.27 -7.88 -38.05
N LEU B 385 21.48 -6.88 -38.49
CA LEU B 385 20.46 -7.13 -39.51
C LEU B 385 21.07 -7.60 -40.82
N ARG B 386 22.35 -7.30 -41.04
CA ARG B 386 23.07 -7.63 -42.27
C ARG B 386 24.06 -8.78 -42.09
N VAL B 387 24.72 -8.84 -40.92
CA VAL B 387 25.72 -9.85 -40.63
C VAL B 387 25.09 -11.20 -40.27
N ASP B 388 23.97 -11.20 -39.52
CA ASP B 388 23.33 -12.46 -39.10
C ASP B 388 22.60 -13.09 -40.27
N PRO B 389 22.77 -14.40 -40.51
CA PRO B 389 22.24 -15.04 -41.73
C PRO B 389 20.73 -14.90 -41.89
N ILE B 390 19.97 -15.06 -40.80
CA ILE B 390 18.51 -14.98 -40.88
C ILE B 390 18.07 -13.56 -41.18
N TYR B 391 18.60 -12.58 -40.45
CA TYR B 391 18.21 -11.19 -40.67
C TYR B 391 18.59 -10.72 -42.06
N GLU B 392 19.84 -11.00 -42.49
CA GLU B 392 20.27 -10.60 -43.82
C GLU B 392 19.29 -11.08 -44.88
N ARG B 393 18.92 -12.36 -44.81
CA ARG B 393 17.91 -12.87 -45.72
C ARG B 393 16.66 -11.98 -45.72
N ILE B 394 16.16 -11.59 -44.54
CA ILE B 394 14.97 -10.75 -44.47
C ILE B 394 15.25 -9.35 -44.99
N THR B 395 16.37 -8.77 -44.59
CA THR B 395 16.59 -7.36 -44.89
C THR B 395 17.04 -7.16 -46.33
N ARG B 396 17.70 -8.16 -46.94
CA ARG B 396 18.05 -8.08 -48.35
C ARG B 396 16.79 -8.02 -49.21
N ARG B 397 15.89 -8.96 -48.99
CA ARG B 397 14.56 -8.97 -49.59
C ARG B 397 13.89 -7.59 -49.56
N TRP B 398 13.96 -6.89 -48.42
CA TRP B 398 13.35 -5.55 -48.32
C TRP B 398 14.21 -4.46 -48.96
N LEU B 399 15.54 -4.62 -49.03
CA LEU B 399 16.31 -3.75 -49.91
C LEU B 399 15.77 -3.82 -51.34
N GLU B 400 15.46 -5.01 -51.81
CA GLU B 400 14.98 -5.22 -53.17
C GLU B 400 13.48 -5.06 -53.33
N HIS B 401 12.71 -4.94 -52.23
CA HIS B 401 11.26 -4.84 -52.30
C HIS B 401 10.74 -4.10 -51.08
N PRO B 402 10.99 -2.78 -51.01
CA PRO B 402 10.73 -2.06 -49.75
C PRO B 402 9.26 -1.91 -49.44
N GLU B 403 8.37 -2.17 -50.42
CA GLU B 403 6.96 -2.24 -50.13
C GLU B 403 6.69 -3.30 -49.05
N GLU B 404 7.45 -4.41 -49.08
CA GLU B 404 7.26 -5.47 -48.09
C GLU B 404 7.65 -5.01 -46.70
N LEU B 405 8.69 -4.19 -46.61
CA LEU B 405 9.06 -3.63 -45.31
C LEU B 405 7.92 -2.81 -44.72
N ALA B 406 7.27 -1.97 -45.53
CA ALA B 406 6.22 -1.11 -45.03
C ALA B 406 5.10 -1.93 -44.39
N ASP B 407 4.78 -3.08 -44.98
CA ASP B 407 3.72 -3.90 -44.45
C ASP B 407 4.13 -4.52 -43.12
N GLU B 408 5.31 -5.15 -43.07
CA GLU B 408 5.67 -5.86 -41.86
C GLU B 408 5.86 -4.91 -40.70
N PHE B 409 6.35 -3.70 -40.96
CA PHE B 409 6.49 -2.72 -39.89
C PHE B 409 5.11 -2.25 -39.40
N ALA B 410 4.15 -2.13 -40.31
CA ALA B 410 2.80 -1.76 -39.89
C ALA B 410 2.21 -2.82 -38.95
N LYS B 411 2.19 -4.07 -39.37
CA LYS B 411 1.73 -5.14 -38.48
C LYS B 411 2.51 -5.15 -37.16
N ALA B 412 3.85 -5.11 -37.22
CA ALA B 412 4.64 -5.31 -36.02
C ALA B 412 4.55 -4.13 -35.06
N TRP B 413 4.47 -2.90 -35.58
CA TRP B 413 4.30 -1.74 -34.70
C TRP B 413 2.95 -1.79 -33.99
N TYR B 414 1.91 -2.20 -34.72
CA TYR B 414 0.58 -2.30 -34.14
C TYR B 414 0.54 -3.34 -33.03
N LYS B 415 1.04 -4.54 -33.32
CA LYS B 415 1.24 -5.55 -32.29
C LYS B 415 2.01 -4.95 -31.11
N LEU B 416 3.12 -4.25 -31.39
CA LEU B 416 3.96 -3.73 -30.32
C LEU B 416 3.19 -2.79 -29.41
N ILE B 417 2.48 -1.83 -30.00
CA ILE B 417 1.81 -0.77 -29.25
C ILE B 417 0.53 -1.24 -28.58
N HIS B 418 0.05 -2.46 -28.91
CA HIS B 418 -1.20 -2.97 -28.39
C HIS B 418 -1.08 -4.34 -27.73
N ARG B 419 0.14 -4.86 -27.53
CA ARG B 419 0.26 -6.26 -27.17
C ARG B 419 -0.42 -6.59 -25.85
N ASP B 420 -0.53 -5.61 -24.95
CA ASP B 420 -1.07 -5.86 -23.63
C ASP B 420 -2.45 -5.24 -23.43
N MET B 421 -3.12 -4.83 -24.50
CA MET B 421 -4.44 -4.24 -24.37
C MET B 421 -5.48 -5.25 -23.92
N GLY B 422 -5.24 -6.54 -24.13
CA GLY B 422 -6.22 -7.57 -23.82
C GLY B 422 -7.22 -7.79 -24.93
N PRO B 423 -8.40 -8.28 -24.58
CA PRO B 423 -9.39 -8.61 -25.62
C PRO B 423 -9.76 -7.39 -26.47
N VAL B 424 -10.19 -7.65 -27.71
CA VAL B 424 -10.34 -6.56 -28.65
C VAL B 424 -11.51 -5.65 -28.27
N ALA B 425 -12.42 -6.11 -27.40
CA ALA B 425 -13.45 -5.21 -26.91
C ALA B 425 -12.89 -3.96 -26.26
N ARG B 426 -11.68 -4.03 -25.67
CA ARG B 426 -11.10 -2.84 -25.03
C ARG B 426 -10.60 -1.80 -26.03
N TYR B 427 -10.48 -2.13 -27.31
CA TYR B 427 -9.97 -1.14 -28.26
C TYR B 427 -11.09 -0.16 -28.58
N LEU B 428 -10.87 1.12 -28.32
CA LEU B 428 -11.88 2.16 -28.53
C LEU B 428 -11.43 3.15 -29.60
N GLY B 429 -12.39 3.55 -30.43
CA GLY B 429 -12.26 4.72 -31.26
C GLY B 429 -12.31 4.49 -32.76
N PRO B 430 -12.28 5.58 -33.53
CA PRO B 430 -12.52 5.48 -34.98
C PRO B 430 -11.33 4.96 -35.77
N LEU B 431 -10.14 4.82 -35.17
CA LEU B 431 -8.96 4.29 -35.84
C LEU B 431 -8.72 2.82 -35.57
N VAL B 432 -9.67 2.14 -34.92
CA VAL B 432 -9.52 0.71 -34.65
C VAL B 432 -9.86 -0.02 -35.93
N PRO B 433 -8.93 -0.80 -36.48
CA PRO B 433 -9.24 -1.59 -37.68
C PRO B 433 -10.05 -2.84 -37.33
N LYS B 434 -10.74 -3.35 -38.32
CA LYS B 434 -11.72 -4.40 -38.07
C LYS B 434 -11.18 -5.82 -38.23
N GLN B 435 -10.01 -6.01 -38.84
CA GLN B 435 -9.51 -7.35 -39.11
C GLN B 435 -9.17 -8.12 -37.84
N THR B 436 -9.39 -9.43 -37.89
CA THR B 436 -8.97 -10.30 -36.80
C THR B 436 -7.48 -10.59 -36.89
N LEU B 437 -6.84 -10.65 -35.73
CA LEU B 437 -5.41 -10.91 -35.61
C LEU B 437 -5.23 -12.10 -34.68
N LEU B 438 -4.54 -13.13 -35.17
CA LEU B 438 -4.31 -14.34 -34.38
C LEU B 438 -3.66 -14.02 -33.05
N TRP B 439 -2.80 -13.03 -33.03
CA TRP B 439 -2.05 -12.76 -31.81
C TRP B 439 -2.94 -12.13 -30.75
N GLN B 440 -4.10 -11.61 -31.14
CA GLN B 440 -5.12 -11.15 -30.19
C GLN B 440 -5.91 -12.28 -29.57
N ASP B 441 -5.54 -13.54 -29.83
CA ASP B 441 -6.27 -14.69 -29.33
C ASP B 441 -7.77 -14.53 -29.59
N PRO B 442 -8.18 -14.31 -30.84
CA PRO B 442 -9.52 -13.75 -31.11
C PRO B 442 -10.62 -14.71 -30.66
N VAL B 443 -11.82 -14.17 -30.68
CA VAL B 443 -12.96 -14.91 -30.19
C VAL B 443 -14.14 -14.57 -31.10
N PRO B 444 -14.98 -15.53 -31.51
CA PRO B 444 -16.07 -15.22 -32.43
C PRO B 444 -17.07 -14.22 -31.88
N ALA B 445 -17.73 -13.53 -32.80
CA ALA B 445 -18.84 -12.67 -32.42
C ALA B 445 -20.01 -13.54 -31.96
N VAL B 446 -20.84 -13.00 -31.06
CA VAL B 446 -22.08 -13.70 -30.73
C VAL B 446 -22.94 -13.76 -31.97
N SER B 447 -23.35 -14.98 -32.34
CA SER B 447 -24.09 -15.21 -33.58
C SER B 447 -25.59 -15.45 -33.37
N HIS B 448 -26.03 -15.60 -32.12
CA HIS B 448 -27.40 -16.02 -31.83
C HIS B 448 -27.90 -15.24 -30.64
N ASP B 449 -29.16 -15.49 -30.27
CA ASP B 449 -29.65 -14.98 -29.00
C ASP B 449 -28.99 -15.72 -27.85
N LEU B 450 -28.67 -14.98 -26.79
CA LEU B 450 -28.09 -15.53 -25.59
C LEU B 450 -29.17 -16.05 -24.64
N VAL B 451 -28.76 -16.97 -23.77
CA VAL B 451 -29.67 -17.59 -22.83
C VAL B 451 -30.16 -16.56 -21.81
N GLY B 452 -31.46 -16.58 -21.55
CA GLY B 452 -32.04 -15.78 -20.50
C GLY B 452 -32.13 -16.54 -19.19
N GLU B 453 -32.91 -15.98 -18.24
CA GLU B 453 -32.99 -16.58 -16.91
C GLU B 453 -33.54 -18.01 -16.96
N ALA B 454 -34.55 -18.28 -17.80
CA ALA B 454 -35.12 -19.63 -17.77
C ALA B 454 -34.14 -20.65 -18.32
N GLU B 455 -33.54 -20.32 -19.46
CA GLU B 455 -32.55 -21.23 -20.08
C GLU B 455 -31.39 -21.49 -19.13
N ILE B 456 -30.95 -20.46 -18.41
CA ILE B 456 -29.85 -20.60 -17.47
C ILE B 456 -30.26 -21.51 -16.32
N ALA B 457 -31.51 -21.38 -15.86
CA ALA B 457 -32.01 -22.26 -14.82
C ALA B 457 -32.02 -23.71 -15.31
N SER B 458 -32.65 -23.92 -16.46
CA SER B 458 -32.78 -25.27 -16.99
C SER B 458 -31.42 -25.92 -17.22
N LEU B 459 -30.47 -25.14 -17.76
CA LEU B 459 -29.16 -25.67 -18.08
C LEU B 459 -28.38 -26.01 -16.81
N LYS B 460 -28.50 -25.18 -15.78
CA LYS B 460 -27.91 -25.51 -14.49
C LYS B 460 -28.40 -26.87 -14.01
N SER B 461 -29.73 -27.11 -14.10
CA SER B 461 -30.27 -28.37 -13.64
C SER B 461 -29.84 -29.52 -14.54
N GLN B 462 -29.68 -29.26 -15.84
CA GLN B 462 -29.21 -30.32 -16.71
C GLN B 462 -27.78 -30.68 -16.37
N ILE B 463 -26.97 -29.68 -16.04
CA ILE B 463 -25.59 -29.98 -15.65
C ILE B 463 -25.58 -30.80 -14.37
N ARG B 464 -26.43 -30.44 -13.39
CA ARG B 464 -26.46 -31.19 -12.15
C ARG B 464 -26.97 -32.62 -12.35
N ALA B 465 -27.74 -32.87 -13.39
CA ALA B 465 -28.18 -34.24 -13.60
C ALA B 465 -27.17 -35.04 -14.42
N SER B 466 -26.08 -34.42 -14.86
CA SER B 466 -25.28 -35.02 -15.91
C SER B 466 -24.46 -36.21 -15.45
N GLY B 467 -24.15 -36.30 -14.15
CA GLY B 467 -23.21 -37.27 -13.65
C GLY B 467 -21.89 -36.65 -13.22
N LEU B 468 -21.55 -35.49 -13.77
CA LEU B 468 -20.37 -34.77 -13.31
C LEU B 468 -20.50 -34.42 -11.84
N THR B 469 -19.40 -34.60 -11.11
CA THR B 469 -19.36 -34.29 -9.69
C THR B 469 -19.16 -32.80 -9.45
N VAL B 470 -19.44 -32.39 -8.20
CA VAL B 470 -19.08 -31.04 -7.77
C VAL B 470 -17.59 -30.79 -8.00
N SER B 471 -16.76 -31.77 -7.63
CA SER B 471 -15.32 -31.60 -7.78
C SER B 471 -14.95 -31.38 -9.25
N GLN B 472 -15.45 -32.24 -10.15
CA GLN B 472 -15.12 -32.06 -11.56
C GLN B 472 -15.61 -30.72 -12.08
N LEU B 473 -16.82 -30.29 -11.70
CA LEU B 473 -17.39 -29.09 -12.33
C LEU B 473 -16.67 -27.82 -11.87
N VAL B 474 -16.32 -27.74 -10.59
CA VAL B 474 -15.59 -26.60 -10.07
C VAL B 474 -14.17 -26.54 -10.64
N SER B 475 -13.49 -27.70 -10.69
CA SER B 475 -12.12 -27.78 -11.21
C SER B 475 -12.05 -27.29 -12.65
N THR B 476 -12.90 -27.85 -13.51
CA THR B 476 -12.90 -27.46 -14.91
C THR B 476 -13.11 -25.95 -15.04
N ALA B 477 -14.16 -25.45 -14.38
CA ALA B 477 -14.48 -24.01 -14.47
C ALA B 477 -13.31 -23.16 -13.97
N TRP B 478 -12.76 -23.51 -12.81
CA TRP B 478 -11.60 -22.80 -12.31
C TRP B 478 -10.43 -22.89 -13.28
N ALA B 479 -10.16 -24.08 -13.83
CA ALA B 479 -9.05 -24.19 -14.77
C ALA B 479 -9.22 -23.25 -15.94
N ALA B 480 -10.43 -23.18 -16.50
CA ALA B 480 -10.64 -22.33 -17.65
C ALA B 480 -10.50 -20.86 -17.29
N ALA B 481 -11.18 -20.44 -16.23
CA ALA B 481 -11.24 -19.02 -15.91
C ALA B 481 -9.95 -18.50 -15.29
N SER B 482 -9.24 -19.32 -14.50
CA SER B 482 -8.04 -18.82 -13.83
C SER B 482 -6.84 -18.73 -14.76
N SER B 483 -7.01 -19.08 -16.04
CA SER B 483 -5.94 -18.87 -16.99
C SER B 483 -5.75 -17.39 -17.32
N PHE B 484 -6.68 -16.52 -16.91
CA PHE B 484 -6.52 -15.09 -17.13
C PHE B 484 -5.41 -14.55 -16.23
N ARG B 485 -4.63 -13.63 -16.77
CA ARG B 485 -3.68 -12.86 -15.98
C ARG B 485 -3.93 -11.40 -16.33
N GLY B 486 -3.99 -10.55 -15.29
CA GLY B 486 -4.39 -9.17 -15.44
C GLY B 486 -3.28 -8.23 -15.84
N SER B 487 -2.06 -8.78 -15.97
CA SER B 487 -0.88 -8.07 -16.43
C SER B 487 -1.14 -7.59 -17.84
N ASP B 488 -1.14 -8.50 -18.81
CA ASP B 488 -1.47 -8.15 -20.17
C ASP B 488 -2.91 -8.53 -20.54
N LYS B 489 -3.70 -8.98 -19.56
CA LYS B 489 -5.11 -9.27 -19.78
C LYS B 489 -5.31 -10.37 -20.82
N ARG B 490 -4.39 -11.32 -20.87
CA ARG B 490 -4.54 -12.48 -21.76
C ARG B 490 -5.17 -13.64 -21.00
N GLY B 491 -5.77 -14.56 -21.74
CA GLY B 491 -6.34 -15.75 -21.16
C GLY B 491 -7.72 -15.50 -20.58
N GLY B 492 -8.28 -16.56 -19.99
CA GLY B 492 -9.60 -16.52 -19.37
C GLY B 492 -10.50 -17.60 -19.90
N ALA B 493 -11.75 -17.60 -19.40
CA ALA B 493 -12.68 -18.65 -19.79
C ALA B 493 -13.33 -18.39 -21.15
N ASN B 494 -13.36 -17.15 -21.62
CA ASN B 494 -13.96 -16.91 -22.91
C ASN B 494 -13.07 -17.48 -24.03
N GLY B 495 -13.71 -17.97 -25.10
CA GLY B 495 -13.02 -18.69 -26.13
C GLY B 495 -13.13 -20.19 -26.01
N GLY B 496 -13.44 -20.71 -24.82
CA GLY B 496 -13.55 -22.15 -24.64
C GLY B 496 -12.29 -22.91 -24.97
N ARG B 497 -11.13 -22.25 -24.84
CA ARG B 497 -9.85 -22.84 -25.16
C ARG B 497 -9.40 -23.91 -24.19
N ILE B 498 -10.15 -24.19 -23.12
CA ILE B 498 -9.75 -25.29 -22.24
C ILE B 498 -9.86 -26.62 -22.96
N ARG B 499 -10.62 -26.68 -24.05
CA ARG B 499 -10.77 -27.95 -24.79
C ARG B 499 -9.84 -28.02 -25.98
N LEU B 500 -8.99 -27.03 -26.17
CA LEU B 500 -8.07 -26.98 -27.29
C LEU B 500 -6.64 -27.15 -26.79
N GLN B 501 -5.74 -27.42 -27.71
CA GLN B 501 -4.33 -27.34 -27.40
C GLN B 501 -3.95 -25.86 -27.23
N PRO B 502 -3.10 -25.54 -26.26
CA PRO B 502 -2.45 -26.42 -25.28
C PRO B 502 -3.20 -26.62 -23.96
N GLN B 503 -4.28 -25.89 -23.66
CA GLN B 503 -4.83 -25.94 -22.31
C GLN B 503 -5.31 -27.33 -21.95
N VAL B 504 -5.87 -28.07 -22.92
CA VAL B 504 -6.37 -29.39 -22.62
C VAL B 504 -5.26 -30.36 -22.21
N GLY B 505 -3.99 -30.02 -22.38
CA GLY B 505 -2.91 -30.93 -22.05
C GLY B 505 -1.96 -30.41 -20.98
N TRP B 506 -2.27 -29.24 -20.42
CA TRP B 506 -1.49 -28.70 -19.31
C TRP B 506 -1.51 -29.63 -18.10
N GLU B 507 -0.36 -29.77 -17.44
CA GLU B 507 -0.30 -30.68 -16.29
C GLU B 507 -1.31 -30.31 -15.21
N VAL B 508 -1.43 -29.02 -14.85
CA VAL B 508 -2.33 -28.58 -13.79
C VAL B 508 -3.79 -28.76 -14.08
N ASN B 509 -4.13 -28.85 -15.34
CA ASN B 509 -5.47 -29.14 -15.76
C ASN B 509 -5.73 -30.63 -15.85
N ASP B 510 -4.68 -31.39 -15.49
CA ASP B 510 -4.56 -32.87 -15.42
C ASP B 510 -5.41 -33.79 -16.28
N PRO B 511 -5.32 -33.62 -17.60
CA PRO B 511 -6.07 -34.39 -18.60
C PRO B 511 -5.96 -35.92 -18.52
N ASP B 512 -5.31 -36.49 -17.51
CA ASP B 512 -5.25 -37.95 -17.48
C ASP B 512 -6.47 -38.42 -16.70
N GLY B 513 -7.59 -38.45 -17.41
CA GLY B 513 -8.84 -38.81 -16.83
C GLY B 513 -9.87 -37.73 -17.07
N ASP B 514 -10.23 -37.02 -15.99
CA ASP B 514 -11.55 -36.42 -15.92
C ASP B 514 -11.77 -35.30 -16.93
N LEU B 515 -10.74 -34.51 -17.28
CA LEU B 515 -10.99 -33.30 -18.06
C LEU B 515 -11.71 -33.61 -19.37
N ARG B 516 -11.19 -34.56 -20.16
CA ARG B 516 -11.88 -34.90 -21.40
C ARG B 516 -13.26 -35.52 -21.14
N LYS B 517 -13.41 -36.29 -20.06
CA LYS B 517 -14.74 -36.74 -19.66
C LYS B 517 -15.66 -35.56 -19.44
N VAL B 518 -15.17 -34.53 -18.75
CA VAL B 518 -15.98 -33.36 -18.45
C VAL B 518 -16.33 -32.61 -19.74
N ILE B 519 -15.33 -32.39 -20.59
CA ILE B 519 -15.53 -31.68 -21.86
C ILE B 519 -16.60 -32.38 -22.69
N ARG B 520 -16.53 -33.70 -22.79
CA ARG B 520 -17.49 -34.42 -23.62
C ARG B 520 -18.90 -34.19 -23.11
N THR B 521 -19.09 -34.27 -21.80
CA THR B 521 -20.43 -34.13 -21.27
C THR B 521 -20.98 -32.74 -21.52
N LEU B 522 -20.18 -31.69 -21.31
CA LEU B 522 -20.71 -30.35 -21.54
C LEU B 522 -20.99 -30.10 -23.01
N GLU B 523 -20.22 -30.74 -23.91
CA GLU B 523 -20.53 -30.65 -25.34
C GLU B 523 -21.86 -31.34 -25.66
N GLU B 524 -22.05 -32.56 -25.12
CA GLU B 524 -23.32 -33.25 -25.33
C GLU B 524 -24.49 -32.41 -24.85
N ILE B 525 -24.39 -31.82 -23.65
CA ILE B 525 -25.44 -30.91 -23.17
C ILE B 525 -25.60 -29.71 -24.10
N GLN B 526 -24.49 -29.16 -24.63
CA GLN B 526 -24.61 -28.03 -25.54
C GLN B 526 -25.33 -28.42 -26.82
N GLU B 527 -24.94 -29.55 -27.40
CA GLU B 527 -25.61 -30.02 -28.60
C GLU B 527 -27.10 -30.24 -28.34
N SER B 528 -27.45 -30.96 -27.27
CA SER B 528 -28.86 -31.28 -27.06
C SER B 528 -29.68 -30.03 -26.73
N PHE B 529 -29.11 -29.08 -25.99
CA PHE B 529 -29.82 -27.81 -25.76
C PHE B 529 -29.99 -27.03 -27.06
N ASN B 530 -28.96 -26.97 -27.90
CA ASN B 530 -29.05 -26.10 -29.07
C ASN B 530 -30.01 -26.64 -30.11
N SER B 531 -30.07 -27.93 -30.21
CA SER B 531 -30.91 -28.56 -31.16
C SER B 531 -32.35 -28.56 -30.75
N ALA B 532 -32.69 -27.98 -29.64
CA ALA B 532 -34.04 -27.98 -29.20
C ALA B 532 -34.43 -26.69 -28.57
N ALA B 533 -33.60 -25.71 -28.68
CA ALA B 533 -33.86 -24.46 -28.06
C ALA B 533 -35.02 -23.67 -28.59
N PRO B 534 -35.50 -22.78 -27.75
CA PRO B 534 -36.59 -21.90 -28.23
C PRO B 534 -36.01 -20.83 -29.14
N GLY B 535 -36.81 -20.46 -30.15
CA GLY B 535 -36.42 -19.36 -31.03
C GLY B 535 -35.02 -19.56 -31.57
N ASN B 536 -34.22 -18.51 -31.53
CA ASN B 536 -32.85 -18.58 -32.00
C ASN B 536 -31.83 -18.51 -30.86
N ILE B 537 -32.23 -18.94 -29.66
CA ILE B 537 -31.30 -19.00 -28.55
C ILE B 537 -30.34 -20.17 -28.74
N LYS B 538 -29.04 -19.91 -28.58
CA LYS B 538 -28.03 -20.96 -28.59
C LYS B 538 -27.05 -20.68 -27.46
N VAL B 539 -26.37 -21.72 -27.00
CA VAL B 539 -25.39 -21.60 -25.93
C VAL B 539 -24.04 -22.14 -26.40
N SER B 540 -22.98 -21.47 -26.01
CA SER B 540 -21.61 -21.85 -26.35
C SER B 540 -21.07 -22.85 -25.35
N PHE B 541 -20.10 -23.65 -25.80
CA PHE B 541 -19.36 -24.50 -24.88
C PHE B 541 -18.68 -23.66 -23.80
N ALA B 542 -18.12 -22.53 -24.21
CA ALA B 542 -17.36 -21.69 -23.29
C ALA B 542 -18.22 -21.23 -22.13
N ASP B 543 -19.48 -20.89 -22.41
CA ASP B 543 -20.40 -20.52 -21.35
C ASP B 543 -20.76 -21.70 -20.47
N LEU B 544 -20.80 -22.92 -21.02
CA LEU B 544 -21.26 -24.04 -20.21
C LEU B 544 -20.21 -24.49 -19.20
N VAL B 545 -18.92 -24.40 -19.55
CA VAL B 545 -17.85 -24.64 -18.59
C VAL B 545 -18.05 -23.77 -17.35
N VAL B 546 -18.25 -22.46 -17.57
CA VAL B 546 -18.43 -21.57 -16.43
C VAL B 546 -19.76 -21.85 -15.75
N LEU B 547 -20.82 -22.03 -16.55
CA LEU B 547 -22.11 -22.35 -15.96
C LEU B 547 -22.00 -23.59 -15.09
N GLY B 548 -21.26 -24.60 -15.55
CA GLY B 548 -21.15 -25.84 -14.81
C GLY B 548 -20.62 -25.65 -13.40
N GLY B 549 -19.56 -24.86 -13.26
CA GLY B 549 -19.05 -24.60 -11.92
C GLY B 549 -20.02 -23.80 -11.07
N CYS B 550 -20.76 -22.89 -11.69
CA CYS B 550 -21.75 -22.13 -10.95
C CYS B 550 -22.81 -23.07 -10.39
N ALA B 551 -23.25 -24.02 -11.22
CA ALA B 551 -24.22 -25.02 -10.79
C ALA B 551 -23.66 -25.92 -9.69
N ALA B 552 -22.41 -26.33 -9.82
CA ALA B 552 -21.81 -27.14 -8.77
C ALA B 552 -21.79 -26.41 -7.44
N ILE B 553 -21.52 -25.10 -7.48
CA ILE B 553 -21.40 -24.36 -6.22
C ILE B 553 -22.77 -24.15 -5.57
N GLU B 554 -23.82 -23.98 -6.37
CA GLU B 554 -25.16 -23.92 -5.78
C GLU B 554 -25.53 -25.24 -5.12
N LYS B 555 -25.23 -26.37 -5.77
CA LYS B 555 -25.55 -27.66 -5.19
C LYS B 555 -24.82 -27.86 -3.87
N ALA B 556 -23.53 -27.51 -3.82
CA ALA B 556 -22.75 -27.70 -2.62
C ALA B 556 -23.15 -26.72 -1.53
N ALA B 557 -23.53 -25.48 -1.91
CA ALA B 557 -24.01 -24.54 -0.90
C ALA B 557 -25.29 -25.04 -0.26
N LYS B 558 -26.14 -25.69 -1.05
CA LYS B 558 -27.37 -26.27 -0.52
C LYS B 558 -27.04 -27.41 0.44
N ALA B 559 -26.10 -28.29 0.07
CA ALA B 559 -25.76 -29.39 0.97
C ALA B 559 -25.26 -28.87 2.32
N ALA B 560 -24.78 -27.63 2.38
CA ALA B 560 -24.33 -27.01 3.62
C ALA B 560 -25.39 -26.10 4.22
N GLY B 561 -26.63 -26.22 3.76
CA GLY B 561 -27.72 -25.42 4.30
C GLY B 561 -27.69 -23.98 3.88
N HIS B 562 -27.37 -23.70 2.62
CA HIS B 562 -27.58 -22.36 2.11
C HIS B 562 -28.23 -22.46 0.74
N ASN B 563 -29.19 -21.58 0.48
CA ASN B 563 -29.91 -21.53 -0.79
C ASN B 563 -29.45 -20.29 -1.55
N ILE B 564 -28.21 -20.34 -2.04
CA ILE B 564 -27.65 -19.22 -2.80
C ILE B 564 -27.82 -19.50 -4.29
N THR B 565 -27.89 -18.44 -5.08
CA THR B 565 -27.75 -18.59 -6.51
C THR B 565 -26.47 -17.88 -6.92
N VAL B 566 -25.63 -18.60 -7.64
CA VAL B 566 -24.35 -18.10 -8.14
C VAL B 566 -24.62 -17.33 -9.42
N PRO B 567 -24.26 -16.05 -9.49
CA PRO B 567 -24.53 -15.27 -10.70
C PRO B 567 -23.82 -15.87 -11.90
N PHE B 568 -24.22 -15.39 -13.08
CA PHE B 568 -23.64 -15.92 -14.29
C PHE B 568 -23.93 -14.98 -15.43
N THR B 569 -22.89 -14.62 -16.19
CA THR B 569 -23.05 -13.72 -17.32
C THR B 569 -22.78 -14.49 -18.61
N PRO B 570 -23.81 -14.81 -19.39
CA PRO B 570 -23.59 -15.50 -20.67
C PRO B 570 -22.87 -14.61 -21.67
N GLY B 571 -22.49 -15.20 -22.79
CA GLY B 571 -21.95 -14.41 -23.89
C GLY B 571 -20.52 -14.69 -24.27
N ARG B 572 -19.94 -15.73 -23.68
CA ARG B 572 -18.68 -16.25 -24.19
C ARG B 572 -18.94 -17.02 -25.48
N THR B 573 -17.94 -17.04 -26.36
CA THR B 573 -18.03 -17.81 -27.58
C THR B 573 -16.83 -18.74 -27.71
N ASP B 574 -16.91 -19.62 -28.71
CA ASP B 574 -15.99 -20.75 -28.82
C ASP B 574 -14.98 -20.42 -29.91
N ALA B 575 -13.72 -20.26 -29.52
CA ALA B 575 -12.64 -20.20 -30.49
C ALA B 575 -12.38 -21.59 -31.06
N SER B 576 -11.77 -21.60 -32.22
CA SER B 576 -11.31 -22.84 -32.84
C SER B 576 -9.80 -23.00 -32.66
N GLN B 577 -9.32 -24.22 -32.90
CA GLN B 577 -7.89 -24.45 -32.76
C GLN B 577 -7.08 -23.52 -33.66
N GLU B 578 -7.61 -23.23 -34.85
CA GLU B 578 -6.92 -22.39 -35.82
C GLU B 578 -6.81 -20.94 -35.33
N GLN B 579 -7.81 -20.47 -34.58
CA GLN B 579 -7.77 -19.15 -33.95
C GLN B 579 -7.01 -19.16 -32.63
N THR B 580 -6.40 -20.29 -32.29
CA THR B 580 -5.68 -20.46 -31.03
C THR B 580 -4.21 -20.79 -31.34
N ASP B 581 -3.33 -19.79 -31.15
CA ASP B 581 -1.89 -19.91 -31.33
C ASP B 581 -1.31 -20.74 -30.21
N VAL B 582 -1.01 -22.01 -30.51
CA VAL B 582 -0.54 -22.95 -29.50
C VAL B 582 0.67 -22.39 -28.77
N GLU B 583 1.67 -21.95 -29.53
CA GLU B 583 2.91 -21.51 -28.92
C GLU B 583 2.69 -20.28 -28.07
N SER B 584 1.97 -19.29 -28.60
CA SER B 584 1.74 -18.08 -27.82
C SER B 584 1.03 -18.39 -26.52
N PHE B 585 0.20 -19.44 -26.49
CA PHE B 585 -0.50 -19.75 -25.26
C PHE B 585 0.37 -20.41 -24.19
N ALA B 586 1.61 -20.81 -24.53
CA ALA B 586 2.42 -21.57 -23.59
C ALA B 586 2.80 -20.75 -22.36
N VAL B 587 3.00 -19.45 -22.53
CA VAL B 587 3.39 -18.63 -21.39
C VAL B 587 2.29 -18.53 -20.35
N LEU B 588 1.05 -18.89 -20.72
CA LEU B 588 -0.09 -18.85 -19.81
C LEU B 588 -0.22 -20.12 -18.98
N GLU B 589 0.57 -21.15 -19.25
CA GLU B 589 0.47 -22.38 -18.49
C GLU B 589 0.92 -22.16 -17.06
N PRO B 590 0.11 -22.51 -16.06
CA PRO B 590 0.53 -22.30 -14.67
C PRO B 590 1.58 -23.33 -14.27
N LYS B 591 2.69 -22.85 -13.77
CA LYS B 591 3.63 -23.73 -13.08
C LYS B 591 3.42 -23.72 -11.58
N ALA B 592 2.47 -22.92 -11.09
CA ALA B 592 2.04 -22.93 -9.70
C ALA B 592 0.62 -22.36 -9.63
N ASP B 593 -0.28 -23.09 -8.97
CA ASP B 593 -1.63 -22.61 -8.69
C ASP B 593 -1.99 -23.05 -7.27
N GLY B 594 -1.78 -22.14 -6.31
CA GLY B 594 -2.07 -22.45 -4.91
C GLY B 594 -3.53 -22.70 -4.67
N PHE B 595 -4.39 -22.09 -5.48
CA PHE B 595 -5.83 -22.33 -5.38
C PHE B 595 -6.20 -23.77 -5.69
N ARG B 596 -5.31 -24.53 -6.30
CA ARG B 596 -5.53 -25.94 -6.58
C ARG B 596 -4.49 -26.80 -5.90
N ASN B 597 -3.68 -26.21 -5.03
CA ASN B 597 -2.58 -26.89 -4.35
C ASN B 597 -1.66 -27.59 -5.35
N TYR B 598 -1.44 -26.94 -6.48
CA TYR B 598 -0.53 -27.44 -7.50
C TYR B 598 0.77 -26.64 -7.47
N LEU B 599 1.90 -27.35 -7.47
CA LEU B 599 3.20 -26.72 -7.54
C LEU B 599 4.11 -27.55 -8.45
N GLY B 600 4.38 -27.07 -9.66
CA GLY B 600 5.34 -27.72 -10.53
C GLY B 600 6.79 -27.46 -10.11
N LYS B 601 7.72 -27.98 -10.91
CA LYS B 601 9.12 -27.63 -10.71
C LYS B 601 9.42 -26.29 -11.38
N GLY B 602 10.42 -25.60 -10.85
CA GLY B 602 10.97 -24.47 -11.56
C GLY B 602 10.38 -23.11 -11.24
N ASN B 603 9.68 -22.98 -10.09
CA ASN B 603 9.15 -21.68 -9.70
C ASN B 603 10.25 -20.85 -9.04
N PRO B 604 10.21 -19.53 -9.18
CA PRO B 604 11.27 -18.69 -8.60
C PRO B 604 11.35 -18.74 -7.09
N LEU B 605 10.23 -18.87 -6.38
CA LEU B 605 10.19 -18.74 -4.93
C LEU B 605 9.45 -19.92 -4.32
N PRO B 606 9.43 -20.03 -2.98
CA PRO B 606 8.56 -21.02 -2.34
C PRO B 606 7.09 -20.82 -2.69
N ALA B 607 6.31 -21.85 -2.33
CA ALA B 607 4.94 -21.97 -2.80
C ALA B 607 4.05 -20.80 -2.36
N GLU B 608 4.23 -20.30 -1.14
CA GLU B 608 3.33 -19.25 -0.65
C GLU B 608 3.59 -17.93 -1.37
N TYR B 609 4.82 -17.69 -1.84
CA TYR B 609 5.07 -16.49 -2.65
C TYR B 609 4.43 -16.62 -4.02
N MET B 610 4.46 -17.84 -4.58
CA MET B 610 3.76 -18.10 -5.84
C MET B 610 2.26 -17.96 -5.66
N LEU B 611 1.72 -18.33 -4.49
CA LEU B 611 0.29 -18.17 -4.30
C LEU B 611 -0.08 -16.71 -4.44
N LEU B 612 0.65 -15.84 -3.74
CA LEU B 612 0.36 -14.42 -3.83
C LEU B 612 0.49 -13.92 -5.27
N ASP B 613 1.58 -14.32 -5.95
CA ASP B 613 1.77 -13.88 -7.31
C ASP B 613 0.60 -14.30 -8.21
N LYS B 614 0.07 -15.51 -7.98
CA LYS B 614 -1.08 -15.98 -8.74
C LYS B 614 -2.32 -15.15 -8.42
N ALA B 615 -2.54 -14.90 -7.12
CA ALA B 615 -3.61 -14.01 -6.71
C ALA B 615 -3.46 -12.63 -7.35
N ASN B 616 -2.23 -12.10 -7.34
CA ASN B 616 -2.00 -10.79 -7.94
C ASN B 616 -2.38 -10.81 -9.40
N LEU B 617 -1.98 -11.87 -10.11
CA LEU B 617 -2.23 -11.91 -11.54
C LEU B 617 -3.72 -12.06 -11.81
N LEU B 618 -4.45 -12.68 -10.89
CA LEU B 618 -5.90 -12.81 -11.02
C LEU B 618 -6.63 -11.56 -10.54
N THR B 619 -5.90 -10.55 -10.06
CA THR B 619 -6.40 -9.27 -9.57
C THR B 619 -7.14 -9.44 -8.25
N LEU B 620 -6.82 -10.46 -7.47
CA LEU B 620 -7.54 -10.73 -6.23
C LEU B 620 -6.97 -9.94 -5.05
N SER B 621 -7.86 -9.55 -4.16
CA SER B 621 -7.46 -8.98 -2.87
C SER B 621 -7.12 -10.11 -1.89
N ALA B 622 -6.38 -9.76 -0.85
CA ALA B 622 -6.10 -10.75 0.19
C ALA B 622 -7.39 -11.38 0.75
N PRO B 623 -8.43 -10.63 1.12
CA PRO B 623 -9.68 -11.31 1.52
C PRO B 623 -10.27 -12.19 0.42
N GLU B 624 -10.25 -11.73 -0.84
CA GLU B 624 -10.80 -12.56 -1.92
C GLU B 624 -9.99 -13.84 -2.11
N MET B 625 -8.66 -13.71 -2.07
CA MET B 625 -7.77 -14.85 -2.16
C MET B 625 -8.05 -15.85 -1.03
N THR B 626 -8.26 -15.36 0.19
CA THR B 626 -8.40 -16.25 1.33
C THR B 626 -9.69 -17.03 1.25
N VAL B 627 -10.74 -16.38 0.77
CA VAL B 627 -12.03 -17.02 0.73
C VAL B 627 -12.04 -18.09 -0.37
N LEU B 628 -11.30 -17.86 -1.47
CA LEU B 628 -11.29 -18.85 -2.56
C LEU B 628 -10.51 -20.11 -2.18
N VAL B 629 -9.33 -19.99 -1.57
CA VAL B 629 -8.63 -21.19 -1.11
C VAL B 629 -9.55 -22.00 -0.21
N GLY B 630 -10.12 -21.34 0.80
CA GLY B 630 -11.03 -22.02 1.70
C GLY B 630 -12.14 -22.76 0.97
N GLY B 631 -12.81 -22.05 0.04
CA GLY B 631 -13.89 -22.69 -0.70
C GLY B 631 -13.39 -23.81 -1.60
N LEU B 632 -12.35 -23.51 -2.39
CA LEU B 632 -11.86 -24.50 -3.35
C LEU B 632 -11.44 -25.79 -2.67
N ARG B 633 -10.79 -25.70 -1.49
CA ARG B 633 -10.36 -26.91 -0.79
C ARG B 633 -11.54 -27.82 -0.48
N VAL B 634 -12.52 -27.32 0.29
CA VAL B 634 -13.64 -28.18 0.67
C VAL B 634 -14.50 -28.56 -0.53
N LEU B 635 -14.44 -27.79 -1.63
CA LEU B 635 -15.21 -28.15 -2.82
C LEU B 635 -14.58 -29.27 -3.61
N GLY B 636 -13.28 -29.51 -3.44
CA GLY B 636 -12.61 -30.55 -4.16
C GLY B 636 -11.82 -30.11 -5.37
N ALA B 637 -11.44 -28.84 -5.44
CA ALA B 637 -10.76 -28.37 -6.64
C ALA B 637 -9.31 -28.79 -6.70
N ASN B 638 -8.77 -29.40 -5.63
CA ASN B 638 -7.34 -29.69 -5.55
C ASN B 638 -6.88 -30.50 -6.76
N TYR B 639 -5.76 -30.09 -7.34
CA TYR B 639 -5.10 -30.89 -8.36
C TYR B 639 -4.93 -32.32 -7.88
N LYS B 640 -5.36 -33.27 -8.72
CA LYS B 640 -5.39 -34.70 -8.42
C LYS B 640 -6.23 -35.06 -7.19
N ARG B 641 -7.09 -34.14 -6.74
CA ARG B 641 -7.98 -34.38 -5.61
C ARG B 641 -7.21 -34.84 -4.38
N LEU B 642 -6.03 -34.27 -4.18
CA LEU B 642 -5.25 -34.63 -3.01
C LEU B 642 -5.90 -34.08 -1.75
N PRO B 643 -5.65 -34.70 -0.59
CA PRO B 643 -6.26 -34.22 0.65
C PRO B 643 -5.58 -33.00 1.28
N LEU B 644 -4.49 -32.50 0.70
CA LEU B 644 -3.78 -31.38 1.34
C LEU B 644 -4.71 -30.17 1.47
N GLY B 645 -4.94 -29.76 2.70
CA GLY B 645 -5.74 -28.62 3.01
C GLY B 645 -7.22 -28.88 3.05
N VAL B 646 -7.65 -30.13 2.86
CA VAL B 646 -9.08 -30.42 2.75
C VAL B 646 -9.59 -30.61 4.17
N PHE B 647 -9.58 -29.53 4.93
CA PHE B 647 -9.84 -29.60 6.38
C PHE B 647 -11.35 -29.64 6.62
N THR B 648 -11.96 -30.75 6.20
CA THR B 648 -13.40 -30.95 6.38
C THR B 648 -13.72 -32.43 6.34
N GLU B 649 -14.85 -32.79 6.96
CA GLU B 649 -15.39 -34.14 6.91
C GLU B 649 -16.52 -34.29 5.91
N ALA B 650 -16.97 -33.20 5.32
CA ALA B 650 -18.14 -33.20 4.47
C ALA B 650 -17.73 -33.24 3.02
N SER B 651 -18.38 -34.07 2.23
CA SER B 651 -18.13 -34.14 0.79
C SER B 651 -18.98 -33.11 0.05
N GLU B 652 -18.39 -32.44 -0.93
CA GLU B 652 -19.14 -31.57 -1.84
C GLU B 652 -19.97 -30.53 -1.09
N SER B 653 -19.42 -30.00 -0.01
CA SER B 653 -20.19 -29.11 0.83
C SER B 653 -19.43 -27.80 1.00
N LEU B 654 -20.13 -26.69 0.75
CA LEU B 654 -19.54 -25.35 0.85
C LEU B 654 -19.74 -24.81 2.27
N THR B 655 -18.88 -25.26 3.17
CA THR B 655 -18.78 -24.76 4.53
C THR B 655 -17.51 -23.92 4.69
N ASN B 656 -17.32 -23.38 5.89
CA ASN B 656 -16.10 -22.67 6.24
C ASN B 656 -15.15 -23.55 7.05
N ASP B 657 -15.26 -24.88 6.89
CA ASP B 657 -14.49 -25.83 7.71
C ASP B 657 -12.99 -25.62 7.58
N PHE B 658 -12.53 -25.11 6.43
CA PHE B 658 -11.10 -24.89 6.26
C PHE B 658 -10.56 -23.91 7.30
N PHE B 659 -11.29 -22.83 7.56
CA PHE B 659 -10.82 -21.81 8.49
C PHE B 659 -11.00 -22.23 9.94
N VAL B 660 -12.14 -22.85 10.26
CA VAL B 660 -12.38 -23.36 11.60
C VAL B 660 -11.25 -24.31 12.02
N ASN B 661 -10.96 -25.30 11.17
CA ASN B 661 -9.92 -26.29 11.52
C ASN B 661 -8.52 -25.68 11.51
N LEU B 662 -8.24 -24.81 10.55
CA LEU B 662 -6.95 -24.13 10.52
C LEU B 662 -6.64 -23.48 11.88
N LEU B 663 -7.67 -22.96 12.53
CA LEU B 663 -7.50 -22.23 13.78
C LEU B 663 -7.59 -23.11 15.01
N ASP B 664 -7.70 -24.42 14.82
CA ASP B 664 -7.93 -25.39 15.90
C ASP B 664 -6.63 -25.66 16.65
N MET B 665 -6.52 -25.13 17.86
CA MET B 665 -5.30 -25.35 18.63
C MET B 665 -5.13 -26.79 19.10
N GLY B 666 -6.17 -27.63 19.00
CA GLY B 666 -6.03 -29.06 19.28
C GLY B 666 -5.22 -29.84 18.25
N ILE B 667 -4.94 -29.26 17.09
CA ILE B 667 -4.12 -29.90 16.09
C ILE B 667 -2.68 -29.41 16.25
N THR B 668 -1.73 -30.33 16.18
CA THR B 668 -0.30 -30.02 16.26
C THR B 668 0.35 -30.30 14.92
N TRP B 669 1.09 -29.33 14.40
CA TRP B 669 1.56 -29.35 13.02
C TRP B 669 3.05 -29.63 12.98
N GLU B 670 3.45 -30.67 12.27
CA GLU B 670 4.87 -30.87 12.04
C GLU B 670 5.13 -31.14 10.56
N PRO B 671 6.30 -30.74 10.08
CA PRO B 671 6.67 -31.12 8.71
C PRO B 671 6.63 -32.64 8.58
N SER B 672 6.12 -33.11 7.45
CA SER B 672 6.04 -34.54 7.21
C SER B 672 7.46 -35.15 7.24
N PRO B 673 7.61 -36.37 7.75
CA PRO B 673 8.97 -36.94 7.79
C PRO B 673 9.55 -37.17 6.41
N ALA B 674 8.69 -37.49 5.42
CA ALA B 674 9.15 -37.73 4.05
C ALA B 674 9.73 -36.51 3.37
N ASP B 675 9.86 -35.37 4.04
CA ASP B 675 10.39 -34.13 3.48
C ASP B 675 9.87 -33.89 2.06
N ASP B 676 8.55 -33.79 1.94
CA ASP B 676 7.90 -33.69 0.63
C ASP B 676 7.11 -32.40 0.47
N GLY B 677 7.45 -31.37 1.24
CA GLY B 677 6.69 -30.13 1.22
C GLY B 677 5.29 -30.21 1.80
N THR B 678 4.95 -31.30 2.48
CA THR B 678 3.67 -31.41 3.17
C THR B 678 3.89 -31.39 4.67
N TYR B 679 2.78 -31.34 5.40
CA TYR B 679 2.78 -31.23 6.85
C TYR B 679 1.73 -32.17 7.40
N GLN B 680 1.95 -32.63 8.62
CA GLN B 680 0.99 -33.48 9.31
C GLN B 680 0.43 -32.75 10.52
N GLY B 681 -0.90 -32.73 10.61
CA GLY B 681 -1.60 -32.22 11.76
C GLY B 681 -2.18 -33.34 12.62
N LYS B 682 -1.65 -33.46 13.84
CA LYS B 682 -2.06 -34.50 14.78
C LYS B 682 -2.95 -33.90 15.86
N ASP B 683 -3.91 -34.69 16.34
CA ASP B 683 -4.76 -34.30 17.45
C ASP B 683 -4.20 -34.84 18.75
N GLY B 684 -5.05 -34.98 19.78
CA GLY B 684 -4.56 -35.36 21.10
C GLY B 684 -4.09 -36.81 21.17
N SER B 685 -4.76 -37.72 20.46
CA SER B 685 -4.34 -39.11 20.48
C SER B 685 -2.98 -39.32 19.84
N GLY B 686 -2.44 -38.29 19.16
CA GLY B 686 -1.22 -38.44 18.39
C GLY B 686 -1.44 -39.02 17.01
N LYS B 687 -2.70 -39.07 16.55
CA LYS B 687 -3.08 -39.62 15.27
C LYS B 687 -3.12 -38.50 14.23
N VAL B 688 -2.70 -38.82 13.01
CA VAL B 688 -2.65 -37.84 11.93
C VAL B 688 -4.08 -37.58 11.46
N LYS B 689 -4.60 -36.37 11.71
CA LYS B 689 -5.97 -36.01 11.33
C LYS B 689 -6.05 -35.22 10.04
N TRP B 690 -5.15 -34.26 9.80
CA TRP B 690 -5.12 -33.50 8.55
C TRP B 690 -3.71 -33.50 7.97
N THR B 691 -3.64 -33.17 6.67
CA THR B 691 -2.38 -32.96 5.95
C THR B 691 -2.48 -31.64 5.20
N GLY B 692 -1.33 -31.02 4.96
CA GLY B 692 -1.37 -29.73 4.31
C GLY B 692 -0.03 -29.33 3.73
N SER B 693 -0.08 -28.35 2.85
CA SER B 693 1.07 -27.81 2.15
C SER B 693 1.46 -26.47 2.73
N ARG B 694 2.57 -25.95 2.23
CA ARG B 694 2.97 -24.60 2.63
C ARG B 694 1.89 -23.59 2.30
N VAL B 695 1.12 -23.84 1.23
CA VAL B 695 0.07 -22.89 0.85
C VAL B 695 -1.07 -22.95 1.85
N ASP B 696 -1.42 -24.14 2.32
CA ASP B 696 -2.47 -24.27 3.33
C ASP B 696 -2.04 -23.64 4.65
N LEU B 697 -0.87 -24.03 5.13
CA LEU B 697 -0.45 -23.63 6.46
C LEU B 697 -0.08 -22.15 6.55
N VAL B 698 0.18 -21.49 5.40
CA VAL B 698 0.54 -20.08 5.47
C VAL B 698 -0.65 -19.23 5.87
N PHE B 699 -1.87 -19.74 5.74
CA PHE B 699 -3.04 -19.00 6.23
C PHE B 699 -3.18 -19.07 7.74
N GLY B 700 -2.63 -20.09 8.38
CA GLY B 700 -2.59 -20.14 9.82
C GLY B 700 -1.35 -19.57 10.43
N SER B 701 -0.35 -19.24 9.61
CA SER B 701 0.95 -18.83 10.12
C SER B 701 1.22 -17.34 9.91
N ASN B 702 0.95 -16.82 8.72
CA ASN B 702 1.16 -15.41 8.46
C ASN B 702 0.19 -14.60 9.32
N SER B 703 0.69 -13.56 9.97
CA SER B 703 -0.17 -12.84 10.91
C SER B 703 -1.23 -12.01 10.20
N GLU B 704 -0.95 -11.47 9.03
CA GLU B 704 -2.02 -10.79 8.30
C GLU B 704 -3.04 -11.78 7.76
N LEU B 705 -2.59 -12.90 7.20
CA LEU B 705 -3.54 -13.87 6.64
C LEU B 705 -4.35 -14.54 7.75
N ARG B 706 -3.72 -14.86 8.88
CA ARG B 706 -4.47 -15.49 9.96
C ARG B 706 -5.57 -14.57 10.45
N ALA B 707 -5.32 -13.26 10.45
CA ALA B 707 -6.37 -12.29 10.77
C ALA B 707 -7.59 -12.51 9.87
N LEU B 708 -7.36 -12.67 8.58
CA LEU B 708 -8.47 -12.90 7.66
C LEU B 708 -9.12 -14.26 7.92
N VAL B 709 -8.32 -15.28 8.26
CA VAL B 709 -8.89 -16.59 8.52
C VAL B 709 -9.81 -16.53 9.74
N GLU B 710 -9.47 -15.68 10.71
CA GLU B 710 -10.26 -15.59 11.93
C GLU B 710 -11.63 -14.98 11.68
N VAL B 711 -11.76 -14.17 10.62
CA VAL B 711 -13.06 -13.63 10.24
C VAL B 711 -13.97 -14.74 9.75
N TYR B 712 -13.47 -15.53 8.79
CA TYR B 712 -14.27 -16.56 8.13
C TYR B 712 -14.36 -17.86 8.92
N GLY B 713 -13.62 -17.99 10.02
CA GLY B 713 -13.74 -19.12 10.91
C GLY B 713 -14.55 -18.89 12.17
N ALA B 714 -15.14 -17.72 12.35
CA ALA B 714 -15.96 -17.46 13.53
C ALA B 714 -17.26 -18.27 13.47
N ASP B 715 -17.94 -18.37 14.62
CA ASP B 715 -19.21 -19.09 14.67
C ASP B 715 -20.28 -18.43 13.79
N ASP B 716 -20.32 -17.09 13.74
CA ASP B 716 -21.30 -16.34 12.96
C ASP B 716 -20.90 -16.14 11.51
N ALA B 717 -19.74 -16.69 11.09
CA ALA B 717 -19.16 -16.32 9.80
C ALA B 717 -19.70 -17.10 8.62
N GLN B 718 -20.53 -18.15 8.82
CA GLN B 718 -20.65 -19.06 7.69
C GLN B 718 -21.45 -18.47 6.53
N PRO B 719 -22.55 -17.75 6.78
CA PRO B 719 -23.22 -17.09 5.63
C PRO B 719 -22.35 -16.03 4.98
N LYS B 720 -21.59 -15.25 5.75
CA LYS B 720 -20.69 -14.28 5.12
C LYS B 720 -19.66 -15.00 4.25
N PHE B 721 -19.22 -16.18 4.68
CA PHE B 721 -18.23 -16.88 3.89
C PHE B 721 -18.79 -17.28 2.54
N VAL B 722 -19.98 -17.89 2.54
CA VAL B 722 -20.61 -18.29 1.28
C VAL B 722 -20.78 -17.09 0.37
N GLN B 723 -21.22 -15.97 0.92
CA GLN B 723 -21.49 -14.79 0.12
C GLN B 723 -20.22 -14.24 -0.52
N ASP B 724 -19.14 -14.10 0.25
CA ASP B 724 -17.93 -13.55 -0.34
C ASP B 724 -17.25 -14.54 -1.28
N PHE B 725 -17.32 -15.83 -0.97
CA PHE B 725 -16.73 -16.81 -1.86
C PHE B 725 -17.41 -16.78 -3.21
N VAL B 726 -18.75 -16.69 -3.20
CA VAL B 726 -19.51 -16.59 -4.45
C VAL B 726 -19.15 -15.31 -5.20
N ALA B 727 -19.04 -14.20 -4.49
CA ALA B 727 -18.64 -12.95 -5.14
C ALA B 727 -17.26 -13.09 -5.78
N ALA B 728 -16.29 -13.65 -5.05
CA ALA B 728 -14.95 -13.79 -5.61
C ALA B 728 -14.92 -14.79 -6.77
N TRP B 729 -15.68 -15.88 -6.64
CA TRP B 729 -15.77 -16.82 -7.74
C TRP B 729 -16.32 -16.15 -8.98
N ASP B 730 -17.29 -15.27 -8.78
CA ASP B 730 -17.91 -14.58 -9.89
C ASP B 730 -16.91 -13.63 -10.52
N LYS B 731 -16.15 -12.93 -9.68
CA LYS B 731 -15.11 -12.05 -10.18
C LYS B 731 -14.14 -12.82 -11.07
N VAL B 732 -13.79 -14.04 -10.68
CA VAL B 732 -12.77 -14.75 -11.43
C VAL B 732 -13.31 -15.22 -12.78
N MET B 733 -14.56 -15.72 -12.79
CA MET B 733 -15.20 -16.10 -14.04
C MET B 733 -15.36 -14.93 -14.99
N ASN B 734 -15.47 -13.72 -14.49
CA ASN B 734 -15.73 -12.59 -15.37
C ASN B 734 -14.48 -11.78 -15.68
N LEU B 735 -13.30 -12.18 -15.19
CA LEU B 735 -12.06 -11.41 -15.37
C LEU B 735 -11.86 -10.92 -16.81
N ASP B 736 -11.98 -11.81 -17.81
CA ASP B 736 -11.70 -11.47 -19.19
C ASP B 736 -12.89 -10.83 -19.94
N ARG B 737 -13.99 -10.54 -19.25
CA ARG B 737 -15.27 -10.29 -19.92
C ARG B 737 -15.49 -8.79 -20.18
N PHE B 738 -14.52 -8.21 -20.89
CA PHE B 738 -14.64 -6.82 -21.34
C PHE B 738 -15.74 -6.60 -22.39
N ASP B 739 -16.29 -7.66 -22.98
CA ASP B 739 -17.40 -7.51 -23.91
C ASP B 739 -18.69 -7.00 -23.25
N VAL B 740 -18.79 -7.05 -21.93
CA VAL B 740 -19.96 -6.53 -21.21
C VAL B 740 -19.59 -5.37 -20.32
N ARG B 741 -18.37 -4.86 -20.42
CA ARG B 741 -17.90 -3.86 -19.45
C ARG B 741 -17.57 -2.57 -20.18
#